data_5K9K
#
_entry.id   5K9K
#
_cell.length_a   123.897
_cell.length_b   136.559
_cell.length_c   311.327
_cell.angle_alpha   90.00
_cell.angle_beta   90.00
_cell.angle_gamma   90.00
#
_symmetry.space_group_name_H-M   'C 2 2 21'
#
loop_
_entity.id
_entity.type
_entity.pdbx_description
1 polymer '56.a.09 Heavy chain'
2 polymer '56.a.09 Light chain'
3 polymer Hemagglutinin
4 branched alpha-D-mannopyranose-(1-3)-[alpha-D-mannopyranose-(1-6)]beta-D-mannopyranose-(1-4)-2-acetamido-2-deoxy-beta-D-glucopyranose-(1-4)-2-acetamido-2-deoxy-beta-D-glucopyranose
5 branched beta-D-mannopyranose-(1-4)-2-acetamido-2-deoxy-beta-D-glucopyranose-(1-4)-2-acetamido-2-deoxy-beta-D-glucopyranose
6 branched 2-acetamido-2-deoxy-beta-D-glucopyranose-(1-4)-2-acetamido-2-deoxy-beta-D-glucopyranose
7 branched alpha-D-mannopyranose-(1-4)-alpha-D-mannopyranose-(1-6)-beta-D-mannopyranose-(1-4)-2-acetamido-2-deoxy-beta-D-glucopyranose-(1-4)-2-acetamido-2-deoxy-beta-D-glucopyranose
8 branched alpha-D-mannopyranose-(1-4)-alpha-D-mannopyranose-(1-6)-[alpha-D-mannopyranose-(1-3)]beta-D-mannopyranose-(1-4)-2-acetamido-2-deoxy-beta-D-glucopyranose-(1-4)-2-acetamido-2-deoxy-beta-D-glucopyranose
9 branched alpha-D-mannopyranose-(1-6)-alpha-D-mannopyranose-(1-6)-beta-D-mannopyranose-(1-4)-2-acetamido-2-deoxy-beta-D-glucopyranose-(1-4)-2-acetamido-2-deoxy-beta-D-glucopyranose
10 non-polymer 2-acetamido-2-deoxy-beta-D-glucopyranose
#
loop_
_entity_poly.entity_id
_entity_poly.type
_entity_poly.pdbx_seq_one_letter_code
_entity_poly.pdbx_strand_id
1 'polypeptide(L)'
;QVQLQQSGPGLVKPSQTLSLTCVISGDTVSSNRAAWNWIRQSPSRGLEWLGRTYYRSKWYTDYAVSVKSRITITPDTSKN
QFSLQMKSVTPEDTAVYYCARGSAMIFGIVIILESWGQGTLVTVSSASTKGPSVFPLAPSSKSTSGGTAALGCLVKDYFP
EPVTVSWNSGALTSGVHTFPAVLQSSGLYSLSSVVTVPSSSLGTQTYICNVNHKPSNTKVDKKVEPKSC
;
A,H
2 'polypeptide(L)'
;EIVLTQSPGTLSLSPGERATLSCRASQSVASSYLAWYQQKPGQAPRLLIYGASSRATGVPDRFSGSGSGTDFILTISRLE
PEDFAVYYCQQYDGSQYTFGQGTKLEIKRTVAAPSVFIFPPSDEQLKSGTASVVCLLNNFYPREAKVQWKVDNALQSGNS
QESVTEQDSKDSTYSLSSTLTLSKADYEKHKVYACEVTHQGLSSPVTKSFNRGEC
;
B,L
3 'polypeptide(L)'
;QDLPGNDNSTATLCLGHHAVPNGTLVKTITDDQIEVTNATELVQSSSTGKICNNPHRILDGIDCTLIDALLGDPHCDVFQ
NETWDLFVERSKAFSNCYPYDVPDYASLRSLVASSGTLEFITEGFTWTGVTQNGGSNACKRGPGSGFFSRLNWLTKSGST
YPVLNVTMPNNDNFDKLYIWGVHHPSTNQEQTSLYVQASGRVTVSTRRSQQTIIPNIESRPWVRGLSSRISIYWTIVKPG
DVLVINSNGNLIAPRGYFKMRTGKSSIMRSDAPIDTCISECITPNGSIPNDKPFQNVNKITYGACPKYVKQNTLKLATGM
RNVPEKQTRGLFGAIAGFIENGWEGMIDGWYGFRHQNSEGTGQAADLKSTQAAIDQINGKLNRVIEKTNEKFHQIEKEFS
EVEGRIQDLEKYVEDTKIDLWSYNAELLVALENQHTIDLTDSEMNKLFEKTRRQLRENAEDMGNGCFKIYHKCDNACIES
IRNGTYDHDVYRDEALNNRFQIK
;
I,F
#
# COMPACT_ATOMS: atom_id res chain seq x y z
N GLN A 1 -25.98 -25.75 4.80
CA GLN A 1 -25.48 -27.10 4.57
C GLN A 1 -26.28 -27.80 3.48
N VAL A 2 -26.40 -27.12 2.33
CA VAL A 2 -27.16 -27.67 1.21
C VAL A 2 -26.44 -28.90 0.65
N GLN A 3 -27.22 -29.81 0.08
CA GLN A 3 -26.68 -30.99 -0.59
C GLN A 3 -27.27 -31.04 -2.00
N LEU A 4 -26.41 -30.94 -3.00
CA LEU A 4 -26.80 -31.01 -4.40
C LEU A 4 -26.45 -32.38 -4.95
N GLN A 5 -27.43 -33.04 -5.56
CA GLN A 5 -27.24 -34.37 -6.15
C GLN A 5 -27.71 -34.32 -7.60
N GLN A 6 -26.81 -34.69 -8.51
CA GLN A 6 -27.08 -34.61 -9.93
C GLN A 6 -27.47 -35.97 -10.49
N SER A 7 -27.81 -36.00 -11.76
CA SER A 7 -28.33 -37.21 -12.41
C SER A 7 -27.18 -38.17 -12.70
N GLY A 8 -27.46 -39.20 -13.50
CA GLY A 8 -26.52 -40.27 -13.74
C GLY A 8 -25.56 -39.99 -14.87
N PRO A 9 -24.32 -40.44 -14.71
CA PRO A 9 -23.33 -40.29 -15.79
C PRO A 9 -23.70 -41.17 -16.97
N GLY A 10 -23.88 -40.56 -18.14
CA GLY A 10 -24.36 -41.32 -19.27
C GLY A 10 -23.75 -40.94 -20.61
N LEU A 11 -24.41 -41.37 -21.68
CA LEU A 11 -23.96 -41.16 -23.04
C LEU A 11 -25.09 -40.55 -23.83
N VAL A 12 -24.79 -39.52 -24.62
CA VAL A 12 -25.76 -38.85 -25.48
C VAL A 12 -25.16 -38.73 -26.87
N LYS A 13 -25.88 -39.21 -27.86
CA LYS A 13 -25.38 -39.25 -29.22
C LYS A 13 -25.22 -37.87 -29.82
N PRO A 14 -24.39 -37.78 -30.85
CA PRO A 14 -24.12 -36.51 -31.48
C PRO A 14 -25.34 -35.87 -32.09
N SER A 15 -25.43 -34.55 -31.94
CA SER A 15 -26.49 -33.68 -32.41
C SER A 15 -27.82 -33.83 -31.69
N GLN A 16 -27.77 -34.45 -30.52
CA GLN A 16 -28.92 -34.65 -29.67
C GLN A 16 -29.00 -33.54 -28.67
N THR A 17 -29.77 -33.78 -27.63
CA THR A 17 -29.91 -32.80 -26.61
C THR A 17 -29.45 -33.31 -25.26
N LEU A 18 -28.51 -32.59 -24.65
CA LEU A 18 -28.04 -32.91 -23.31
C LEU A 18 -29.06 -32.45 -22.29
N SER A 19 -29.24 -33.24 -21.23
CA SER A 19 -30.27 -32.95 -20.24
C SER A 19 -29.86 -33.54 -18.90
N LEU A 20 -29.58 -32.65 -17.94
CA LEU A 20 -29.20 -33.06 -16.59
C LEU A 20 -30.13 -32.37 -15.59
N THR A 21 -30.10 -32.85 -14.35
CA THR A 21 -30.91 -32.28 -13.28
C THR A 21 -30.11 -32.25 -12.00
N CYS A 22 -30.42 -31.27 -11.15
CA CYS A 22 -29.74 -31.10 -9.87
C CYS A 22 -30.79 -31.01 -8.78
N VAL A 23 -30.89 -32.06 -7.96
CA VAL A 23 -31.91 -32.14 -6.91
C VAL A 23 -31.35 -31.56 -5.64
N ILE A 24 -31.90 -30.42 -5.20
CA ILE A 24 -31.38 -29.69 -4.06
C ILE A 24 -31.96 -30.26 -2.78
N SER A 25 -31.12 -30.39 -1.76
CA SER A 25 -31.53 -30.86 -0.44
C SER A 25 -30.92 -29.95 0.60
N GLY A 26 -31.75 -29.39 1.47
CA GLY A 26 -31.29 -28.45 2.46
C GLY A 26 -31.46 -26.99 2.10
N ASP A 27 -32.19 -26.68 1.03
CA ASP A 27 -32.45 -25.31 0.63
C ASP A 27 -33.53 -25.32 -0.43
N THR A 28 -34.11 -24.15 -0.67
CA THR A 28 -35.14 -23.98 -1.69
C THR A 28 -34.56 -23.36 -2.95
N VAL A 29 -35.12 -23.74 -4.09
CA VAL A 29 -34.67 -23.15 -5.35
C VAL A 29 -35.08 -21.68 -5.42
N SER A 30 -36.22 -21.32 -4.84
CA SER A 30 -36.71 -19.96 -4.81
C SER A 30 -36.11 -19.13 -3.68
N SER A 31 -34.90 -19.46 -3.24
CA SER A 31 -34.29 -18.76 -2.12
C SER A 31 -33.89 -17.35 -2.55
N ASN A 32 -34.23 -16.37 -1.72
CA ASN A 32 -33.84 -14.98 -1.94
C ASN A 32 -32.39 -14.73 -1.56
N ARG A 33 -31.62 -15.77 -1.25
CA ARG A 33 -30.23 -15.63 -0.84
C ARG A 33 -29.28 -16.51 -1.63
N ALA A 34 -29.74 -17.12 -2.72
CA ALA A 34 -28.93 -18.09 -3.46
C ALA A 34 -29.19 -17.99 -4.95
N ALA A 35 -28.20 -18.41 -5.72
CA ALA A 35 -28.29 -18.52 -7.17
C ALA A 35 -27.65 -19.84 -7.59
N TRP A 36 -28.24 -20.48 -8.59
CA TRP A 36 -27.89 -21.83 -8.96
C TRP A 36 -27.20 -21.84 -10.32
N ASN A 37 -25.94 -22.25 -10.33
CA ASN A 37 -25.09 -22.19 -11.51
C ASN A 37 -24.82 -23.59 -12.05
N TRP A 38 -24.50 -23.63 -13.35
CA TRP A 38 -24.02 -24.83 -14.02
C TRP A 38 -22.62 -24.55 -14.55
N ILE A 39 -21.68 -25.44 -14.26
CA ILE A 39 -20.29 -25.31 -14.70
C ILE A 39 -19.83 -26.64 -15.26
N ARG A 40 -19.11 -26.62 -16.36
CA ARG A 40 -18.56 -27.82 -16.95
C ARG A 40 -17.03 -27.73 -17.00
N GLN A 41 -16.39 -28.89 -17.01
CA GLN A 41 -14.93 -28.96 -16.99
C GLN A 41 -14.46 -30.08 -17.90
N SER A 42 -13.55 -29.76 -18.81
CA SER A 42 -12.98 -30.72 -19.74
C SER A 42 -11.51 -30.39 -19.94
N PRO A 43 -10.71 -31.37 -20.37
CA PRO A 43 -9.28 -31.07 -20.60
C PRO A 43 -9.03 -30.02 -21.66
N SER A 44 -9.87 -29.94 -22.69
CA SER A 44 -9.64 -28.99 -23.78
C SER A 44 -10.09 -27.58 -23.41
N ARG A 45 -11.28 -27.45 -22.83
CA ARG A 45 -11.84 -26.14 -22.53
C ARG A 45 -11.52 -25.65 -21.12
N GLY A 46 -11.25 -26.55 -20.19
CA GLY A 46 -11.01 -26.15 -18.82
C GLY A 46 -12.33 -25.97 -18.08
N LEU A 47 -12.27 -25.20 -16.99
CA LEU A 47 -13.47 -24.87 -16.25
C LEU A 47 -14.24 -23.77 -17.00
N GLU A 48 -15.49 -24.05 -17.36
CA GLU A 48 -16.30 -23.13 -18.15
C GLU A 48 -17.65 -22.96 -17.50
N TRP A 49 -17.97 -21.73 -17.08
CA TRP A 49 -19.29 -21.43 -16.55
C TRP A 49 -20.30 -21.36 -17.68
N LEU A 50 -21.42 -22.06 -17.52
CA LEU A 50 -22.44 -22.17 -18.57
C LEU A 50 -23.61 -21.23 -18.38
N GLY A 51 -24.13 -21.11 -17.16
CA GLY A 51 -25.27 -20.24 -16.90
C GLY A 51 -25.70 -20.34 -15.45
N ARG A 52 -26.75 -19.59 -15.12
CA ARG A 52 -27.27 -19.59 -13.75
C ARG A 52 -28.73 -19.15 -13.76
N THR A 53 -29.36 -19.28 -12.60
CA THR A 53 -30.76 -18.94 -12.43
C THR A 53 -31.01 -18.60 -10.97
N TYR A 54 -31.73 -17.52 -10.71
CA TYR A 54 -32.05 -17.12 -9.35
C TYR A 54 -33.41 -16.46 -9.31
N TYR A 55 -34.03 -16.47 -8.13
CA TYR A 55 -35.38 -15.97 -7.93
C TYR A 55 -35.34 -14.77 -7.00
N ARG A 56 -35.75 -13.60 -7.51
CA ARG A 56 -35.87 -12.38 -6.73
C ARG A 56 -37.23 -11.76 -7.06
N SER A 57 -38.30 -12.38 -6.54
CA SER A 57 -39.68 -12.11 -6.90
C SER A 57 -39.96 -12.28 -8.39
N LYS A 58 -39.09 -12.97 -9.11
CA LYS A 58 -39.10 -13.17 -10.56
C LYS A 58 -37.91 -14.05 -10.89
N TRP A 59 -38.07 -14.85 -11.93
CA TRP A 59 -37.04 -15.81 -12.34
C TRP A 59 -36.11 -15.16 -13.36
N TYR A 60 -34.85 -14.98 -12.97
CA TYR A 60 -33.80 -14.42 -13.82
C TYR A 60 -32.86 -15.54 -14.24
N THR A 61 -32.42 -15.50 -15.49
CA THR A 61 -31.47 -16.48 -16.00
C THR A 61 -30.39 -15.76 -16.81
N ASP A 62 -29.13 -16.12 -16.55
CA ASP A 62 -27.99 -15.56 -17.27
C ASP A 62 -27.22 -16.70 -17.94
N TYR A 63 -26.71 -16.44 -19.14
CA TYR A 63 -26.00 -17.45 -19.91
C TYR A 63 -24.69 -16.89 -20.44
N ALA A 64 -23.69 -17.76 -20.57
CA ALA A 64 -22.44 -17.37 -21.21
C ALA A 64 -22.67 -17.20 -22.71
N VAL A 65 -21.81 -16.39 -23.34
CA VAL A 65 -22.02 -16.06 -24.74
C VAL A 65 -21.72 -17.26 -25.63
N SER A 66 -20.70 -18.04 -25.28
CA SER A 66 -20.28 -19.15 -26.13
C SER A 66 -21.35 -20.23 -26.26
N VAL A 67 -22.25 -20.29 -25.29
CA VAL A 67 -23.27 -21.32 -25.27
C VAL A 67 -24.69 -20.76 -25.26
N LYS A 68 -24.85 -19.48 -25.52
CA LYS A 68 -26.13 -18.83 -25.31
C LYS A 68 -27.24 -19.41 -26.15
N SER A 69 -26.93 -19.71 -27.40
CA SER A 69 -27.91 -20.19 -28.34
C SER A 69 -28.56 -21.52 -28.03
N ARG A 70 -27.78 -22.49 -27.57
CA ARG A 70 -28.28 -23.85 -27.44
C ARG A 70 -28.61 -24.32 -26.04
N ILE A 71 -28.66 -23.40 -25.09
CA ILE A 71 -28.86 -23.77 -23.69
C ILE A 71 -30.11 -23.16 -23.10
N THR A 72 -30.73 -23.91 -22.22
CA THR A 72 -31.88 -23.43 -21.44
C THR A 72 -31.82 -24.04 -20.05
N ILE A 73 -31.71 -23.20 -19.03
CA ILE A 73 -31.74 -23.64 -17.63
C ILE A 73 -33.11 -23.31 -17.07
N THR A 74 -33.84 -24.34 -16.63
CA THR A 74 -35.19 -24.18 -16.13
C THR A 74 -35.29 -24.67 -14.69
N PRO A 75 -35.81 -23.86 -13.78
CA PRO A 75 -36.02 -24.32 -12.40
C PRO A 75 -37.39 -24.94 -12.20
N ASP A 76 -37.44 -25.98 -11.37
CA ASP A 76 -38.68 -26.68 -11.03
C ASP A 76 -38.90 -26.54 -9.53
N THR A 77 -39.94 -25.79 -9.16
CA THR A 77 -40.18 -25.57 -7.73
C THR A 77 -40.78 -26.80 -7.07
N SER A 78 -41.66 -27.52 -7.79
CA SER A 78 -42.41 -28.59 -7.17
C SER A 78 -41.50 -29.72 -6.70
N LYS A 79 -40.47 -30.03 -7.46
CA LYS A 79 -39.49 -31.04 -7.06
C LYS A 79 -38.24 -30.43 -6.44
N ASN A 80 -38.19 -29.11 -6.29
CA ASN A 80 -37.05 -28.40 -5.71
C ASN A 80 -35.74 -28.78 -6.41
N GLN A 81 -35.74 -28.66 -7.73
CA GLN A 81 -34.57 -28.94 -8.55
C GLN A 81 -34.49 -27.93 -9.68
N PHE A 82 -33.38 -27.95 -10.40
CA PHE A 82 -33.22 -27.13 -11.59
C PHE A 82 -32.38 -27.89 -12.60
N SER A 83 -32.79 -27.83 -13.86
CA SER A 83 -32.21 -28.68 -14.90
C SER A 83 -31.43 -27.85 -15.90
N LEU A 84 -30.62 -28.54 -16.70
CA LEU A 84 -29.83 -27.94 -17.76
C LEU A 84 -30.08 -28.70 -19.05
N GLN A 85 -30.38 -27.96 -20.12
CA GLN A 85 -30.55 -28.52 -21.45
C GLN A 85 -29.57 -27.87 -22.40
N MET A 86 -28.92 -28.68 -23.23
CA MET A 86 -27.97 -28.17 -24.19
C MET A 86 -28.27 -28.88 -25.48
N LYS A 87 -28.36 -28.16 -26.59
CA LYS A 87 -28.88 -28.74 -27.81
C LYS A 87 -27.89 -28.81 -28.95
N SER A 88 -28.12 -29.74 -29.85
CA SER A 88 -27.24 -29.92 -30.98
C SER A 88 -25.83 -30.16 -30.52
N VAL A 89 -25.68 -31.05 -29.56
CA VAL A 89 -24.40 -31.28 -28.94
C VAL A 89 -23.36 -31.69 -29.97
N THR A 90 -22.12 -31.32 -29.72
CA THR A 90 -20.96 -31.62 -30.53
C THR A 90 -19.90 -32.31 -29.68
N PRO A 91 -18.96 -33.05 -30.29
CA PRO A 91 -17.93 -33.73 -29.50
C PRO A 91 -17.13 -32.83 -28.58
N GLU A 92 -17.22 -31.52 -28.79
CA GLU A 92 -16.57 -30.59 -27.87
C GLU A 92 -17.34 -30.43 -26.58
N ASP A 93 -18.52 -31.03 -26.46
CA ASP A 93 -19.35 -30.90 -25.28
C ASP A 93 -19.18 -32.06 -24.31
N THR A 94 -18.14 -32.88 -24.48
CA THR A 94 -17.84 -33.94 -23.52
C THR A 94 -17.07 -33.33 -22.36
N ALA A 95 -17.67 -33.32 -21.18
CA ALA A 95 -17.04 -32.72 -20.02
C ALA A 95 -17.73 -33.25 -18.77
N VAL A 96 -17.22 -32.83 -17.61
CA VAL A 96 -17.86 -33.11 -16.33
C VAL A 96 -18.64 -31.87 -15.94
N TYR A 97 -19.94 -32.04 -15.70
CA TYR A 97 -20.83 -30.91 -15.48
C TYR A 97 -21.16 -30.78 -14.01
N TYR A 98 -20.98 -29.59 -13.46
CA TYR A 98 -21.04 -29.35 -12.02
C TYR A 98 -22.24 -28.47 -11.68
N CYS A 99 -23.08 -28.97 -10.79
CA CYS A 99 -24.09 -28.14 -10.14
C CYS A 99 -23.43 -27.38 -9.00
N ALA A 100 -23.65 -26.07 -8.94
CA ALA A 100 -23.01 -25.26 -7.93
C ALA A 100 -23.93 -24.10 -7.54
N ARG A 101 -23.98 -23.81 -6.27
CA ARG A 101 -24.77 -22.72 -5.75
C ARG A 101 -23.91 -21.52 -5.42
N GLY A 102 -24.42 -20.35 -5.77
CA GLY A 102 -23.72 -19.11 -5.49
C GLY A 102 -24.50 -18.29 -4.48
N SER A 103 -23.76 -17.72 -3.52
CA SER A 103 -24.36 -16.92 -2.46
C SER A 103 -23.48 -15.72 -2.17
N ALA A 104 -24.12 -14.59 -1.87
CA ALA A 104 -23.40 -13.35 -1.66
C ALA A 104 -22.56 -13.42 -0.39
N MET A 105 -21.32 -12.95 -0.49
CA MET A 105 -20.35 -13.06 0.59
C MET A 105 -19.76 -11.74 1.05
N ILE A 106 -19.92 -10.66 0.30
CA ILE A 106 -19.34 -9.37 0.65
C ILE A 106 -20.46 -8.35 0.72
N PHE A 107 -20.84 -7.96 1.94
CA PHE A 107 -21.79 -6.86 2.16
C PHE A 107 -23.09 -7.05 1.38
N GLY A 108 -23.54 -8.30 1.21
CA GLY A 108 -24.77 -8.56 0.50
C GLY A 108 -24.64 -8.76 -1.00
N ILE A 109 -23.43 -8.81 -1.49
CA ILE A 109 -23.22 -8.95 -2.92
C ILE A 109 -21.97 -9.73 -3.18
N VAL A 110 -21.49 -9.67 -4.42
CA VAL A 110 -20.37 -10.48 -4.84
C VAL A 110 -20.63 -11.97 -4.72
N ILE A 111 -21.54 -12.46 -5.54
CA ILE A 111 -21.91 -13.86 -5.51
C ILE A 111 -20.70 -14.73 -5.76
N ILE A 112 -20.62 -15.81 -5.03
CA ILE A 112 -19.49 -16.72 -5.07
C ILE A 112 -20.00 -18.16 -5.02
N LEU A 113 -19.51 -19.00 -5.92
CA LEU A 113 -19.91 -20.41 -5.95
C LEU A 113 -19.20 -21.14 -4.83
N GLU A 114 -19.94 -21.51 -3.78
CA GLU A 114 -19.31 -22.10 -2.61
C GLU A 114 -19.73 -23.53 -2.32
N SER A 115 -20.92 -23.95 -2.73
CA SER A 115 -21.40 -25.32 -2.55
C SER A 115 -21.48 -25.98 -3.91
N TRP A 116 -20.78 -27.11 -4.08
CA TRP A 116 -20.62 -27.74 -5.39
C TRP A 116 -21.23 -29.13 -5.39
N GLY A 117 -21.61 -29.59 -6.59
CA GLY A 117 -22.10 -30.94 -6.76
C GLY A 117 -20.96 -31.91 -7.02
N GLN A 118 -21.34 -33.18 -7.17
CA GLN A 118 -20.33 -34.23 -7.40
C GLN A 118 -19.80 -34.18 -8.83
N GLY A 119 -20.62 -33.79 -9.79
CA GLY A 119 -20.20 -33.73 -11.18
C GLY A 119 -20.46 -35.02 -11.91
N THR A 120 -21.13 -34.94 -13.06
CA THR A 120 -21.52 -36.11 -13.85
C THR A 120 -20.87 -36.04 -15.21
N LEU A 121 -20.04 -37.03 -15.53
CA LEU A 121 -19.41 -37.09 -16.84
C LEU A 121 -20.44 -37.48 -17.89
N VAL A 122 -20.50 -36.72 -18.97
CA VAL A 122 -21.36 -37.04 -20.10
C VAL A 122 -20.51 -37.09 -21.35
N THR A 123 -20.63 -38.18 -22.10
CA THR A 123 -19.87 -38.39 -23.33
C THR A 123 -20.82 -38.26 -24.52
N VAL A 124 -20.43 -37.45 -25.49
CA VAL A 124 -21.20 -37.31 -26.73
C VAL A 124 -20.54 -38.19 -27.78
N SER A 125 -21.11 -39.36 -28.00
CA SER A 125 -20.54 -40.35 -28.91
C SER A 125 -21.65 -41.10 -29.61
N SER A 126 -21.42 -41.43 -30.88
CA SER A 126 -22.37 -42.21 -31.67
C SER A 126 -22.14 -43.71 -31.54
N ALA A 127 -21.55 -44.15 -30.43
CA ALA A 127 -21.27 -45.56 -30.19
C ALA A 127 -22.23 -46.10 -29.13
N SER A 128 -22.43 -47.41 -29.15
CA SER A 128 -23.32 -48.04 -28.20
C SER A 128 -22.63 -48.23 -26.86
N THR A 129 -23.42 -48.20 -25.79
CA THR A 129 -22.89 -48.48 -24.46
C THR A 129 -22.55 -49.95 -24.32
N LYS A 130 -21.57 -50.24 -23.45
CA LYS A 130 -21.13 -51.61 -23.25
C LYS A 130 -20.62 -51.78 -21.84
N GLY A 131 -21.05 -52.85 -21.18
CA GLY A 131 -20.61 -53.15 -19.84
C GLY A 131 -19.23 -53.75 -19.83
N PRO A 132 -18.69 -53.93 -18.63
CA PRO A 132 -17.32 -54.43 -18.47
C PRO A 132 -17.27 -55.94 -18.30
N SER A 133 -16.05 -56.45 -18.26
CA SER A 133 -15.75 -57.86 -18.01
C SER A 133 -14.68 -57.92 -16.93
N VAL A 134 -15.08 -58.33 -15.73
CA VAL A 134 -14.18 -58.32 -14.58
C VAL A 134 -13.38 -59.61 -14.57
N PHE A 135 -12.07 -59.50 -14.35
CA PHE A 135 -11.18 -60.64 -14.24
C PHE A 135 -10.35 -60.52 -12.97
N PRO A 136 -10.06 -61.64 -12.30
CA PRO A 136 -9.30 -61.57 -11.06
C PRO A 136 -7.80 -61.40 -11.33
N LEU A 137 -7.11 -60.89 -10.30
CA LEU A 137 -5.65 -60.75 -10.31
C LEU A 137 -5.15 -61.40 -9.02
N ALA A 138 -5.11 -62.73 -9.02
CA ALA A 138 -4.75 -63.47 -7.81
C ALA A 138 -3.26 -63.38 -7.53
N PRO A 139 -2.87 -63.44 -6.25
CA PRO A 139 -1.45 -63.41 -5.90
C PRO A 139 -0.85 -64.81 -5.80
N SER A 140 0.47 -64.87 -5.98
CA SER A 140 1.22 -66.11 -5.92
C SER A 140 2.11 -66.14 -4.67
N SER A 141 3.19 -66.91 -4.73
CA SER A 141 4.08 -67.04 -3.59
C SER A 141 4.72 -65.70 -3.25
N LYS A 142 4.99 -65.51 -1.95
CA LYS A 142 5.49 -64.23 -1.47
C LYS A 142 6.90 -63.96 -1.98
N SER A 143 7.22 -62.67 -2.09
CA SER A 143 8.53 -62.23 -2.55
C SER A 143 9.52 -62.18 -1.40
N GLY A 147 6.98 -57.56 3.82
CA GLY A 147 6.55 -58.90 3.47
C GLY A 147 5.05 -59.06 3.38
N THR A 148 4.45 -58.43 2.36
CA THR A 148 3.01 -58.47 2.14
C THR A 148 2.72 -58.84 0.70
N ALA A 149 1.51 -59.35 0.47
CA ALA A 149 1.06 -59.77 -0.85
C ALA A 149 0.18 -58.69 -1.48
N ALA A 150 -0.17 -58.91 -2.74
CA ALA A 150 -0.95 -57.93 -3.50
C ALA A 150 -1.87 -58.65 -4.47
N LEU A 151 -3.15 -58.30 -4.44
CA LEU A 151 -4.15 -58.84 -5.35
C LEU A 151 -4.94 -57.67 -5.94
N GLY A 152 -5.75 -57.97 -6.95
CA GLY A 152 -6.55 -56.93 -7.56
C GLY A 152 -7.54 -57.46 -8.57
N CYS A 153 -8.06 -56.55 -9.39
CA CYS A 153 -9.03 -56.89 -10.41
C CYS A 153 -8.70 -56.15 -11.69
N LEU A 154 -9.19 -56.69 -12.80
CA LEU A 154 -8.98 -56.11 -14.13
C LEU A 154 -10.35 -55.96 -14.79
N VAL A 155 -10.88 -54.75 -14.73
CA VAL A 155 -12.12 -54.40 -15.41
C VAL A 155 -11.80 -53.96 -16.83
N LYS A 156 -12.32 -54.68 -17.80
CA LYS A 156 -11.94 -54.50 -19.17
C LYS A 156 -13.07 -54.37 -20.16
N ASP A 157 -12.79 -53.69 -21.25
CA ASP A 157 -13.75 -53.54 -22.34
C ASP A 157 -15.11 -52.98 -21.96
N TYR A 158 -15.14 -51.75 -21.48
CA TYR A 158 -16.41 -51.08 -21.21
C TYR A 158 -16.51 -49.72 -21.84
N PHE A 159 -17.74 -49.24 -22.02
CA PHE A 159 -17.96 -47.90 -22.50
C PHE A 159 -19.34 -47.57 -22.04
N PRO A 160 -19.60 -46.29 -21.75
CA PRO A 160 -18.58 -45.26 -21.64
C PRO A 160 -18.07 -45.13 -20.22
N GLU A 161 -17.23 -44.14 -19.92
CA GLU A 161 -16.78 -43.91 -18.56
C GLU A 161 -17.97 -43.33 -17.81
N PRO A 162 -18.05 -43.53 -16.49
CA PRO A 162 -16.98 -44.13 -15.69
C PRO A 162 -17.44 -45.22 -14.73
N VAL A 163 -16.50 -46.08 -14.35
CA VAL A 163 -16.73 -47.25 -13.51
C VAL A 163 -16.32 -47.02 -12.05
N THR A 164 -17.17 -47.43 -11.10
CA THR A 164 -16.89 -47.41 -9.68
C THR A 164 -16.39 -48.78 -9.26
N VAL A 165 -15.35 -48.78 -8.43
CA VAL A 165 -14.76 -50.02 -7.94
C VAL A 165 -14.57 -49.91 -6.43
N SER A 166 -15.29 -50.73 -5.68
CA SER A 166 -15.17 -50.82 -4.24
C SER A 166 -14.68 -52.21 -3.86
N TRP A 167 -14.27 -52.35 -2.61
CA TRP A 167 -13.76 -53.63 -2.12
C TRP A 167 -14.49 -53.99 -0.84
N ASN A 168 -15.10 -55.17 -0.82
CA ASN A 168 -15.89 -55.65 0.31
C ASN A 168 -17.00 -54.66 0.64
N SER A 169 -17.60 -54.08 -0.40
CA SER A 169 -18.71 -53.12 -0.26
C SER A 169 -18.31 -51.95 0.63
N GLY A 170 -17.18 -51.33 0.31
CA GLY A 170 -16.72 -50.16 1.04
C GLY A 170 -16.01 -50.44 2.33
N ALA A 171 -15.88 -51.71 2.72
CA ALA A 171 -15.22 -52.04 3.97
C ALA A 171 -13.71 -51.99 3.88
N LEU A 172 -13.15 -51.89 2.67
CA LEU A 172 -11.70 -51.94 2.47
C LEU A 172 -11.23 -50.64 1.86
N THR A 173 -10.38 -49.92 2.58
CA THR A 173 -9.94 -48.59 2.17
C THR A 173 -8.43 -48.48 2.14
N SER A 174 -7.76 -49.13 3.07
CA SER A 174 -6.31 -48.99 3.20
C SER A 174 -5.60 -49.89 2.21
N GLY A 175 -4.79 -49.30 1.35
CA GLY A 175 -4.04 -50.04 0.35
C GLY A 175 -4.68 -50.11 -1.01
N VAL A 176 -5.90 -49.61 -1.16
CA VAL A 176 -6.61 -49.68 -2.43
C VAL A 176 -6.01 -48.68 -3.41
N HIS A 177 -5.86 -49.10 -4.67
CA HIS A 177 -5.35 -48.25 -5.74
C HIS A 177 -6.14 -48.56 -7.01
N THR A 178 -7.20 -47.80 -7.23
CA THR A 178 -7.97 -47.87 -8.47
C THR A 178 -7.32 -46.94 -9.50
N PHE A 179 -6.90 -47.50 -10.63
CA PHE A 179 -6.13 -46.72 -11.57
C PHE A 179 -7.04 -45.99 -12.56
N PRO A 180 -6.59 -44.87 -13.09
CA PRO A 180 -7.37 -44.19 -14.13
C PRO A 180 -7.41 -45.01 -15.40
N ALA A 181 -8.56 -44.98 -16.07
CA ALA A 181 -8.77 -45.85 -17.22
C ALA A 181 -7.81 -45.50 -18.35
N VAL A 182 -7.54 -46.47 -19.19
CA VAL A 182 -6.77 -46.28 -20.42
C VAL A 182 -7.68 -46.61 -21.59
N LEU A 183 -7.70 -45.75 -22.60
CA LEU A 183 -8.55 -45.94 -23.78
C LEU A 183 -7.80 -46.82 -24.77
N GLN A 184 -8.28 -48.04 -24.95
CA GLN A 184 -7.63 -48.97 -25.86
C GLN A 184 -7.86 -48.55 -27.31
N SER A 185 -7.12 -49.16 -28.23
CA SER A 185 -7.32 -48.87 -29.64
C SER A 185 -8.71 -49.27 -30.12
N SER A 186 -9.42 -50.08 -29.35
CA SER A 186 -10.77 -50.51 -29.70
C SER A 186 -11.81 -49.43 -29.50
N GLY A 187 -11.43 -48.25 -29.02
CA GLY A 187 -12.42 -47.28 -28.58
C GLY A 187 -13.14 -47.66 -27.31
N LEU A 188 -12.65 -48.65 -26.57
CA LEU A 188 -13.18 -49.05 -25.28
C LEU A 188 -12.14 -48.78 -24.20
N TYR A 189 -12.59 -48.84 -22.95
CA TYR A 189 -11.75 -48.49 -21.82
C TYR A 189 -11.34 -49.73 -21.03
N SER A 190 -10.16 -49.68 -20.43
CA SER A 190 -9.66 -50.73 -19.56
C SER A 190 -9.21 -50.08 -18.25
N LEU A 191 -9.42 -50.78 -17.14
CA LEU A 191 -9.14 -50.23 -15.82
C LEU A 191 -8.64 -51.34 -14.91
N SER A 192 -7.82 -50.95 -13.93
CA SER A 192 -7.26 -51.90 -12.99
C SER A 192 -7.34 -51.33 -11.58
N SER A 193 -7.55 -52.22 -10.61
CA SER A 193 -7.63 -51.83 -9.21
C SER A 193 -6.97 -52.92 -8.37
N VAL A 194 -5.97 -52.54 -7.57
CA VAL A 194 -5.20 -53.49 -6.79
C VAL A 194 -5.27 -53.13 -5.32
N VAL A 195 -5.06 -54.14 -4.46
CA VAL A 195 -5.03 -53.96 -3.02
C VAL A 195 -3.75 -54.58 -2.48
N THR A 196 -3.08 -53.85 -1.60
CA THR A 196 -1.94 -54.36 -0.88
C THR A 196 -2.39 -54.90 0.47
N VAL A 197 -2.08 -56.14 0.76
CA VAL A 197 -2.65 -56.82 1.92
C VAL A 197 -1.62 -57.77 2.51
N PRO A 198 -1.59 -57.97 3.83
CA PRO A 198 -0.61 -58.90 4.41
C PRO A 198 -0.78 -60.32 3.89
N SER A 199 0.35 -61.01 3.73
CA SER A 199 0.32 -62.36 3.18
C SER A 199 -0.45 -63.31 4.08
N SER A 200 -0.37 -63.12 5.40
CA SER A 200 -1.10 -63.99 6.32
C SER A 200 -2.61 -63.78 6.23
N SER A 201 -3.06 -62.64 5.71
CA SER A 201 -4.49 -62.35 5.67
C SER A 201 -5.21 -63.18 4.61
N LEU A 202 -4.49 -63.79 3.68
CA LEU A 202 -5.12 -64.61 2.66
C LEU A 202 -5.65 -65.90 3.28
N GLY A 203 -6.60 -66.51 2.58
CA GLY A 203 -7.20 -67.74 3.06
C GLY A 203 -8.27 -67.52 4.11
N THR A 204 -7.88 -66.98 5.27
CA THR A 204 -8.84 -66.74 6.33
C THR A 204 -9.88 -65.73 5.90
N GLN A 205 -9.45 -64.65 5.25
CA GLN A 205 -10.31 -63.57 4.80
C GLN A 205 -10.49 -63.65 3.30
N THR A 206 -11.68 -63.26 2.83
CA THR A 206 -11.99 -63.23 1.42
C THR A 206 -12.20 -61.78 0.97
N TYR A 207 -11.70 -61.47 -0.23
CA TYR A 207 -11.78 -60.13 -0.79
C TYR A 207 -12.67 -60.17 -2.02
N ILE A 208 -13.68 -59.30 -2.03
CA ILE A 208 -14.66 -59.26 -3.09
C ILE A 208 -14.55 -57.92 -3.82
N CYS A 209 -14.60 -57.98 -5.15
CA CYS A 209 -14.37 -56.84 -6.03
C CYS A 209 -15.71 -56.33 -6.54
N ASN A 210 -16.16 -55.19 -6.03
CA ASN A 210 -17.45 -54.63 -6.40
C ASN A 210 -17.27 -53.65 -7.55
N VAL A 211 -17.87 -53.96 -8.70
CA VAL A 211 -17.73 -53.17 -9.92
C VAL A 211 -19.11 -52.70 -10.36
N ASN A 212 -19.24 -51.40 -10.60
CA ASN A 212 -20.51 -50.80 -11.04
C ASN A 212 -20.24 -49.87 -12.21
N HIS A 213 -21.04 -50.02 -13.26
CA HIS A 213 -20.93 -49.21 -14.47
C HIS A 213 -22.36 -48.77 -14.82
N LYS A 214 -22.74 -47.61 -14.29
CA LYS A 214 -24.10 -47.10 -14.48
C LYS A 214 -24.52 -46.99 -15.94
N PRO A 215 -23.72 -46.41 -16.85
CA PRO A 215 -24.20 -46.27 -18.24
C PRO A 215 -24.65 -47.57 -18.87
N SER A 216 -24.13 -48.70 -18.43
CA SER A 216 -24.58 -50.00 -18.93
C SER A 216 -25.46 -50.75 -17.96
N ASN A 217 -25.65 -50.24 -16.75
CA ASN A 217 -26.52 -50.86 -15.75
C ASN A 217 -26.03 -52.25 -15.35
N THR A 218 -24.74 -52.33 -15.01
CA THR A 218 -24.11 -53.57 -14.60
C THR A 218 -23.49 -53.41 -13.22
N LYS A 219 -23.72 -54.39 -12.35
CA LYS A 219 -23.14 -54.41 -11.01
C LYS A 219 -22.56 -55.80 -10.79
N VAL A 220 -21.26 -55.94 -11.03
CA VAL A 220 -20.57 -57.24 -10.94
C VAL A 220 -19.80 -57.31 -9.64
N ASP A 221 -19.66 -58.53 -9.12
CA ASP A 221 -18.91 -58.76 -7.88
C ASP A 221 -18.15 -60.07 -8.04
N LYS A 222 -16.83 -59.97 -8.21
CA LYS A 222 -15.97 -61.13 -8.42
C LYS A 222 -15.15 -61.40 -7.17
N LYS A 223 -15.15 -62.64 -6.70
CA LYS A 223 -14.32 -63.04 -5.58
C LYS A 223 -12.92 -63.38 -6.06
N VAL A 224 -11.92 -62.74 -5.46
CA VAL A 224 -10.52 -62.95 -5.81
C VAL A 224 -9.91 -63.92 -4.80
N GLU A 225 -9.37 -65.02 -5.29
CA GLU A 225 -8.81 -66.07 -4.44
C GLU A 225 -7.53 -66.61 -5.06
N PRO A 226 -6.54 -66.96 -4.23
CA PRO A 226 -5.26 -67.44 -4.77
C PRO A 226 -5.39 -68.84 -5.35
N LYS A 227 -4.74 -69.04 -6.49
CA LYS A 227 -4.76 -70.32 -7.19
C LYS A 227 -3.50 -71.12 -6.84
N SER A 228 -3.68 -72.42 -6.65
CA SER A 228 -2.57 -73.29 -6.30
C SER A 228 -2.69 -74.59 -7.11
N CYS A 229 -1.85 -75.56 -6.78
CA CYS A 229 -1.86 -76.85 -7.45
C CYS A 229 -1.93 -78.01 -6.46
N GLU B 1 -14.00 -10.92 -23.24
CA GLU B 1 -14.08 -10.97 -21.78
C GLU B 1 -12.68 -10.97 -21.18
N ILE B 2 -12.59 -11.14 -19.86
CA ILE B 2 -11.32 -11.18 -19.15
C ILE B 2 -10.79 -12.61 -19.13
N VAL B 3 -9.49 -12.76 -19.32
CA VAL B 3 -8.85 -14.07 -19.34
C VAL B 3 -7.83 -14.13 -18.21
N LEU B 4 -7.80 -15.23 -17.48
CA LEU B 4 -6.90 -15.43 -16.36
C LEU B 4 -5.82 -16.43 -16.73
N THR B 5 -4.57 -16.06 -16.49
CA THR B 5 -3.42 -16.90 -16.82
C THR B 5 -2.65 -17.19 -15.55
N GLN B 6 -2.43 -18.47 -15.25
CA GLN B 6 -1.78 -18.88 -14.02
C GLN B 6 -0.36 -19.35 -14.30
N SER B 7 0.59 -18.85 -13.53
CA SER B 7 1.97 -19.30 -13.60
C SER B 7 2.46 -19.59 -12.19
N PRO B 8 3.19 -20.70 -12.01
CA PRO B 8 3.58 -21.66 -13.05
C PRO B 8 2.48 -22.64 -13.36
N GLY B 9 2.65 -23.40 -14.45
CA GLY B 9 1.69 -24.45 -14.78
C GLY B 9 1.86 -25.68 -13.93
N THR B 10 3.07 -25.93 -13.45
CA THR B 10 3.35 -27.02 -12.54
C THR B 10 4.34 -26.55 -11.49
N LEU B 11 4.21 -27.08 -10.28
CA LEU B 11 5.00 -26.65 -9.13
C LEU B 11 5.32 -27.86 -8.27
N SER B 12 6.59 -28.00 -7.89
CA SER B 12 7.05 -29.10 -7.07
C SER B 12 7.74 -28.54 -5.83
N LEU B 13 7.34 -29.02 -4.66
CA LEU B 13 7.81 -28.44 -3.42
C LEU B 13 7.94 -29.51 -2.35
N SER B 14 8.87 -29.26 -1.41
CA SER B 14 9.07 -30.12 -0.26
C SER B 14 8.28 -29.58 0.93
N PRO B 15 7.73 -30.47 1.76
CA PRO B 15 6.86 -30.03 2.85
C PRO B 15 7.58 -29.06 3.78
N GLY B 16 6.84 -28.05 4.24
CA GLY B 16 7.37 -27.00 5.06
C GLY B 16 7.70 -25.73 4.29
N GLU B 17 8.03 -25.86 3.01
CA GLU B 17 8.30 -24.70 2.16
C GLU B 17 7.01 -23.93 1.91
N ARG B 18 7.14 -22.82 1.18
CA ARG B 18 6.02 -21.94 0.88
C ARG B 18 5.76 -21.90 -0.62
N ALA B 19 4.50 -22.08 -1.00
CA ALA B 19 4.09 -22.00 -2.40
C ALA B 19 3.54 -20.62 -2.69
N THR B 20 3.90 -20.07 -3.85
CA THR B 20 3.32 -18.82 -4.33
C THR B 20 2.81 -19.05 -5.74
N LEU B 21 1.52 -18.81 -5.94
CA LEU B 21 0.86 -18.99 -7.23
C LEU B 21 0.36 -17.64 -7.73
N SER B 22 0.73 -17.28 -8.95
CA SER B 22 0.34 -16.00 -9.52
C SER B 22 -0.79 -16.17 -10.52
N CYS B 23 -1.71 -15.20 -10.55
CA CYS B 23 -2.86 -15.20 -11.45
C CYS B 23 -2.86 -13.89 -12.21
N ARG B 24 -2.58 -13.96 -13.52
CA ARG B 24 -2.46 -12.78 -14.37
C ARG B 24 -3.75 -12.57 -15.14
N ALA B 25 -4.11 -11.30 -15.29
CA ALA B 25 -5.36 -10.87 -15.89
C ALA B 25 -5.14 -10.01 -17.12
N SER B 26 -5.94 -10.22 -18.14
CA SER B 26 -5.81 -9.44 -19.34
C SER B 26 -6.07 -7.99 -19.05
N GLN B 27 -7.04 -7.74 -18.20
CA GLN B 27 -7.56 -6.43 -17.93
C GLN B 27 -7.64 -6.27 -16.45
N SER B 28 -7.86 -5.06 -15.98
CA SER B 28 -7.91 -4.89 -14.53
C SER B 28 -9.16 -5.58 -13.99
N VAL B 29 -9.01 -6.21 -12.82
CA VAL B 29 -10.09 -6.95 -12.19
C VAL B 29 -10.42 -6.28 -10.86
N ALA B 30 -11.71 -6.24 -10.53
CA ALA B 30 -12.13 -5.76 -9.22
C ALA B 30 -11.58 -6.67 -8.14
N SER B 31 -10.91 -6.07 -7.16
CA SER B 31 -10.25 -6.87 -6.12
C SER B 31 -11.23 -7.74 -5.37
N SER B 32 -12.47 -7.27 -5.18
CA SER B 32 -13.42 -8.06 -4.42
C SER B 32 -13.92 -9.27 -5.18
N TYR B 33 -13.68 -9.35 -6.48
CA TYR B 33 -14.31 -10.37 -7.32
C TYR B 33 -13.35 -11.44 -7.82
N LEU B 34 -12.20 -11.59 -7.18
CA LEU B 34 -11.24 -12.63 -7.55
C LEU B 34 -11.15 -13.65 -6.44
N ALA B 35 -11.37 -14.91 -6.78
CA ALA B 35 -11.37 -16.02 -5.83
C ALA B 35 -10.38 -17.09 -6.24
N TRP B 36 -10.04 -17.97 -5.30
CA TRP B 36 -9.15 -19.08 -5.54
C TRP B 36 -9.83 -20.37 -5.11
N TYR B 37 -9.62 -21.44 -5.87
CA TYR B 37 -10.26 -22.72 -5.59
C TYR B 37 -9.20 -23.82 -5.50
N GLN B 38 -9.54 -24.87 -4.76
CA GLN B 38 -8.73 -26.07 -4.63
C GLN B 38 -9.52 -27.25 -5.15
N GLN B 39 -8.93 -28.02 -6.06
CA GLN B 39 -9.59 -29.19 -6.63
C GLN B 39 -8.70 -30.40 -6.40
N LYS B 40 -9.06 -31.21 -5.40
CA LYS B 40 -8.35 -32.46 -5.18
C LYS B 40 -8.82 -33.50 -6.18
N PRO B 41 -7.96 -34.45 -6.56
CA PRO B 41 -8.29 -35.37 -7.65
C PRO B 41 -9.59 -36.12 -7.39
N GLY B 42 -10.48 -36.07 -8.36
CA GLY B 42 -11.75 -36.77 -8.28
C GLY B 42 -12.84 -36.02 -7.56
N GLN B 43 -12.58 -34.80 -7.08
CA GLN B 43 -13.56 -34.03 -6.33
C GLN B 43 -13.86 -32.72 -7.05
N ALA B 44 -14.90 -32.06 -6.59
CA ALA B 44 -15.30 -30.76 -7.12
C ALA B 44 -14.39 -29.68 -6.55
N PRO B 45 -14.30 -28.53 -7.21
CA PRO B 45 -13.49 -27.43 -6.68
C PRO B 45 -14.00 -26.95 -5.32
N ARG B 46 -13.08 -26.77 -4.39
CA ARG B 46 -13.39 -26.34 -3.04
C ARG B 46 -12.93 -24.91 -2.85
N LEU B 47 -13.82 -24.05 -2.34
CA LEU B 47 -13.51 -22.63 -2.22
C LEU B 47 -12.47 -22.40 -1.13
N LEU B 48 -11.41 -21.67 -1.46
CA LEU B 48 -10.37 -21.32 -0.50
C LEU B 48 -10.44 -19.84 -0.15
N ILE B 49 -10.00 -18.97 -1.06
CA ILE B 49 -9.97 -17.53 -0.83
C ILE B 49 -11.02 -16.89 -1.72
N TYR B 50 -11.76 -15.93 -1.19
CA TYR B 50 -12.69 -15.17 -1.98
C TYR B 50 -12.43 -13.72 -1.72
N GLY B 51 -12.80 -12.86 -2.66
CA GLY B 51 -12.52 -11.45 -2.49
C GLY B 51 -11.06 -11.17 -2.35
N ALA B 52 -10.24 -11.86 -3.11
CA ALA B 52 -8.84 -11.53 -3.18
C ALA B 52 -8.04 -11.93 -1.95
N SER B 53 -8.52 -11.55 -0.78
CA SER B 53 -7.81 -11.80 0.46
C SER B 53 -8.56 -12.48 1.59
N SER B 54 -9.80 -12.88 1.40
CA SER B 54 -10.61 -13.34 2.51
C SER B 54 -10.68 -14.85 2.59
N ARG B 55 -10.39 -15.40 3.76
CA ARG B 55 -10.41 -16.85 3.94
C ARG B 55 -11.83 -17.40 4.13
N ALA B 56 -12.12 -18.51 3.46
CA ALA B 56 -13.40 -19.19 3.59
C ALA B 56 -13.46 -19.95 4.91
N THR B 57 -14.61 -20.56 5.17
CA THR B 57 -14.81 -21.30 6.42
C THR B 57 -14.17 -22.68 6.28
N GLY B 58 -13.19 -22.97 7.13
CA GLY B 58 -12.54 -24.25 7.14
C GLY B 58 -11.17 -24.29 6.51
N VAL B 59 -10.54 -23.14 6.26
CA VAL B 59 -9.20 -23.12 5.68
C VAL B 59 -8.26 -22.42 6.66
N PRO B 60 -7.06 -22.94 6.85
CA PRO B 60 -6.17 -22.40 7.89
C PRO B 60 -5.49 -21.12 7.42
N ASP B 61 -4.72 -20.52 8.35
CA ASP B 61 -3.99 -19.29 8.07
C ASP B 61 -2.85 -19.49 7.08
N ARG B 62 -2.50 -20.73 6.75
CA ARG B 62 -1.45 -20.96 5.75
C ARG B 62 -1.84 -20.38 4.40
N PHE B 63 -3.12 -20.49 4.04
CA PHE B 63 -3.62 -19.96 2.79
C PHE B 63 -3.95 -18.47 2.97
N SER B 64 -3.31 -17.62 2.17
CA SER B 64 -3.57 -16.19 2.20
C SER B 64 -3.50 -15.64 0.78
N GLY B 65 -4.38 -14.68 0.47
CA GLY B 65 -4.41 -14.11 -0.85
C GLY B 65 -4.00 -12.65 -0.86
N SER B 66 -3.62 -12.14 -2.03
CA SER B 66 -3.17 -10.76 -2.16
C SER B 66 -3.15 -10.41 -3.64
N GLY B 67 -3.09 -9.11 -3.92
CA GLY B 67 -2.94 -8.62 -5.27
C GLY B 67 -4.01 -7.61 -5.63
N SER B 68 -3.79 -6.98 -6.80
CA SER B 68 -4.70 -5.99 -7.33
C SER B 68 -4.43 -5.82 -8.82
N GLY B 69 -5.41 -5.24 -9.52
CA GLY B 69 -5.25 -4.97 -10.94
C GLY B 69 -5.17 -6.22 -11.79
N THR B 70 -4.01 -6.47 -12.37
CA THR B 70 -3.79 -7.65 -13.20
C THR B 70 -2.82 -8.64 -12.57
N ASP B 71 -2.53 -8.49 -11.28
CA ASP B 71 -1.55 -9.34 -10.60
C ASP B 71 -2.12 -9.75 -9.25
N PHE B 72 -2.44 -11.03 -9.11
CA PHE B 72 -2.96 -11.60 -7.87
C PHE B 72 -2.12 -12.82 -7.50
N ILE B 73 -1.89 -12.99 -6.20
CA ILE B 73 -0.99 -14.01 -5.69
C ILE B 73 -1.68 -14.80 -4.57
N LEU B 74 -1.46 -16.11 -4.56
CA LEU B 74 -1.95 -17.00 -3.51
C LEU B 74 -0.76 -17.74 -2.91
N THR B 75 -0.62 -17.66 -1.59
CA THR B 75 0.53 -18.24 -0.89
C THR B 75 0.07 -19.33 0.06
N ILE B 76 0.77 -20.46 0.02
CA ILE B 76 0.57 -21.54 0.97
C ILE B 76 1.84 -21.62 1.81
N SER B 77 1.72 -21.27 3.10
CA SER B 77 2.90 -21.01 3.92
C SER B 77 3.56 -22.31 4.39
N ARG B 78 2.82 -23.14 5.11
CA ARG B 78 3.34 -24.39 5.65
C ARG B 78 2.73 -25.55 4.86
N LEU B 79 3.49 -26.06 3.91
CA LEU B 79 2.97 -27.12 3.05
C LEU B 79 2.84 -28.44 3.79
N GLU B 80 1.89 -29.25 3.35
CA GLU B 80 1.63 -30.58 3.89
C GLU B 80 1.40 -31.52 2.71
N PRO B 81 1.57 -32.81 2.91
CA PRO B 81 1.30 -33.74 1.84
C PRO B 81 -0.17 -33.70 1.45
N GLU B 82 -1.02 -33.26 2.36
CA GLU B 82 -2.45 -33.15 2.11
C GLU B 82 -2.81 -32.00 1.17
N ASP B 83 -1.87 -31.09 0.90
CA ASP B 83 -2.15 -29.92 0.07
C ASP B 83 -1.92 -30.15 -1.42
N PHE B 84 -1.73 -31.40 -1.84
CA PHE B 84 -1.62 -31.70 -3.27
C PHE B 84 -2.99 -31.55 -3.92
N ALA B 85 -3.07 -30.70 -4.94
CA ALA B 85 -4.30 -30.48 -5.69
C ALA B 85 -3.96 -29.61 -6.90
N VAL B 86 -4.99 -29.16 -7.60
CA VAL B 86 -4.87 -28.20 -8.68
C VAL B 86 -5.62 -26.95 -8.25
N TYR B 87 -4.91 -25.83 -8.18
CA TYR B 87 -5.47 -24.59 -7.67
C TYR B 87 -5.81 -23.66 -8.81
N TYR B 88 -7.05 -23.16 -8.82
CA TYR B 88 -7.53 -22.27 -9.86
C TYR B 88 -7.84 -20.90 -9.28
N CYS B 89 -7.65 -19.86 -10.09
CA CYS B 89 -8.16 -18.54 -9.74
C CYS B 89 -9.39 -18.25 -10.58
N GLN B 90 -10.39 -17.63 -9.98
CA GLN B 90 -11.63 -17.31 -10.67
C GLN B 90 -11.97 -15.86 -10.52
N GLN B 91 -12.54 -15.25 -11.55
CA GLN B 91 -12.94 -13.86 -11.49
C GLN B 91 -14.32 -13.70 -12.01
N TYR B 92 -14.97 -12.61 -11.65
CA TYR B 92 -16.27 -12.25 -12.21
C TYR B 92 -16.22 -10.82 -12.73
N ASP B 93 -16.70 -10.61 -13.94
CA ASP B 93 -16.58 -9.31 -14.60
C ASP B 93 -17.84 -8.48 -14.75
N GLY B 94 -18.98 -8.96 -14.30
CA GLY B 94 -20.23 -8.34 -14.68
C GLY B 94 -21.20 -9.36 -15.17
N SER B 95 -20.99 -9.85 -16.38
CA SER B 95 -21.85 -10.90 -16.93
C SER B 95 -21.27 -12.29 -17.02
N GLN B 96 -20.02 -12.49 -16.67
CA GLN B 96 -19.40 -13.80 -16.86
C GLN B 96 -18.43 -14.21 -15.78
N TYR B 97 -18.36 -15.50 -15.52
CA TYR B 97 -17.31 -16.07 -14.69
C TYR B 97 -16.18 -16.60 -15.57
N THR B 98 -14.94 -16.47 -15.10
CA THR B 98 -13.77 -16.94 -15.82
C THR B 98 -12.84 -17.65 -14.85
N PHE B 99 -12.21 -18.72 -15.32
CA PHE B 99 -11.28 -19.49 -14.52
C PHE B 99 -9.91 -19.52 -15.20
N GLY B 100 -8.90 -19.80 -14.41
CA GLY B 100 -7.56 -19.98 -14.96
C GLY B 100 -7.29 -21.43 -15.29
N GLN B 101 -6.16 -21.65 -15.96
CA GLN B 101 -5.84 -23.00 -16.40
C GLN B 101 -5.43 -23.89 -15.23
N GLY B 102 -5.04 -23.32 -14.11
CA GLY B 102 -4.73 -24.08 -12.92
C GLY B 102 -3.24 -24.28 -12.74
N THR B 103 -2.85 -24.51 -11.49
CA THR B 103 -1.46 -24.79 -11.12
C THR B 103 -1.41 -26.11 -10.39
N LYS B 104 -0.72 -27.09 -10.97
CA LYS B 104 -0.63 -28.43 -10.40
C LYS B 104 0.46 -28.43 -9.33
N LEU B 105 0.08 -28.51 -8.08
CA LEU B 105 1.07 -28.51 -7.03
C LEU B 105 1.27 -29.91 -6.51
N GLU B 106 2.47 -30.44 -6.71
CA GLU B 106 2.79 -31.77 -6.25
C GLU B 106 3.87 -31.67 -5.21
N ILE B 107 3.69 -32.34 -4.08
CA ILE B 107 4.60 -32.25 -2.96
C ILE B 107 5.75 -33.23 -3.00
N LYS B 108 6.97 -32.75 -2.81
CA LYS B 108 8.14 -33.60 -2.86
C LYS B 108 8.21 -34.54 -1.67
N ARG B 109 8.89 -35.66 -1.84
CA ARG B 109 9.08 -36.61 -0.78
C ARG B 109 10.45 -37.26 -0.94
N THR B 110 10.94 -37.88 0.11
CA THR B 110 12.17 -38.63 0.03
C THR B 110 11.95 -39.81 -0.90
N VAL B 111 12.96 -40.13 -1.69
CA VAL B 111 12.79 -41.15 -2.73
C VAL B 111 12.36 -42.47 -2.11
N ALA B 112 11.47 -43.17 -2.79
CA ALA B 112 10.95 -44.46 -2.34
C ALA B 112 11.03 -45.47 -3.47
N ALA B 113 11.57 -46.63 -3.17
CA ALA B 113 11.72 -47.68 -4.18
C ALA B 113 10.39 -48.39 -4.40
N PRO B 114 10.05 -48.72 -5.64
CA PRO B 114 8.77 -49.36 -5.91
C PRO B 114 8.78 -50.85 -5.58
N SER B 115 7.60 -51.36 -5.24
CA SER B 115 7.39 -52.79 -5.05
C SER B 115 6.74 -53.33 -6.32
N VAL B 116 7.40 -54.29 -6.97
CA VAL B 116 7.00 -54.79 -8.27
C VAL B 116 6.21 -56.07 -8.09
N PHE B 117 5.04 -56.13 -8.71
CA PHE B 117 4.24 -57.34 -8.76
C PHE B 117 3.88 -57.63 -10.21
N ILE B 118 3.56 -58.89 -10.49
CA ILE B 118 3.23 -59.29 -11.86
C ILE B 118 2.14 -60.36 -11.78
N PHE B 119 1.08 -60.18 -12.58
CA PHE B 119 -0.07 -61.06 -12.54
C PHE B 119 -0.29 -61.71 -13.90
N PRO B 120 -0.22 -63.03 -14.02
CA PRO B 120 -0.52 -63.69 -15.29
C PRO B 120 -1.98 -63.49 -15.67
N PRO B 121 -2.36 -63.78 -16.91
CA PRO B 121 -3.76 -63.63 -17.29
C PRO B 121 -4.63 -64.71 -16.66
N SER B 122 -5.88 -64.33 -16.38
CA SER B 122 -6.81 -65.28 -15.81
C SER B 122 -7.22 -66.32 -16.84
N ASP B 123 -7.49 -67.53 -16.34
CA ASP B 123 -7.97 -68.59 -17.24
C ASP B 123 -9.34 -68.25 -17.81
N GLU B 124 -10.19 -67.56 -17.05
CA GLU B 124 -11.50 -67.16 -17.55
C GLU B 124 -11.36 -66.25 -18.77
N GLN B 125 -10.40 -65.32 -18.73
CA GLN B 125 -10.21 -64.40 -19.85
C GLN B 125 -9.68 -65.12 -21.08
N LEU B 126 -8.77 -66.09 -20.88
CA LEU B 126 -8.21 -66.81 -22.02
C LEU B 126 -9.30 -67.46 -22.85
N LYS B 127 -10.33 -68.00 -22.22
CA LYS B 127 -11.43 -68.60 -22.98
C LYS B 127 -12.12 -67.58 -23.87
N SER B 128 -11.93 -66.29 -23.62
CA SER B 128 -12.59 -65.25 -24.40
C SER B 128 -11.80 -64.83 -25.63
N GLY B 129 -10.50 -65.12 -25.68
CA GLY B 129 -9.69 -64.92 -26.86
C GLY B 129 -8.54 -63.95 -26.68
N THR B 130 -8.61 -63.06 -25.70
CA THR B 130 -7.54 -62.11 -25.43
C THR B 130 -6.83 -62.48 -24.15
N ALA B 131 -5.64 -61.91 -23.96
CA ALA B 131 -4.81 -62.21 -22.81
C ALA B 131 -4.11 -60.94 -22.35
N SER B 132 -4.44 -60.49 -21.14
CA SER B 132 -3.84 -59.30 -20.54
C SER B 132 -2.98 -59.70 -19.36
N VAL B 133 -1.68 -59.48 -19.46
CA VAL B 133 -0.77 -59.67 -18.34
C VAL B 133 -0.41 -58.30 -17.78
N VAL B 134 -0.38 -58.19 -16.45
CA VAL B 134 -0.33 -56.91 -15.76
C VAL B 134 0.93 -56.85 -14.91
N CYS B 135 1.64 -55.73 -14.99
CA CYS B 135 2.78 -55.44 -14.13
C CYS B 135 2.48 -54.20 -13.31
N LEU B 136 2.87 -54.22 -12.05
CA LEU B 136 2.42 -53.24 -11.06
C LEU B 136 3.59 -52.69 -10.28
N LEU B 137 3.75 -51.37 -10.30
CA LEU B 137 4.65 -50.65 -9.39
C LEU B 137 3.80 -50.00 -8.31
N ASN B 138 4.25 -50.10 -7.07
CA ASN B 138 3.43 -49.68 -5.94
C ASN B 138 4.22 -48.75 -5.02
N ASN B 139 3.61 -47.61 -4.71
CA ASN B 139 4.10 -46.66 -3.73
C ASN B 139 5.57 -46.28 -3.94
N PHE B 140 5.83 -45.40 -4.90
CA PHE B 140 7.20 -44.97 -5.21
C PHE B 140 7.21 -43.46 -5.46
N TYR B 141 8.41 -42.89 -5.45
CA TYR B 141 8.60 -41.48 -5.77
C TYR B 141 10.01 -41.32 -6.31
N PRO B 142 10.20 -40.48 -7.34
CA PRO B 142 9.20 -39.64 -8.01
C PRO B 142 8.39 -40.37 -9.07
N ARG B 143 7.54 -39.62 -9.77
CA ARG B 143 6.65 -40.18 -10.78
C ARG B 143 7.42 -40.79 -11.94
N GLU B 144 8.66 -40.39 -12.16
CA GLU B 144 9.41 -40.82 -13.33
C GLU B 144 9.85 -42.27 -13.16
N ALA B 145 9.31 -43.15 -14.00
CA ALA B 145 9.65 -44.57 -13.96
C ALA B 145 9.39 -45.16 -15.33
N LYS B 146 10.16 -46.20 -15.66
CA LYS B 146 10.08 -46.83 -16.97
C LYS B 146 9.91 -48.34 -16.81
N VAL B 147 8.96 -48.90 -17.53
CA VAL B 147 8.68 -50.33 -17.53
C VAL B 147 9.02 -50.90 -18.89
N GLN B 148 9.78 -51.98 -18.91
CA GLN B 148 10.15 -52.67 -20.15
C GLN B 148 9.58 -54.07 -20.10
N TRP B 149 8.74 -54.40 -21.09
CA TRP B 149 8.16 -55.73 -21.20
C TRP B 149 9.09 -56.64 -22.00
N LYS B 150 9.34 -57.83 -21.47
CA LYS B 150 10.19 -58.83 -22.11
C LYS B 150 9.46 -60.16 -22.12
N VAL B 151 9.23 -60.72 -23.30
CA VAL B 151 8.70 -62.06 -23.45
C VAL B 151 9.75 -62.92 -24.13
N ASP B 152 10.23 -63.93 -23.42
CA ASP B 152 11.32 -64.79 -23.87
C ASP B 152 12.54 -63.98 -24.26
N ASN B 153 12.87 -63.01 -23.39
CA ASN B 153 14.04 -62.15 -23.57
C ASN B 153 13.99 -61.44 -24.93
N ALA B 154 12.81 -60.93 -25.29
CA ALA B 154 12.61 -60.18 -26.52
C ALA B 154 11.84 -58.91 -26.18
N LEU B 155 12.47 -57.76 -26.38
CA LEU B 155 11.84 -56.50 -26.02
C LEU B 155 10.56 -56.28 -26.82
N GLN B 156 9.59 -55.64 -26.20
CA GLN B 156 8.30 -55.42 -26.83
C GLN B 156 8.06 -53.94 -27.02
N SER B 157 7.52 -53.57 -28.17
CA SER B 157 7.12 -52.21 -28.37
C SER B 157 5.68 -52.10 -28.85
N GLY B 158 4.90 -51.23 -28.22
CA GLY B 158 3.58 -50.89 -28.73
C GLY B 158 2.42 -51.83 -28.50
N ASN B 159 2.58 -52.82 -27.65
CA ASN B 159 1.46 -53.67 -27.28
C ASN B 159 1.03 -53.46 -25.85
N SER B 160 1.40 -52.32 -25.27
CA SER B 160 1.25 -52.16 -23.84
C SER B 160 0.81 -50.75 -23.52
N GLN B 161 -0.02 -50.62 -22.50
CA GLN B 161 -0.45 -49.33 -22.03
C GLN B 161 -0.20 -49.25 -20.56
N GLU B 162 0.20 -48.10 -20.06
CA GLU B 162 0.43 -47.96 -18.63
C GLU B 162 -0.41 -46.81 -18.07
N SER B 163 -0.72 -46.92 -16.78
CA SER B 163 -1.55 -45.94 -16.09
C SER B 163 -0.92 -45.62 -14.76
N VAL B 164 -0.82 -44.33 -14.44
CA VAL B 164 -0.19 -43.86 -13.21
C VAL B 164 -1.26 -43.24 -12.32
N THR B 165 -1.18 -43.53 -11.02
CA THR B 165 -2.16 -43.00 -10.09
C THR B 165 -1.80 -41.57 -9.69
N GLU B 166 -2.80 -40.85 -9.20
CA GLU B 166 -2.54 -39.51 -8.69
C GLU B 166 -1.78 -39.58 -7.37
N GLN B 167 -1.08 -38.49 -7.05
CA GLN B 167 -0.25 -38.48 -5.86
C GLN B 167 -1.10 -38.69 -4.62
N ASP B 168 -0.71 -39.67 -3.80
CA ASP B 168 -1.46 -39.97 -2.58
C ASP B 168 -1.40 -38.79 -1.62
N SER B 169 -2.54 -38.45 -1.03
CA SER B 169 -2.61 -37.31 -0.13
C SER B 169 -2.06 -37.60 1.26
N LYS B 170 -1.66 -38.84 1.55
CA LYS B 170 -1.08 -39.20 2.83
C LYS B 170 0.40 -39.52 2.67
N ASP B 171 0.73 -40.61 1.97
CA ASP B 171 2.12 -41.02 1.82
C ASP B 171 2.85 -40.29 0.70
N SER B 172 2.12 -39.57 -0.16
CA SER B 172 2.72 -38.73 -1.20
C SER B 172 3.54 -39.55 -2.20
N THR B 173 3.02 -40.70 -2.60
CA THR B 173 3.70 -41.59 -3.53
C THR B 173 2.83 -41.79 -4.77
N TYR B 174 3.37 -42.52 -5.74
CA TYR B 174 2.69 -42.84 -6.98
C TYR B 174 2.52 -44.34 -7.12
N SER B 175 1.83 -44.75 -8.18
CA SER B 175 1.62 -46.17 -8.47
C SER B 175 1.33 -46.32 -9.96
N LEU B 176 2.04 -47.24 -10.61
CA LEU B 176 1.92 -47.44 -12.05
C LEU B 176 1.36 -48.83 -12.34
N SER B 177 0.62 -48.94 -13.44
CA SER B 177 -0.02 -50.20 -13.84
C SER B 177 0.14 -50.35 -15.35
N SER B 178 1.22 -50.99 -15.76
CA SER B 178 1.46 -51.29 -17.17
C SER B 178 0.84 -52.64 -17.50
N THR B 179 0.00 -52.66 -18.54
CA THR B 179 -0.65 -53.89 -18.97
C THR B 179 -0.32 -54.18 -20.43
N LEU B 180 -0.05 -55.46 -20.71
CA LEU B 180 0.37 -55.90 -22.04
C LEU B 180 -0.70 -56.85 -22.58
N THR B 181 -1.33 -56.45 -23.69
CA THR B 181 -2.47 -57.17 -24.23
C THR B 181 -2.03 -57.99 -25.45
N LEU B 182 -2.24 -59.30 -25.38
CA LEU B 182 -1.92 -60.21 -26.48
C LEU B 182 -3.15 -61.02 -26.83
N SER B 183 -3.12 -61.62 -28.02
CA SER B 183 -4.12 -62.60 -28.38
C SER B 183 -3.89 -63.88 -27.59
N LYS B 184 -4.95 -64.67 -27.42
CA LYS B 184 -4.81 -65.96 -26.78
C LYS B 184 -3.82 -66.83 -27.54
N ALA B 185 -3.99 -66.93 -28.85
CA ALA B 185 -3.09 -67.76 -29.66
C ALA B 185 -1.65 -67.30 -29.52
N ASP B 186 -1.42 -65.99 -29.59
CA ASP B 186 -0.06 -65.48 -29.44
C ASP B 186 0.48 -65.67 -28.03
N TYR B 187 -0.40 -65.80 -27.04
CA TYR B 187 0.05 -65.93 -25.67
C TYR B 187 0.66 -67.30 -25.40
N GLU B 188 0.13 -68.35 -26.04
CA GLU B 188 0.63 -69.69 -25.76
C GLU B 188 1.98 -69.97 -26.40
N LYS B 189 2.27 -69.30 -27.52
CA LYS B 189 3.50 -69.59 -28.25
C LYS B 189 4.73 -69.43 -27.38
N HIS B 190 4.73 -68.43 -26.51
CA HIS B 190 5.85 -68.15 -25.64
C HIS B 190 5.52 -68.59 -24.21
N LYS B 191 6.55 -68.63 -23.36
CA LYS B 191 6.44 -69.33 -22.08
C LYS B 191 6.93 -68.59 -20.86
N VAL B 192 7.80 -67.59 -20.97
CA VAL B 192 8.29 -66.88 -19.80
C VAL B 192 8.13 -65.39 -20.04
N TYR B 193 7.32 -64.73 -19.21
CA TYR B 193 6.99 -63.33 -19.35
C TYR B 193 7.61 -62.56 -18.19
N ALA B 194 8.41 -61.54 -18.52
CA ALA B 194 9.12 -60.76 -17.54
C ALA B 194 8.74 -59.29 -17.64
N CYS B 195 9.00 -58.55 -16.56
CA CYS B 195 8.68 -57.13 -16.48
C CYS B 195 9.87 -56.43 -15.85
N GLU B 196 10.67 -55.75 -16.68
CA GLU B 196 11.83 -55.01 -16.21
C GLU B 196 11.41 -53.61 -15.76
N VAL B 197 11.99 -53.16 -14.65
CA VAL B 197 11.62 -51.89 -14.03
C VAL B 197 12.88 -51.08 -13.78
N THR B 198 12.90 -49.84 -14.25
CA THR B 198 13.98 -48.91 -14.02
C THR B 198 13.46 -47.72 -13.23
N HIS B 199 14.12 -47.40 -12.11
CA HIS B 199 13.68 -46.30 -11.26
C HIS B 199 14.87 -45.77 -10.49
N GLN B 200 14.73 -44.53 -10.01
CA GLN B 200 15.83 -43.87 -9.30
C GLN B 200 16.09 -44.53 -7.95
N GLY B 201 15.03 -44.96 -7.26
CA GLY B 201 15.19 -45.62 -5.98
C GLY B 201 15.69 -47.05 -6.09
N LEU B 202 16.03 -47.47 -7.30
CA LEU B 202 16.56 -48.81 -7.56
C LEU B 202 17.98 -48.68 -8.09
N SER B 203 18.92 -49.31 -7.38
CA SER B 203 20.31 -49.24 -7.80
C SER B 203 20.53 -49.93 -9.14
N SER B 204 19.79 -51.00 -9.39
CA SER B 204 19.84 -51.74 -10.64
C SER B 204 18.43 -52.12 -11.04
N PRO B 205 18.15 -52.15 -12.34
CA PRO B 205 16.79 -52.49 -12.79
C PRO B 205 16.33 -53.84 -12.25
N VAL B 206 15.07 -53.88 -11.85
CA VAL B 206 14.45 -55.07 -11.25
C VAL B 206 13.59 -55.75 -12.31
N THR B 207 13.56 -57.09 -12.27
CA THR B 207 12.80 -57.88 -13.23
C THR B 207 12.00 -58.93 -12.48
N LYS B 208 10.67 -58.80 -12.50
CA LYS B 208 9.77 -59.81 -11.96
C LYS B 208 9.17 -60.57 -13.13
N SER B 209 9.16 -61.91 -13.04
CA SER B 209 8.75 -62.75 -14.16
C SER B 209 7.99 -63.96 -13.66
N PHE B 210 7.45 -64.73 -14.61
CA PHE B 210 6.79 -66.00 -14.28
C PHE B 210 6.86 -66.90 -15.51
N ASN B 211 7.24 -68.15 -15.33
CA ASN B 211 7.19 -69.06 -16.44
C ASN B 211 5.74 -69.38 -16.67
N ARG B 212 5.33 -69.37 -17.91
CA ARG B 212 3.92 -69.48 -18.23
C ARG B 212 3.44 -70.80 -17.70
N GLY B 213 2.15 -70.86 -17.39
CA GLY B 213 1.60 -71.97 -16.64
C GLY B 213 2.01 -71.68 -15.21
N GLU B 214 1.92 -72.68 -14.33
CA GLU B 214 2.38 -72.46 -12.98
C GLU B 214 2.73 -73.74 -12.31
N CYS B 215 3.59 -73.66 -11.30
CA CYS B 215 3.76 -74.77 -10.39
C CYS B 215 4.36 -76.01 -11.05
N ASN C 6 -40.82 3.37 -35.43
CA ASN C 6 -41.72 2.34 -35.94
C ASN C 6 -41.07 0.96 -35.91
N ASP C 7 -39.74 0.92 -35.75
CA ASP C 7 -39.03 -0.34 -35.73
C ASP C 7 -37.76 -0.17 -34.89
N ASN C 8 -36.87 -1.15 -34.96
CA ASN C 8 -35.66 -1.19 -34.14
C ASN C 8 -34.59 -0.22 -34.69
N SER C 9 -34.93 1.07 -34.63
CA SER C 9 -34.01 2.12 -35.06
C SER C 9 -33.12 2.62 -33.94
N THR C 10 -33.57 2.49 -32.69
CA THR C 10 -32.87 3.05 -31.55
C THR C 10 -32.89 2.05 -30.41
N ALA C 11 -32.06 2.32 -29.39
CA ALA C 11 -31.93 1.47 -28.22
C ALA C 11 -31.95 2.31 -26.96
N THR C 12 -32.13 1.65 -25.82
CA THR C 12 -32.23 2.30 -24.52
C THR C 12 -31.21 1.70 -23.56
N LEU C 13 -30.54 2.56 -22.79
CA LEU C 13 -29.58 2.14 -21.78
C LEU C 13 -29.98 2.76 -20.46
N CYS C 14 -30.35 1.92 -19.50
CA CYS C 14 -30.81 2.37 -18.19
C CYS C 14 -29.74 2.11 -17.14
N LEU C 15 -29.61 3.02 -16.19
CA LEU C 15 -28.72 2.87 -15.05
C LEU C 15 -29.56 2.59 -13.80
N GLY C 16 -29.06 1.72 -12.93
CA GLY C 16 -29.76 1.42 -11.71
C GLY C 16 -28.83 0.99 -10.59
N HIS C 17 -29.38 0.43 -9.51
CA HIS C 17 -28.55 -0.03 -8.42
C HIS C 17 -29.20 -1.21 -7.72
N HIS C 18 -28.47 -1.79 -6.77
CA HIS C 18 -28.97 -2.95 -6.04
C HIS C 18 -30.12 -2.55 -5.13
N ALA C 19 -31.01 -3.50 -4.87
CA ALA C 19 -32.17 -3.24 -4.03
C ALA C 19 -32.71 -4.56 -3.50
N VAL C 20 -33.26 -4.53 -2.29
CA VAL C 20 -33.89 -5.70 -1.68
C VAL C 20 -35.20 -5.28 -1.03
N PRO C 21 -36.14 -6.21 -0.93
CA PRO C 21 -37.45 -5.87 -0.34
C PRO C 21 -37.38 -5.59 1.16
N ASN C 22 -36.74 -6.46 1.91
CA ASN C 22 -36.68 -6.35 3.37
C ASN C 22 -35.28 -5.90 3.76
N GLY C 23 -35.06 -4.59 3.69
CA GLY C 23 -33.80 -4.00 4.11
C GLY C 23 -33.76 -3.81 5.61
N THR C 24 -32.71 -3.12 6.06
CA THR C 24 -32.49 -2.86 7.48
C THR C 24 -32.46 -1.37 7.73
N LEU C 25 -33.10 -0.95 8.82
CA LEU C 25 -33.17 0.47 9.19
C LEU C 25 -31.93 0.85 10.00
N VAL C 26 -31.32 1.96 9.64
CA VAL C 26 -30.09 2.43 10.28
C VAL C 26 -30.23 3.91 10.58
N LYS C 27 -29.51 4.36 11.61
CA LYS C 27 -29.58 5.75 12.03
C LYS C 27 -28.48 6.57 11.36
N THR C 28 -28.82 7.80 10.99
CA THR C 28 -27.86 8.75 10.43
C THR C 28 -28.13 10.11 11.05
N ILE C 29 -27.47 11.13 10.53
CA ILE C 29 -27.61 12.49 11.07
C ILE C 29 -28.80 13.21 10.45
N THR C 30 -28.93 13.14 9.12
CA THR C 30 -30.06 13.78 8.46
C THR C 30 -31.38 13.12 8.83
N ASP C 31 -31.44 11.79 8.74
CA ASP C 31 -32.65 11.04 9.03
C ASP C 31 -32.49 10.25 10.32
N ASP C 32 -33.62 10.02 11.00
CA ASP C 32 -33.60 9.15 12.17
C ASP C 32 -33.48 7.68 11.76
N GLN C 33 -33.96 7.32 10.57
CA GLN C 33 -33.91 5.94 10.12
C GLN C 33 -33.88 5.90 8.60
N ILE C 34 -32.88 5.23 8.05
CA ILE C 34 -32.75 5.02 6.61
C ILE C 34 -32.63 3.53 6.37
N GLU C 35 -33.49 2.99 5.50
CA GLU C 35 -33.44 1.58 5.16
C GLU C 35 -32.31 1.34 4.17
N VAL C 36 -31.31 0.57 4.58
CA VAL C 36 -30.17 0.27 3.72
C VAL C 36 -30.20 -1.21 3.35
N THR C 37 -29.43 -1.55 2.32
CA THR C 37 -29.45 -2.90 1.77
C THR C 37 -28.78 -3.90 2.70
N ASN C 38 -27.67 -3.51 3.34
CA ASN C 38 -26.92 -4.40 4.19
C ASN C 38 -26.38 -3.65 5.38
N ALA C 39 -26.40 -4.28 6.54
CA ALA C 39 -25.89 -3.68 7.77
C ALA C 39 -25.49 -4.80 8.73
N THR C 40 -25.05 -4.42 9.92
CA THR C 40 -24.66 -5.38 10.95
C THR C 40 -24.96 -4.80 12.32
N GLU C 41 -25.28 -5.68 13.26
CA GLU C 41 -25.60 -5.29 14.63
C GLU C 41 -24.33 -5.23 15.48
N LEU C 42 -24.25 -4.20 16.33
CA LEU C 42 -23.06 -3.99 17.15
C LEU C 42 -23.29 -4.21 18.64
N VAL C 43 -24.53 -4.44 19.08
CA VAL C 43 -24.83 -4.67 20.49
C VAL C 43 -25.29 -6.11 20.65
N GLN C 44 -24.98 -6.68 21.81
CA GLN C 44 -25.37 -8.05 22.15
C GLN C 44 -26.49 -7.95 23.19
N SER C 45 -27.71 -7.78 22.71
CA SER C 45 -28.87 -7.64 23.59
C SER C 45 -29.47 -8.98 23.99
N SER C 46 -29.14 -10.05 23.29
CA SER C 46 -29.67 -11.37 23.60
C SER C 46 -28.73 -12.11 24.55
N SER C 47 -29.27 -13.13 25.20
CA SER C 47 -28.50 -13.94 26.13
C SER C 47 -29.19 -15.29 26.30
N THR C 48 -28.39 -16.35 26.42
CA THR C 48 -28.96 -17.68 26.64
C THR C 48 -29.68 -17.78 27.97
N GLY C 49 -29.36 -16.92 28.94
CA GLY C 49 -30.01 -16.88 30.23
C GLY C 49 -29.29 -17.64 31.32
N LYS C 50 -28.57 -18.70 30.97
CA LYS C 50 -27.85 -19.51 31.93
C LYS C 50 -26.37 -19.17 31.92
N ILE C 51 -25.73 -19.41 33.04
CA ILE C 51 -24.30 -19.16 33.21
C ILE C 51 -23.53 -20.42 32.80
N CYS C 52 -22.40 -20.22 32.12
CA CYS C 52 -21.63 -21.32 31.58
C CYS C 52 -20.53 -21.73 32.55
N ASN C 53 -20.42 -23.04 32.80
CA ASN C 53 -19.49 -23.54 33.80
C ASN C 53 -18.04 -23.43 33.37
N ASN C 54 -17.78 -23.30 32.07
CA ASN C 54 -16.41 -23.21 31.57
C ASN C 54 -16.23 -21.93 30.74
N PRO C 55 -14.98 -21.43 30.64
CA PRO C 55 -13.71 -21.98 31.13
C PRO C 55 -13.35 -21.61 32.57
N HIS C 56 -14.05 -20.64 33.17
CA HIS C 56 -13.72 -20.20 34.51
C HIS C 56 -14.27 -21.17 35.55
N ARG C 57 -13.62 -21.22 36.71
CA ARG C 57 -14.08 -22.07 37.80
C ARG C 57 -15.13 -21.32 38.59
N ILE C 58 -16.40 -21.67 38.38
CA ILE C 58 -17.51 -20.98 39.01
C ILE C 58 -17.95 -21.75 40.24
N LEU C 59 -18.31 -21.02 41.30
CA LEU C 59 -18.73 -21.61 42.57
C LEU C 59 -20.07 -21.03 42.96
N ASP C 60 -21.11 -21.87 43.00
CA ASP C 60 -22.45 -21.41 43.33
C ASP C 60 -22.66 -21.52 44.84
N GLY C 61 -22.69 -20.38 45.52
CA GLY C 61 -23.03 -20.34 46.92
C GLY C 61 -24.53 -20.35 47.11
N ILE C 62 -25.10 -21.52 47.24
CA ILE C 62 -26.51 -21.62 47.08
C ILE C 62 -27.26 -20.83 48.11
N ASP C 63 -26.91 -20.99 49.37
CA ASP C 63 -27.65 -20.31 50.42
C ASP C 63 -26.75 -19.50 51.29
N CYS C 64 -25.45 -19.58 51.03
CA CYS C 64 -24.48 -18.93 51.88
C CYS C 64 -23.73 -17.82 51.16
N THR C 65 -23.74 -16.64 51.77
CA THR C 65 -22.98 -15.50 51.28
C THR C 65 -21.49 -15.80 51.43
N LEU C 66 -20.66 -14.96 50.79
CA LEU C 66 -19.22 -15.19 50.85
C LEU C 66 -18.70 -14.99 52.26
N ILE C 67 -19.27 -14.03 52.99
CA ILE C 67 -18.83 -13.77 54.35
C ILE C 67 -19.26 -14.92 55.27
N ASP C 68 -20.50 -15.38 55.14
CA ASP C 68 -20.98 -16.47 55.98
C ASP C 68 -20.15 -17.73 55.77
N ALA C 69 -19.79 -18.04 54.53
CA ALA C 69 -18.91 -19.18 54.28
C ALA C 69 -17.51 -18.93 54.84
N LEU C 70 -17.06 -17.68 54.85
CA LEU C 70 -15.74 -17.37 55.40
C LEU C 70 -15.72 -17.62 56.91
N LEU C 71 -16.66 -17.02 57.61
CA LEU C 71 -16.72 -17.15 59.04
C LEU C 71 -16.98 -18.55 59.55
N GLY C 72 -17.96 -19.22 58.97
CA GLY C 72 -18.26 -20.57 59.41
C GLY C 72 -19.68 -20.84 59.85
N ASP C 73 -20.67 -20.25 59.18
CA ASP C 73 -22.06 -20.48 59.52
C ASP C 73 -22.29 -21.95 59.29
N PRO C 74 -22.95 -22.62 60.22
CA PRO C 74 -23.06 -24.09 60.11
C PRO C 74 -23.52 -24.61 58.75
N HIS C 75 -24.56 -24.03 58.16
CA HIS C 75 -25.00 -24.57 56.88
C HIS C 75 -24.07 -24.24 55.73
N CYS C 76 -23.00 -23.49 56.02
CA CYS C 76 -21.99 -23.18 55.01
C CYS C 76 -20.74 -24.07 55.11
N ASP C 77 -20.77 -25.05 56.01
CA ASP C 77 -19.58 -25.83 56.31
C ASP C 77 -19.08 -26.63 55.13
N VAL C 78 -19.85 -26.73 54.05
CA VAL C 78 -19.40 -27.44 52.87
C VAL C 78 -18.36 -26.63 52.10
N PHE C 79 -18.29 -25.32 52.34
CA PHE C 79 -17.43 -24.43 51.58
C PHE C 79 -16.02 -24.30 52.17
N GLN C 80 -15.60 -25.22 53.03
CA GLN C 80 -14.29 -25.10 53.65
C GLN C 80 -13.20 -25.40 52.63
N ASN C 81 -12.13 -24.59 52.66
CA ASN C 81 -10.99 -24.68 51.75
C ASN C 81 -11.40 -24.55 50.28
N GLU C 82 -12.60 -24.04 50.01
CA GLU C 82 -13.11 -24.02 48.65
C GLU C 82 -12.50 -22.86 47.85
N THR C 83 -12.25 -23.11 46.57
CA THR C 83 -11.65 -22.13 45.67
C THR C 83 -12.61 -21.82 44.53
N TRP C 84 -12.34 -20.73 43.83
CA TRP C 84 -13.24 -20.27 42.78
C TRP C 84 -12.55 -19.27 41.88
N ASP C 85 -12.95 -19.25 40.61
CA ASP C 85 -12.66 -18.11 39.75
C ASP C 85 -13.71 -17.02 39.92
N LEU C 86 -14.97 -17.42 40.08
CA LEU C 86 -16.07 -16.48 40.27
C LEU C 86 -17.07 -17.07 41.26
N PHE C 87 -17.23 -16.42 42.40
CA PHE C 87 -18.24 -16.79 43.38
C PHE C 87 -19.53 -16.07 43.04
N VAL C 88 -20.64 -16.80 43.06
CA VAL C 88 -21.95 -16.21 42.80
C VAL C 88 -22.80 -16.34 44.05
N GLU C 89 -23.52 -15.29 44.40
CA GLU C 89 -24.42 -15.27 45.55
C GLU C 89 -25.86 -15.23 45.06
N ARG C 90 -26.68 -16.13 45.58
CA ARG C 90 -28.08 -16.16 45.19
C ARG C 90 -28.88 -15.16 46.03
N SER C 91 -30.12 -14.91 45.62
CA SER C 91 -30.99 -14.07 46.41
C SER C 91 -31.45 -14.77 47.67
N LYS C 92 -31.62 -16.10 47.60
CA LYS C 92 -32.14 -16.87 48.72
C LYS C 92 -31.14 -17.01 49.86
N ALA C 93 -29.85 -16.77 49.60
CA ALA C 93 -28.81 -16.97 50.60
C ALA C 93 -29.14 -16.21 51.87
N PHE C 94 -29.04 -16.90 53.01
CA PHE C 94 -29.39 -16.35 54.30
C PHE C 94 -28.27 -16.61 55.30
N SER C 95 -28.44 -16.06 56.50
CA SER C 95 -27.56 -16.33 57.62
C SER C 95 -28.37 -16.88 58.78
N ASN C 96 -27.83 -17.89 59.45
CA ASN C 96 -28.51 -18.57 60.54
C ASN C 96 -27.53 -18.91 61.65
N CYS C 97 -26.94 -17.83 62.19
CA CYS C 97 -25.85 -17.90 63.16
C CYS C 97 -25.82 -16.60 63.98
N TYR C 98 -25.12 -16.61 65.11
CA TYR C 98 -25.15 -15.48 66.02
C TYR C 98 -25.21 -14.18 65.23
N PRO C 99 -26.14 -13.28 65.53
CA PRO C 99 -26.26 -12.05 64.74
C PRO C 99 -25.00 -11.21 64.85
N TYR C 100 -24.59 -10.64 63.72
CA TYR C 100 -23.32 -9.94 63.66
C TYR C 100 -23.43 -8.77 62.68
N ASP C 101 -22.33 -8.05 62.53
CA ASP C 101 -22.23 -6.93 61.61
C ASP C 101 -20.77 -6.65 61.33
N VAL C 102 -20.47 -6.29 60.09
CA VAL C 102 -19.12 -5.97 59.66
C VAL C 102 -19.07 -4.49 59.30
N PRO C 103 -18.30 -3.66 60.01
CA PRO C 103 -18.25 -2.24 59.67
C PRO C 103 -17.82 -1.99 58.22
N ASP C 104 -16.86 -2.75 57.73
CA ASP C 104 -16.42 -2.66 56.34
C ASP C 104 -16.78 -3.96 55.64
N TYR C 105 -18.08 -4.17 55.42
CA TYR C 105 -18.54 -5.40 54.80
C TYR C 105 -18.05 -5.51 53.37
N ALA C 106 -18.32 -4.49 52.56
CA ALA C 106 -17.96 -4.55 51.15
C ALA C 106 -16.45 -4.61 50.97
N SER C 107 -15.70 -3.93 51.85
CA SER C 107 -14.25 -3.95 51.74
C SER C 107 -13.71 -5.34 52.01
N LEU C 108 -14.23 -6.01 53.04
CA LEU C 108 -13.78 -7.36 53.36
C LEU C 108 -14.27 -8.36 52.31
N ARG C 109 -15.52 -8.24 51.87
CA ARG C 109 -16.05 -9.15 50.85
C ARG C 109 -15.25 -9.05 49.57
N SER C 110 -14.87 -7.83 49.17
CA SER C 110 -14.08 -7.68 47.95
C SER C 110 -12.66 -8.21 48.14
N LEU C 111 -12.09 -8.02 49.33
CA LEU C 111 -10.74 -8.49 49.59
C LEU C 111 -10.65 -10.01 49.47
N VAL C 112 -11.57 -10.72 50.12
CA VAL C 112 -11.54 -12.18 50.08
C VAL C 112 -11.95 -12.69 48.71
N ALA C 113 -12.85 -11.98 48.02
CA ALA C 113 -13.26 -12.42 46.69
C ALA C 113 -12.12 -12.31 45.68
N SER C 114 -11.31 -11.26 45.79
CA SER C 114 -10.20 -11.08 44.86
C SER C 114 -9.25 -12.27 44.90
N SER C 115 -9.05 -12.86 46.07
CA SER C 115 -8.28 -14.09 46.21
C SER C 115 -9.20 -15.28 46.01
N GLY C 116 -8.98 -16.05 44.97
CA GLY C 116 -9.91 -17.10 44.62
C GLY C 116 -9.84 -18.35 45.48
N THR C 117 -9.76 -18.17 46.80
CA THR C 117 -9.63 -19.31 47.69
C THR C 117 -10.14 -18.95 49.08
N LEU C 118 -10.60 -19.98 49.80
CA LEU C 118 -10.99 -19.86 51.20
C LEU C 118 -10.08 -20.71 52.09
N GLU C 119 -8.88 -21.04 51.60
CA GLU C 119 -7.97 -21.96 52.26
C GLU C 119 -7.63 -21.48 53.67
N PHE C 120 -8.15 -22.18 54.67
CA PHE C 120 -7.93 -21.85 56.07
C PHE C 120 -7.08 -22.93 56.71
N ILE C 121 -6.09 -22.53 57.50
CA ILE C 121 -5.33 -23.46 58.33
C ILE C 121 -5.37 -22.98 59.76
N THR C 122 -5.61 -23.90 60.70
CA THR C 122 -5.69 -23.52 62.10
C THR C 122 -4.30 -23.26 62.65
N GLU C 123 -4.26 -22.52 63.76
CA GLU C 123 -3.01 -22.20 64.43
C GLU C 123 -3.15 -22.46 65.92
N GLY C 124 -2.02 -22.78 66.55
CA GLY C 124 -2.03 -23.17 67.95
C GLY C 124 -1.99 -22.01 68.92
N PHE C 125 -3.07 -21.23 68.98
CA PHE C 125 -3.17 -20.19 69.99
C PHE C 125 -3.31 -20.81 71.37
N THR C 126 -2.74 -20.15 72.37
CA THR C 126 -2.75 -20.64 73.74
C THR C 126 -3.51 -19.63 74.60
N TRP C 127 -4.83 -19.82 74.71
CA TRP C 127 -5.67 -18.96 75.53
C TRP C 127 -5.74 -19.56 76.93
N THR C 128 -4.78 -19.20 77.77
CA THR C 128 -4.68 -19.79 79.09
C THR C 128 -5.58 -19.08 80.09
N GLY C 129 -6.12 -19.84 81.03
CA GLY C 129 -6.98 -19.28 82.05
C GLY C 129 -8.34 -18.85 81.58
N VAL C 130 -8.78 -19.35 80.42
CA VAL C 130 -10.04 -18.93 79.83
C VAL C 130 -10.63 -20.11 79.06
N THR C 131 -11.96 -20.26 79.13
CA THR C 131 -12.63 -21.37 78.47
C THR C 131 -12.85 -21.05 77.00
N GLN C 132 -12.61 -22.05 76.16
CA GLN C 132 -12.73 -21.89 74.72
C GLN C 132 -14.00 -22.58 74.20
N ASN C 133 -14.27 -22.37 72.92
CA ASN C 133 -15.36 -23.02 72.21
C ASN C 133 -16.72 -22.71 72.83
N GLY C 134 -17.03 -21.41 72.97
CA GLY C 134 -18.36 -21.01 73.34
C GLY C 134 -19.37 -21.36 72.26
N GLY C 135 -20.65 -21.37 72.64
CA GLY C 135 -21.68 -21.83 71.73
C GLY C 135 -22.99 -21.10 71.93
N SER C 136 -23.83 -21.17 70.89
CA SER C 136 -25.14 -20.56 70.90
C SER C 136 -26.11 -21.48 70.18
N ASN C 137 -27.38 -21.39 70.58
CA ASN C 137 -28.45 -22.16 69.96
C ASN C 137 -29.03 -21.48 68.73
N ALA C 138 -28.60 -20.26 68.47
CA ALA C 138 -28.89 -19.66 67.20
C ALA C 138 -28.22 -20.48 66.13
N CYS C 139 -26.95 -20.81 66.32
CA CYS C 139 -26.43 -21.80 65.41
C CYS C 139 -26.50 -23.07 66.21
N LYS C 140 -27.52 -23.90 66.01
CA LYS C 140 -27.33 -25.18 66.60
C LYS C 140 -26.48 -25.78 65.54
N ARG C 141 -25.42 -26.46 65.92
CA ARG C 141 -24.59 -27.13 64.94
C ARG C 141 -24.77 -28.61 65.12
N GLY C 142 -25.30 -29.27 64.10
CA GLY C 142 -25.75 -30.64 64.26
C GLY C 142 -26.82 -30.70 65.33
N PRO C 143 -26.66 -31.60 66.29
CA PRO C 143 -27.67 -31.79 67.33
C PRO C 143 -27.55 -30.76 68.44
N GLY C 144 -26.32 -30.45 68.84
CA GLY C 144 -26.07 -29.57 69.96
C GLY C 144 -25.79 -28.13 69.52
N SER C 145 -25.47 -27.31 70.52
CA SER C 145 -25.15 -25.92 70.28
C SER C 145 -23.80 -25.81 69.58
N GLY C 146 -23.56 -24.65 68.98
CA GLY C 146 -22.34 -24.44 68.24
C GLY C 146 -22.06 -22.96 67.99
N PHE C 147 -21.06 -22.73 67.15
CA PHE C 147 -20.58 -21.38 66.85
C PHE C 147 -19.99 -21.38 65.46
N PHE C 148 -19.40 -20.26 65.08
CA PHE C 148 -18.75 -20.18 63.78
C PHE C 148 -17.55 -21.11 63.73
N SER C 149 -17.28 -21.69 62.59
CA SER C 149 -16.23 -22.66 62.49
C SER C 149 -14.87 -22.09 62.78
N ARG C 150 -14.63 -20.89 62.28
CA ARG C 150 -13.31 -20.27 62.31
C ARG C 150 -13.11 -19.29 63.43
N LEU C 151 -14.05 -19.27 64.35
CA LEU C 151 -13.96 -18.37 65.46
C LEU C 151 -14.04 -19.10 66.78
N ASN C 152 -13.20 -18.70 67.72
CA ASN C 152 -13.14 -19.32 69.04
C ASN C 152 -13.71 -18.33 70.05
N TRP C 153 -14.85 -18.68 70.63
CA TRP C 153 -15.52 -17.80 71.60
C TRP C 153 -14.92 -18.08 72.97
N LEU C 154 -14.24 -17.08 73.53
CA LEU C 154 -13.59 -17.21 74.83
C LEU C 154 -14.51 -16.67 75.93
N THR C 155 -14.78 -17.51 76.94
CA THR C 155 -15.58 -17.14 78.09
C THR C 155 -14.83 -17.48 79.36
N LYS C 156 -15.27 -16.88 80.47
CA LYS C 156 -14.49 -16.91 81.70
C LYS C 156 -14.28 -18.34 82.20
N SER C 157 -13.17 -18.54 82.90
CA SER C 157 -12.84 -19.82 83.52
C SER C 157 -12.94 -19.67 85.03
N GLY C 158 -13.79 -20.47 85.64
CA GLY C 158 -14.03 -20.33 87.07
C GLY C 158 -14.69 -19.00 87.35
N SER C 159 -14.01 -18.14 88.11
CA SER C 159 -14.46 -16.77 88.35
C SER C 159 -13.44 -15.75 87.90
N THR C 160 -12.50 -16.14 87.04
CA THR C 160 -11.41 -15.29 86.60
C THR C 160 -11.35 -15.26 85.08
N TYR C 161 -11.25 -14.05 84.52
CA TYR C 161 -10.93 -13.84 83.12
C TYR C 161 -9.76 -12.88 83.06
N PRO C 162 -8.56 -13.36 82.80
CA PRO C 162 -7.36 -12.52 82.90
C PRO C 162 -7.18 -11.67 81.65
N VAL C 163 -6.08 -10.92 81.63
CA VAL C 163 -5.68 -10.17 80.44
C VAL C 163 -4.85 -11.11 79.57
N LEU C 164 -5.38 -11.45 78.40
CA LEU C 164 -4.68 -12.32 77.47
C LEU C 164 -3.77 -11.49 76.59
N ASN C 165 -2.48 -11.84 76.55
CA ASN C 165 -1.55 -11.21 75.60
C ASN C 165 -0.90 -12.35 74.83
N VAL C 166 -1.52 -12.74 73.73
CA VAL C 166 -1.04 -13.82 72.88
C VAL C 166 -0.35 -13.21 71.67
N THR C 167 0.90 -13.60 71.45
CA THR C 167 1.66 -13.16 70.28
C THR C 167 1.85 -14.34 69.33
N MET C 168 1.96 -14.03 68.03
CA MET C 168 2.02 -15.06 67.00
C MET C 168 2.77 -14.48 65.80
N PRO C 169 4.03 -14.86 65.62
CA PRO C 169 4.81 -14.31 64.52
C PRO C 169 4.43 -14.94 63.19
N ASN C 170 4.85 -14.30 62.11
CA ASN C 170 4.63 -14.78 60.75
C ASN C 170 5.99 -15.02 60.11
N ASN C 171 6.23 -16.26 59.69
CA ASN C 171 7.51 -16.64 59.08
C ASN C 171 7.30 -17.29 57.71
N ASP C 172 6.28 -16.86 56.98
CA ASP C 172 5.95 -17.40 55.68
C ASP C 172 6.05 -16.33 54.61
N ASN C 173 6.08 -16.77 53.36
CA ASN C 173 6.26 -15.86 52.23
C ASN C 173 5.00 -15.13 51.81
N PHE C 174 3.82 -15.68 52.12
CA PHE C 174 2.56 -15.07 51.73
C PHE C 174 2.03 -14.17 52.85
N ASP C 175 0.91 -13.50 52.59
CA ASP C 175 0.24 -12.67 53.57
C ASP C 175 -0.87 -13.47 54.25
N LYS C 176 -1.03 -13.26 55.54
CA LYS C 176 -2.05 -13.94 56.32
C LYS C 176 -3.23 -13.00 56.56
N LEU C 177 -4.44 -13.58 56.58
CA LEU C 177 -5.66 -12.85 56.89
C LEU C 177 -6.28 -13.45 58.14
N TYR C 178 -6.39 -12.65 59.20
CA TYR C 178 -6.95 -13.08 60.46
C TYR C 178 -8.33 -12.43 60.63
N ILE C 179 -9.34 -13.26 60.85
CA ILE C 179 -10.71 -12.80 61.08
C ILE C 179 -11.04 -13.02 62.55
N TRP C 180 -11.50 -11.97 63.22
CA TRP C 180 -11.82 -12.03 64.64
C TRP C 180 -13.05 -11.18 64.90
N GLY C 181 -13.42 -11.04 66.18
CA GLY C 181 -14.64 -10.32 66.49
C GLY C 181 -14.68 -9.88 67.94
N VAL C 182 -15.62 -8.99 68.22
CA VAL C 182 -15.85 -8.46 69.56
C VAL C 182 -17.32 -8.60 69.90
N HIS C 183 -17.62 -9.16 71.06
CA HIS C 183 -18.99 -9.45 71.45
C HIS C 183 -19.59 -8.25 72.17
N HIS C 184 -20.81 -7.86 71.74
CA HIS C 184 -21.50 -6.72 72.32
C HIS C 184 -22.74 -7.22 73.05
N PRO C 185 -22.66 -7.47 74.36
CA PRO C 185 -23.83 -7.99 75.09
C PRO C 185 -24.96 -6.98 75.16
N SER C 186 -26.09 -7.37 75.75
CA SER C 186 -27.25 -6.49 75.87
C SER C 186 -27.52 -6.02 77.28
N THR C 187 -26.97 -6.68 78.30
CA THR C 187 -27.13 -6.27 79.68
C THR C 187 -25.79 -6.36 80.39
N ASN C 188 -25.69 -5.63 81.51
CA ASN C 188 -24.48 -5.76 82.33
C ASN C 188 -24.43 -7.12 83.01
N GLN C 189 -25.58 -7.71 83.31
CA GLN C 189 -25.61 -9.06 83.87
C GLN C 189 -24.97 -10.05 82.92
N GLU C 190 -25.28 -9.96 81.63
CA GLU C 190 -24.68 -10.86 80.65
C GLU C 190 -23.19 -10.63 80.50
N GLN C 191 -22.76 -9.36 80.55
CA GLN C 191 -21.33 -9.07 80.46
C GLN C 191 -20.56 -9.62 81.66
N THR C 192 -21.10 -9.46 82.86
CA THR C 192 -20.41 -9.96 84.05
C THR C 192 -20.35 -11.48 84.06
N SER C 193 -21.45 -12.14 83.68
CA SER C 193 -21.49 -13.60 83.75
C SER C 193 -20.49 -14.23 82.78
N LEU C 194 -20.36 -13.66 81.59
CA LEU C 194 -19.46 -14.25 80.59
C LEU C 194 -18.01 -13.85 80.83
N TYR C 195 -17.78 -12.57 81.08
CA TYR C 195 -16.42 -12.06 81.20
C TYR C 195 -15.99 -11.48 82.53
N VAL C 196 -16.84 -11.55 83.55
CA VAL C 196 -16.42 -11.13 84.87
C VAL C 196 -16.26 -9.62 85.02
N GLN C 197 -15.44 -9.02 84.16
CA GLN C 197 -15.17 -7.59 84.19
C GLN C 197 -16.38 -6.76 83.79
N ALA C 198 -16.48 -5.56 84.33
CA ALA C 198 -17.59 -4.68 84.01
C ALA C 198 -17.55 -4.21 82.58
N SER C 199 -16.34 -3.94 82.10
CA SER C 199 -16.16 -3.46 80.74
C SER C 199 -14.93 -4.13 80.15
N GLY C 200 -15.05 -4.62 78.92
CA GLY C 200 -13.97 -5.31 78.26
C GLY C 200 -13.22 -4.42 77.27
N ARG C 201 -12.29 -5.07 76.58
CA ARG C 201 -11.55 -4.46 75.49
C ARG C 201 -11.03 -5.56 74.59
N VAL C 202 -10.72 -5.22 73.35
CA VAL C 202 -10.05 -6.11 72.44
C VAL C 202 -9.07 -5.30 71.62
N THR C 203 -7.78 -5.63 71.71
CA THR C 203 -6.73 -4.93 70.98
C THR C 203 -5.98 -5.89 70.08
N VAL C 204 -5.87 -5.55 68.80
CA VAL C 204 -5.12 -6.32 67.82
C VAL C 204 -4.21 -5.37 67.04
N SER C 205 -2.97 -5.77 66.84
CA SER C 205 -2.01 -4.95 66.16
C SER C 205 -0.97 -5.74 65.39
N THR C 206 -0.41 -5.14 64.35
CA THR C 206 0.85 -5.55 63.79
C THR C 206 1.68 -4.31 63.56
N ARG C 207 2.90 -4.26 64.08
CA ARG C 207 3.80 -3.18 63.76
C ARG C 207 3.12 -1.85 64.01
N ARG C 208 3.15 -0.94 63.05
CA ARG C 208 2.54 0.36 63.28
C ARG C 208 1.02 0.31 63.50
N SER C 209 0.33 -0.52 62.71
CA SER C 209 -1.13 -0.62 62.82
C SER C 209 -1.62 -1.29 64.09
N GLN C 210 -2.60 -0.64 64.73
CA GLN C 210 -3.32 -1.22 65.85
C GLN C 210 -4.82 -0.93 65.73
N GLN C 211 -5.63 -1.90 66.13
CA GLN C 211 -7.07 -1.70 66.24
C GLN C 211 -7.50 -2.00 67.67
N THR C 212 -8.17 -1.04 68.30
CA THR C 212 -8.63 -1.17 69.68
C THR C 212 -10.13 -0.91 69.73
N ILE C 213 -10.88 -1.92 70.16
CA ILE C 213 -12.33 -1.86 70.18
C ILE C 213 -12.81 -1.98 71.62
N ILE C 214 -13.69 -1.07 72.03
CA ILE C 214 -14.34 -1.12 73.34
C ILE C 214 -15.77 -1.61 73.13
N PRO C 215 -16.16 -2.74 73.73
CA PRO C 215 -17.52 -3.25 73.49
C PRO C 215 -18.58 -2.30 74.01
N ASN C 216 -19.78 -2.41 73.45
CA ASN C 216 -20.89 -1.53 73.76
C ASN C 216 -22.05 -2.37 74.23
N ILE C 217 -22.51 -2.12 75.44
CA ILE C 217 -23.68 -2.79 75.94
C ILE C 217 -24.92 -2.01 75.57
N GLU C 218 -25.63 -2.49 74.57
CA GLU C 218 -26.86 -1.89 74.12
C GLU C 218 -27.75 -3.03 73.71
N SER C 219 -29.04 -2.79 73.63
CA SER C 219 -29.92 -3.81 73.14
C SER C 219 -30.23 -3.54 71.70
N ARG C 220 -29.86 -4.49 70.86
CA ARG C 220 -30.03 -4.41 69.44
C ARG C 220 -31.33 -5.04 69.00
N PRO C 221 -31.65 -4.93 67.72
CA PRO C 221 -32.93 -5.44 67.28
C PRO C 221 -32.85 -6.93 67.35
N TRP C 222 -33.95 -7.54 67.76
CA TRP C 222 -34.00 -8.98 68.00
C TRP C 222 -33.70 -9.76 66.73
N VAL C 223 -32.71 -10.63 66.82
CA VAL C 223 -32.42 -11.56 65.75
C VAL C 223 -32.24 -12.90 66.39
N ARG C 224 -33.03 -13.88 65.98
CA ARG C 224 -32.85 -15.25 66.39
C ARG C 224 -32.77 -15.43 67.89
N GLY C 225 -33.58 -14.67 68.61
CA GLY C 225 -33.64 -14.78 70.04
C GLY C 225 -32.58 -14.03 70.82
N LEU C 226 -31.83 -13.18 70.14
CA LEU C 226 -30.80 -12.40 70.80
C LEU C 226 -30.88 -10.93 70.46
N SER C 227 -30.69 -10.09 71.46
CA SER C 227 -30.47 -8.66 71.28
C SER C 227 -28.99 -8.28 71.37
N SER C 228 -28.11 -9.27 71.49
CA SER C 228 -26.67 -9.06 71.48
C SER C 228 -26.13 -9.29 70.08
N ARG C 229 -24.94 -8.75 69.82
CA ARG C 229 -24.35 -8.77 68.50
C ARG C 229 -22.86 -8.98 68.57
N ILE C 230 -22.28 -9.34 67.45
CA ILE C 230 -20.85 -9.54 67.31
C ILE C 230 -20.35 -8.67 66.16
N SER C 231 -19.25 -7.96 66.37
CA SER C 231 -18.69 -7.12 65.32
C SER C 231 -17.41 -7.76 64.80
N ILE C 232 -17.37 -8.00 63.49
CA ILE C 232 -16.28 -8.73 62.85
C ILE C 232 -15.28 -7.75 62.26
N TYR C 233 -14.00 -7.95 62.57
CA TYR C 233 -12.92 -7.15 62.04
C TYR C 233 -11.87 -8.08 61.42
N TRP C 234 -11.03 -7.53 60.56
CA TRP C 234 -9.98 -8.30 59.91
C TRP C 234 -8.63 -7.60 60.08
N THR C 235 -7.57 -8.40 60.00
CA THR C 235 -6.22 -7.89 60.17
C THR C 235 -5.27 -8.72 59.31
N ILE C 236 -4.45 -8.03 58.53
CA ILE C 236 -3.50 -8.67 57.62
C ILE C 236 -2.10 -8.50 58.18
N VAL C 237 -1.35 -9.59 58.24
CA VAL C 237 0.05 -9.54 58.64
C VAL C 237 0.89 -9.96 57.45
N LYS C 238 1.92 -9.19 57.16
CA LYS C 238 2.81 -9.44 56.03
C LYS C 238 3.98 -10.29 56.49
N PRO C 239 4.76 -10.85 55.55
CA PRO C 239 5.94 -11.64 55.94
C PRO C 239 6.84 -10.86 56.89
N GLY C 240 7.33 -11.55 57.92
CA GLY C 240 8.16 -10.94 58.93
C GLY C 240 7.40 -10.20 60.00
N ASP C 241 6.10 -10.01 59.85
CA ASP C 241 5.31 -9.29 60.83
C ASP C 241 4.81 -10.25 61.91
N VAL C 242 4.31 -9.66 63.00
CA VAL C 242 3.80 -10.43 64.13
C VAL C 242 2.40 -9.95 64.46
N LEU C 243 1.59 -10.87 64.98
CA LEU C 243 0.22 -10.58 65.40
C LEU C 243 0.14 -10.72 66.91
N VAL C 244 -0.28 -9.64 67.58
CA VAL C 244 -0.41 -9.63 69.04
C VAL C 244 -1.85 -9.26 69.37
N ILE C 245 -2.43 -10.01 70.31
CA ILE C 245 -3.85 -9.88 70.66
C ILE C 245 -3.94 -9.69 72.17
N ASN C 246 -4.41 -8.51 72.58
CA ASN C 246 -4.61 -8.20 73.99
C ASN C 246 -6.09 -7.95 74.24
N SER C 247 -6.61 -8.52 75.32
CA SER C 247 -8.02 -8.37 75.65
C SER C 247 -8.24 -8.72 77.11
N ASN C 248 -9.03 -7.89 77.78
CA ASN C 248 -9.51 -8.19 79.13
C ASN C 248 -10.93 -8.75 79.12
N GLY C 249 -11.51 -8.96 77.96
CA GLY C 249 -12.85 -9.52 77.85
C GLY C 249 -13.46 -9.26 76.50
N ASN C 250 -14.52 -10.01 76.21
CA ASN C 250 -15.33 -9.84 75.00
C ASN C 250 -14.55 -10.17 73.73
N LEU C 251 -13.64 -11.14 73.78
CA LEU C 251 -12.81 -11.48 72.64
C LEU C 251 -13.37 -12.70 71.93
N ILE C 252 -13.72 -12.53 70.65
CA ILE C 252 -14.04 -13.65 69.77
C ILE C 252 -12.77 -13.93 68.98
N ALA C 253 -11.99 -14.90 69.44
CA ALA C 253 -10.66 -15.13 68.90
C ALA C 253 -10.71 -15.88 67.57
N PRO C 254 -9.64 -15.82 66.78
CA PRO C 254 -9.56 -16.65 65.59
C PRO C 254 -8.97 -18.03 65.87
N ARG C 255 -9.33 -18.98 65.00
CA ARG C 255 -8.75 -20.31 65.10
C ARG C 255 -7.42 -20.38 64.36
N GLY C 256 -7.25 -19.56 63.33
CA GLY C 256 -6.06 -19.57 62.51
C GLY C 256 -6.09 -18.41 61.55
N TYR C 257 -5.74 -18.65 60.28
CA TYR C 257 -5.77 -17.57 59.30
C TYR C 257 -6.16 -18.13 57.94
N PHE C 258 -6.48 -17.21 57.03
CA PHE C 258 -6.84 -17.54 55.66
C PHE C 258 -5.70 -17.12 54.74
N LYS C 259 -5.10 -18.09 54.06
CA LYS C 259 -4.05 -17.78 53.09
C LYS C 259 -4.67 -17.17 51.85
N MET C 260 -4.40 -15.90 51.60
CA MET C 260 -4.92 -15.21 50.43
C MET C 260 -3.85 -15.07 49.37
N ARG C 261 -4.23 -15.31 48.12
CA ARG C 261 -3.34 -15.21 46.98
C ARG C 261 -3.85 -14.13 46.04
N THR C 262 -2.93 -13.34 45.49
CA THR C 262 -3.32 -12.36 44.49
C THR C 262 -3.74 -13.07 43.21
N GLY C 263 -4.89 -12.68 42.67
CA GLY C 263 -5.41 -13.38 41.52
C GLY C 263 -6.45 -12.57 40.78
N LYS C 264 -7.10 -13.23 39.82
CA LYS C 264 -8.09 -12.62 38.95
C LYS C 264 -9.51 -13.04 39.30
N SER C 265 -9.75 -13.37 40.56
CA SER C 265 -11.07 -13.81 40.98
C SER C 265 -11.91 -12.62 41.43
N SER C 266 -13.23 -12.83 41.44
CA SER C 266 -14.16 -11.78 41.85
C SER C 266 -15.46 -12.46 42.29
N ILE C 267 -16.53 -11.68 42.33
CA ILE C 267 -17.80 -12.16 42.86
C ILE C 267 -18.91 -11.32 42.26
N MET C 268 -20.10 -11.92 42.13
CA MET C 268 -21.23 -11.20 41.56
C MET C 268 -22.52 -11.86 42.03
N ARG C 269 -23.54 -11.04 42.27
CA ARG C 269 -24.83 -11.53 42.74
C ARG C 269 -25.76 -11.75 41.57
N SER C 270 -26.31 -12.96 41.47
CA SER C 270 -27.23 -13.29 40.39
C SER C 270 -27.98 -14.56 40.77
N ASP C 271 -29.15 -14.74 40.15
CA ASP C 271 -29.97 -15.92 40.35
C ASP C 271 -30.01 -16.82 39.12
N ALA C 272 -29.19 -16.54 38.12
CA ALA C 272 -29.22 -17.31 36.89
C ALA C 272 -28.74 -18.73 37.13
N PRO C 273 -29.38 -19.74 36.54
CA PRO C 273 -28.92 -21.12 36.70
C PRO C 273 -27.57 -21.31 36.05
N ILE C 274 -26.94 -22.43 36.38
CA ILE C 274 -25.64 -22.79 35.83
C ILE C 274 -25.85 -23.96 34.88
N ASP C 275 -25.07 -23.97 33.79
CA ASP C 275 -25.17 -25.00 32.77
C ASP C 275 -23.77 -25.37 32.32
N THR C 276 -23.67 -26.50 31.63
CA THR C 276 -22.39 -26.93 31.05
C THR C 276 -22.29 -26.32 29.66
N CYS C 277 -21.56 -25.23 29.54
CA CYS C 277 -21.33 -24.60 28.25
C CYS C 277 -20.05 -23.78 28.34
N ILE C 278 -19.61 -23.28 27.19
CA ILE C 278 -18.34 -22.59 27.06
C ILE C 278 -18.64 -21.14 26.72
N SER C 279 -18.41 -20.27 27.71
CA SER C 279 -18.57 -18.82 27.55
C SER C 279 -17.49 -18.04 28.27
N GLU C 280 -16.79 -17.19 27.56
CA GLU C 280 -15.80 -16.29 28.13
C GLU C 280 -16.33 -15.15 29.01
N CYS C 281 -17.47 -14.59 28.62
CA CYS C 281 -18.07 -13.41 29.22
C CYS C 281 -19.29 -13.84 30.05
N ILE C 282 -19.29 -13.49 31.33
CA ILE C 282 -20.36 -13.83 32.26
C ILE C 282 -21.09 -12.55 32.67
N THR C 283 -22.42 -12.60 32.62
CA THR C 283 -23.28 -11.51 33.07
C THR C 283 -24.31 -12.08 34.05
N PRO C 284 -24.85 -11.26 34.95
CA PRO C 284 -25.76 -11.82 35.96
C PRO C 284 -26.99 -12.49 35.38
N ASN C 285 -27.36 -12.17 34.14
CA ASN C 285 -28.52 -12.77 33.50
C ASN C 285 -28.12 -13.76 32.42
N GLY C 286 -27.02 -14.47 32.62
CA GLY C 286 -26.57 -15.50 31.70
C GLY C 286 -25.21 -15.18 31.13
N SER C 287 -24.82 -15.94 30.12
CA SER C 287 -23.57 -15.74 29.42
C SER C 287 -23.85 -15.24 28.01
N ILE C 288 -22.91 -14.44 27.48
CA ILE C 288 -23.07 -13.83 26.16
C ILE C 288 -21.80 -14.00 25.37
N PRO C 289 -21.92 -14.10 24.05
CA PRO C 289 -20.74 -14.22 23.19
C PRO C 289 -20.02 -12.88 23.07
N ASN C 290 -18.70 -12.90 23.20
CA ASN C 290 -17.89 -11.69 23.12
C ASN C 290 -17.50 -11.33 21.69
N ASP C 291 -18.35 -11.62 20.71
CA ASP C 291 -18.03 -11.36 19.32
C ASP C 291 -18.42 -9.94 18.88
N LYS C 292 -19.41 -9.36 19.51
CA LYS C 292 -19.86 -8.01 19.15
C LYS C 292 -19.17 -6.97 20.03
N PRO C 293 -19.05 -5.73 19.54
CA PRO C 293 -18.31 -4.73 20.33
C PRO C 293 -19.05 -4.24 21.56
N PHE C 294 -20.38 -4.23 21.55
CA PHE C 294 -21.17 -3.70 22.64
C PHE C 294 -22.16 -4.74 23.13
N GLN C 295 -22.65 -4.56 24.35
CA GLN C 295 -23.71 -5.41 24.86
C GLN C 295 -24.70 -4.59 25.65
N ASN C 296 -25.97 -4.92 25.53
CA ASN C 296 -27.03 -4.25 26.28
C ASN C 296 -27.52 -5.10 27.44
N VAL C 297 -26.99 -6.31 27.55
CA VAL C 297 -27.56 -7.26 28.48
C VAL C 297 -27.44 -6.90 29.96
N ASN C 298 -26.28 -6.43 30.40
CA ASN C 298 -26.16 -5.96 31.76
C ASN C 298 -24.97 -5.08 31.97
N LYS C 299 -24.97 -4.34 33.07
CA LYS C 299 -23.87 -3.40 33.31
C LYS C 299 -22.67 -4.10 33.93
N ILE C 300 -22.89 -4.99 34.87
CA ILE C 300 -21.81 -5.71 35.56
C ILE C 300 -21.53 -7.00 34.81
N THR C 301 -20.27 -7.23 34.47
CA THR C 301 -19.87 -8.44 33.77
C THR C 301 -18.55 -8.94 34.34
N TYR C 302 -18.22 -10.19 34.02
CA TYR C 302 -16.95 -10.79 34.39
C TYR C 302 -16.33 -11.47 33.19
N GLY C 303 -15.07 -11.15 32.91
CA GLY C 303 -14.35 -11.75 31.80
C GLY C 303 -14.23 -10.79 30.63
N ALA C 304 -13.60 -11.29 29.56
CA ALA C 304 -13.43 -10.52 28.33
C ALA C 304 -14.80 -10.28 27.72
N CYS C 305 -15.35 -9.09 27.94
CA CYS C 305 -16.71 -8.75 27.58
C CYS C 305 -16.75 -7.51 26.70
N PRO C 306 -17.82 -7.33 25.92
CA PRO C 306 -18.01 -6.07 25.20
C PRO C 306 -18.27 -4.92 26.15
N LYS C 307 -18.24 -3.71 25.60
CA LYS C 307 -18.60 -2.54 26.37
C LYS C 307 -20.11 -2.49 26.58
N TYR C 308 -20.51 -1.90 27.70
CA TYR C 308 -21.95 -1.78 27.98
C TYR C 308 -22.52 -0.57 27.29
N VAL C 309 -23.76 -0.70 26.80
CA VAL C 309 -24.43 0.34 26.05
C VAL C 309 -25.90 0.34 26.44
N LYS C 310 -26.45 1.54 26.64
CA LYS C 310 -27.82 1.65 27.13
C LYS C 310 -28.83 1.18 26.09
N GLN C 311 -28.68 1.64 24.85
CA GLN C 311 -29.64 1.28 23.81
C GLN C 311 -29.43 -0.16 23.38
N ASN C 312 -30.53 -0.79 22.96
CA ASN C 312 -30.55 -2.20 22.60
C ASN C 312 -30.25 -2.46 21.13
N THR C 313 -29.82 -1.44 20.38
CA THR C 313 -29.56 -1.61 18.96
C THR C 313 -28.61 -0.53 18.49
N LEU C 314 -27.55 -0.95 17.80
CA LEU C 314 -26.65 -0.03 17.11
C LEU C 314 -26.18 -0.73 15.84
N LYS C 315 -26.75 -0.33 14.70
CA LYS C 315 -26.46 -0.96 13.42
C LYS C 315 -25.53 -0.08 12.60
N LEU C 316 -24.51 -0.70 12.02
CA LEU C 316 -23.54 0.00 11.18
C LEU C 316 -23.86 -0.30 9.72
N ALA C 317 -24.21 0.72 8.96
CA ALA C 317 -24.62 0.54 7.58
C ALA C 317 -23.43 0.10 6.73
N THR C 318 -23.57 -1.05 6.07
CA THR C 318 -22.56 -1.56 5.15
C THR C 318 -23.18 -1.84 3.79
N GLY C 319 -24.03 -0.92 3.33
CA GLY C 319 -24.71 -1.07 2.04
C GLY C 319 -25.01 0.28 1.44
N MET C 320 -26.22 0.43 0.93
CA MET C 320 -26.63 1.68 0.27
C MET C 320 -28.11 1.90 0.50
N ARG C 321 -28.60 3.06 0.06
CA ARG C 321 -30.02 3.37 0.17
C ARG C 321 -30.85 2.27 -0.47
N ASN C 322 -31.72 1.63 0.32
CA ASN C 322 -32.50 0.50 -0.15
C ASN C 322 -33.90 0.98 -0.52
N VAL C 323 -34.09 1.29 -1.78
CA VAL C 323 -35.42 1.58 -2.32
C VAL C 323 -35.93 0.34 -3.04
N PRO C 324 -37.19 -0.07 -2.81
CA PRO C 324 -37.65 -1.35 -3.39
C PRO C 324 -38.36 -1.20 -4.72
N GLU C 325 -38.80 -2.34 -5.28
CA GLU C 325 -39.64 -2.41 -6.47
C GLU C 325 -41.05 -2.80 -6.07
N LYS C 326 -42.00 -2.47 -6.93
CA LYS C 326 -43.39 -2.81 -6.71
C LYS C 326 -44.24 -2.65 -7.97
N GLN C 327 -45.29 -3.47 -8.05
CA GLN C 327 -46.24 -3.46 -9.17
C GLN C 327 -45.59 -3.67 -10.53
N THR C 328 -45.86 -2.78 -11.48
CA THR C 328 -45.28 -2.92 -12.81
C THR C 328 -43.76 -2.98 -12.71
N ILE C 335 -39.21 0.34 -19.19
CA ILE C 335 -38.39 -0.01 -18.04
C ILE C 335 -37.56 1.21 -17.60
N ALA C 336 -37.37 1.35 -16.29
CA ALA C 336 -36.82 2.58 -15.72
C ALA C 336 -35.65 2.29 -14.81
N GLY C 337 -34.86 3.33 -14.55
CA GLY C 337 -33.64 3.22 -13.80
C GLY C 337 -33.76 3.64 -12.35
N PHE C 338 -32.71 4.27 -11.84
CA PHE C 338 -32.58 4.48 -10.40
C PHE C 338 -33.39 5.65 -9.90
N ILE C 339 -34.02 6.42 -10.78
CA ILE C 339 -34.80 7.56 -10.32
C ILE C 339 -35.98 7.11 -9.48
N GLU C 340 -36.61 6.01 -9.88
CA GLU C 340 -37.85 5.56 -9.24
C GLU C 340 -37.63 4.37 -8.30
N ASN C 341 -36.91 3.34 -8.74
CA ASN C 341 -36.72 2.15 -7.93
C ASN C 341 -35.40 1.48 -8.30
N GLY C 342 -34.82 0.82 -7.31
CA GLY C 342 -33.65 0.00 -7.54
C GLY C 342 -34.02 -1.31 -8.21
N TRP C 343 -33.00 -2.09 -8.50
CA TRP C 343 -33.16 -3.36 -9.20
C TRP C 343 -32.97 -4.50 -8.21
N GLU C 344 -34.06 -5.23 -7.92
CA GLU C 344 -33.95 -6.43 -7.12
C GLU C 344 -33.27 -7.57 -7.88
N GLY C 345 -33.23 -7.48 -9.21
CA GLY C 345 -32.61 -8.54 -9.99
C GLY C 345 -31.10 -8.45 -10.05
N MET C 346 -30.56 -7.24 -9.93
CA MET C 346 -29.11 -7.05 -9.95
C MET C 346 -28.55 -7.42 -8.58
N ILE C 347 -27.81 -8.51 -8.51
CA ILE C 347 -27.27 -9.00 -7.24
C ILE C 347 -25.75 -8.97 -7.19
N ASP C 348 -25.04 -8.84 -8.31
CA ASP C 348 -23.60 -8.98 -8.30
C ASP C 348 -22.89 -7.76 -7.73
N GLY C 349 -23.40 -6.58 -8.08
CA GLY C 349 -22.82 -5.32 -7.68
C GLY C 349 -23.85 -4.24 -7.40
N TRP C 350 -23.41 -3.22 -6.69
CA TRP C 350 -24.37 -2.16 -6.23
CA TRP C 350 -24.15 -2.03 -6.28
C TRP C 350 -24.86 -1.01 -7.32
N TYR C 351 -23.98 -1.05 -8.38
CA TYR C 351 -24.32 -0.21 -9.52
C TYR C 351 -24.31 -1.03 -10.82
N GLY C 352 -25.37 -0.88 -11.61
CA GLY C 352 -25.52 -1.70 -12.79
C GLY C 352 -26.04 -0.99 -14.03
N PHE C 353 -25.96 -1.69 -15.16
CA PHE C 353 -26.57 -1.25 -16.41
C PHE C 353 -27.64 -2.22 -16.82
N ARG C 354 -28.72 -1.70 -17.39
CA ARG C 354 -29.73 -2.48 -18.09
C ARG C 354 -29.96 -1.82 -19.44
N HIS C 355 -30.41 -2.61 -20.41
CA HIS C 355 -30.58 -2.07 -21.76
C HIS C 355 -31.69 -2.81 -22.48
N GLN C 356 -32.11 -2.22 -23.61
CA GLN C 356 -33.17 -2.77 -24.43
C GLN C 356 -32.88 -2.35 -25.87
N ASN C 357 -32.50 -3.31 -26.72
CA ASN C 357 -32.08 -3.00 -28.08
C ASN C 357 -32.71 -4.01 -29.03
N SER C 358 -32.20 -4.04 -30.26
CA SER C 358 -32.73 -4.97 -31.26
C SER C 358 -32.57 -6.41 -30.82
N GLU C 359 -31.45 -6.74 -30.19
CA GLU C 359 -31.22 -8.11 -29.75
C GLU C 359 -32.13 -8.47 -28.59
N GLY C 360 -32.36 -7.54 -27.67
CA GLY C 360 -33.23 -7.80 -26.55
C GLY C 360 -32.72 -7.21 -25.25
N THR C 361 -33.46 -7.41 -24.17
CA THR C 361 -33.07 -6.84 -22.88
C THR C 361 -31.86 -7.56 -22.30
N GLY C 362 -31.03 -6.79 -21.60
CA GLY C 362 -29.84 -7.32 -20.97
C GLY C 362 -29.52 -6.58 -19.69
N GLN C 363 -28.47 -7.03 -19.01
CA GLN C 363 -28.11 -6.49 -17.71
C GLN C 363 -26.67 -6.85 -17.40
N ALA C 364 -25.97 -5.93 -16.75
CA ALA C 364 -24.59 -6.16 -16.32
C ALA C 364 -24.25 -5.12 -15.25
N ALA C 365 -23.38 -5.52 -14.33
CA ALA C 365 -22.99 -4.64 -13.23
C ALA C 365 -21.72 -3.87 -13.58
N ASP C 366 -21.58 -2.69 -12.98
CA ASP C 366 -20.39 -1.86 -13.13
C ASP C 366 -19.53 -2.04 -11.88
N LEU C 367 -18.43 -2.75 -12.02
CA LEU C 367 -17.62 -3.11 -10.86
C LEU C 367 -16.56 -2.06 -10.53
N LYS C 368 -16.26 -1.15 -11.45
CA LYS C 368 -15.31 -0.08 -11.13
C LYS C 368 -15.87 0.83 -10.05
N SER C 369 -17.17 1.12 -10.10
CA SER C 369 -17.78 1.96 -9.08
C SER C 369 -18.16 1.15 -7.85
N THR C 370 -18.65 -0.07 -8.04
CA THR C 370 -18.96 -0.92 -6.90
C THR C 370 -17.71 -1.19 -6.06
N GLN C 371 -16.58 -1.44 -6.70
CA GLN C 371 -15.33 -1.61 -5.96
C GLN C 371 -14.93 -0.34 -5.25
N ALA C 372 -15.21 0.82 -5.85
CA ALA C 372 -14.87 2.09 -5.22
C ALA C 372 -15.68 2.33 -3.96
N ALA C 373 -16.88 1.74 -3.89
CA ALA C 373 -17.66 1.83 -2.66
C ALA C 373 -17.21 0.79 -1.65
N ILE C 374 -16.95 -0.43 -2.10
CA ILE C 374 -16.55 -1.50 -1.19
C ILE C 374 -15.22 -1.18 -0.54
N ASP C 375 -14.28 -0.63 -1.31
CA ASP C 375 -12.95 -0.35 -0.76
C ASP C 375 -13.01 0.65 0.38
N GLN C 376 -14.04 1.49 0.41
CA GLN C 376 -14.18 2.47 1.48
C GLN C 376 -14.98 1.91 2.66
N ILE C 377 -15.99 1.09 2.38
CA ILE C 377 -16.76 0.45 3.43
C ILE C 377 -15.95 -0.63 4.14
N ASN C 378 -14.88 -1.11 3.50
CA ASN C 378 -14.11 -2.24 4.02
C ASN C 378 -13.65 -2.00 5.45
N GLY C 379 -12.90 -0.92 5.69
CA GLY C 379 -12.32 -0.69 6.99
C GLY C 379 -13.16 0.17 7.92
N LYS C 380 -14.49 0.14 7.74
CA LYS C 380 -15.34 1.00 8.55
C LYS C 380 -15.54 0.43 9.96
N LEU C 381 -15.90 -0.85 10.05
CA LEU C 381 -16.15 -1.46 11.36
C LEU C 381 -14.92 -1.37 12.26
N ASN C 382 -13.75 -1.68 11.71
CA ASN C 382 -12.52 -1.56 12.48
C ASN C 382 -12.27 -0.11 12.88
N ARG C 383 -12.65 0.84 12.01
CA ARG C 383 -12.47 2.24 12.33
C ARG C 383 -13.40 2.67 13.47
N VAL C 384 -14.63 2.17 13.47
CA VAL C 384 -15.56 2.50 14.54
C VAL C 384 -15.07 1.92 15.86
N ILE C 385 -14.54 0.70 15.84
CA ILE C 385 -14.08 0.06 17.07
C ILE C 385 -12.90 0.83 17.66
N GLU C 386 -11.95 1.26 16.81
CA GLU C 386 -10.80 1.99 17.33
C GLU C 386 -11.20 3.31 17.96
N LYS C 387 -12.19 4.00 17.37
CA LYS C 387 -12.57 5.31 17.88
C LYS C 387 -13.38 5.19 19.17
N THR C 388 -14.35 4.28 19.21
CA THR C 388 -15.15 4.12 20.42
C THR C 388 -14.30 3.62 21.57
N ASN C 389 -13.32 2.75 21.30
CA ASN C 389 -12.44 2.29 22.36
C ASN C 389 -11.63 3.44 22.94
N GLU C 390 -11.12 4.33 22.10
CA GLU C 390 -10.41 5.49 22.60
C GLU C 390 -11.34 6.39 23.41
N LYS C 391 -12.55 6.64 22.90
CA LYS C 391 -13.49 7.46 23.64
C LYS C 391 -13.97 6.77 24.91
N PHE C 392 -14.00 5.43 24.92
CA PHE C 392 -14.41 4.72 26.13
C PHE C 392 -13.39 4.92 27.24
N HIS C 393 -12.13 4.55 26.97
CA HIS C 393 -11.09 4.74 27.97
C HIS C 393 -10.81 6.21 28.24
N GLN C 394 -11.19 7.10 27.33
CA GLN C 394 -11.13 8.53 27.62
C GLN C 394 -12.18 8.91 28.66
N ILE C 395 -13.44 8.55 28.40
CA ILE C 395 -14.52 8.80 29.36
C ILE C 395 -14.30 8.05 30.67
N GLU C 396 -13.51 6.97 30.65
CA GLU C 396 -13.21 6.27 31.89
C GLU C 396 -12.04 6.92 32.63
N LYS C 397 -11.03 7.39 31.90
CA LYS C 397 -9.90 8.06 32.54
C LYS C 397 -10.35 9.37 33.17
N GLU C 398 -10.86 10.25 32.35
CA GLU C 398 -11.54 11.36 32.95
C GLU C 398 -12.87 10.76 33.50
N PHE C 399 -13.68 11.62 34.12
CA PHE C 399 -14.98 11.24 34.65
C PHE C 399 -14.71 10.27 35.77
N SER C 400 -13.43 10.11 36.12
CA SER C 400 -13.09 9.28 37.25
C SER C 400 -13.09 10.11 38.52
N GLU C 401 -12.54 11.31 38.42
CA GLU C 401 -12.48 12.23 39.56
C GLU C 401 -13.84 12.70 40.05
N VAL C 402 -14.72 13.03 39.12
CA VAL C 402 -16.07 13.54 39.39
C VAL C 402 -16.29 14.87 40.17
N GLU C 403 -15.48 15.88 39.90
CA GLU C 403 -15.64 17.16 40.60
C GLU C 403 -15.44 16.97 42.10
N GLY C 404 -14.53 16.08 42.46
CA GLY C 404 -14.31 15.79 43.85
C GLY C 404 -15.38 14.77 44.08
N ARG C 405 -15.20 13.90 45.05
CA ARG C 405 -16.12 12.79 45.17
C ARG C 405 -16.59 12.63 46.58
N ILE C 406 -17.78 12.07 46.74
CA ILE C 406 -18.12 11.55 48.05
C ILE C 406 -18.56 10.09 47.90
N GLN C 407 -17.90 9.19 48.61
CA GLN C 407 -18.15 7.77 48.41
C GLN C 407 -19.60 7.52 48.70
N ASP C 408 -20.11 8.24 49.69
CA ASP C 408 -21.39 7.98 50.28
C ASP C 408 -22.51 8.10 49.26
N LEU C 409 -22.45 9.09 48.39
CA LEU C 409 -23.57 9.31 47.48
C LEU C 409 -23.12 9.52 46.04
N GLU C 410 -22.53 8.49 45.46
CA GLU C 410 -22.17 8.52 44.06
C GLU C 410 -23.00 7.57 43.23
N LYS C 411 -24.08 7.03 43.79
CA LYS C 411 -24.86 6.10 42.99
C LYS C 411 -25.22 6.70 41.64
N TYR C 412 -25.30 8.02 41.56
CA TYR C 412 -25.84 8.66 40.37
C TYR C 412 -24.81 8.83 39.26
N VAL C 413 -23.52 8.71 39.56
CA VAL C 413 -22.51 9.08 38.58
C VAL C 413 -22.43 8.03 37.47
N GLU C 414 -22.54 6.75 37.81
CA GLU C 414 -22.50 5.73 36.77
C GLU C 414 -23.69 5.86 35.82
N ASP C 415 -24.86 6.23 36.36
CA ASP C 415 -26.04 6.40 35.53
C ASP C 415 -25.83 7.47 34.47
N THR C 416 -25.03 8.49 34.77
CA THR C 416 -24.74 9.52 33.79
C THR C 416 -23.47 9.24 32.99
N LYS C 417 -22.63 8.31 33.45
CA LYS C 417 -21.51 7.87 32.64
C LYS C 417 -22.00 7.06 31.44
N ILE C 418 -22.96 6.17 31.68
CA ILE C 418 -23.51 5.35 30.61
C ILE C 418 -24.21 6.22 29.58
N ASP C 419 -24.89 7.27 30.03
CA ASP C 419 -25.61 8.14 29.11
C ASP C 419 -24.64 8.90 28.21
N LEU C 420 -23.58 9.49 28.78
CA LEU C 420 -22.63 10.23 27.98
C LEU C 420 -21.86 9.30 27.05
N TRP C 421 -21.55 8.08 27.51
CA TRP C 421 -20.84 7.13 26.67
C TRP C 421 -21.72 6.60 25.56
N SER C 422 -22.99 6.29 25.87
CA SER C 422 -23.90 5.83 24.83
C SER C 422 -24.17 6.91 23.80
N TYR C 423 -24.13 8.18 24.21
CA TYR C 423 -24.37 9.27 23.27
C TYR C 423 -23.25 9.36 22.25
N ASN C 424 -22.00 9.30 22.72
CA ASN C 424 -20.88 9.39 21.80
C ASN C 424 -20.82 8.19 20.88
N ALA C 425 -21.09 6.99 21.41
CA ALA C 425 -21.02 5.78 20.59
C ALA C 425 -22.08 5.80 19.49
N GLU C 426 -23.32 6.10 19.87
CA GLU C 426 -24.38 6.19 18.87
C GLU C 426 -24.12 7.32 17.88
N LEU C 427 -23.43 8.37 18.31
CA LEU C 427 -23.10 9.45 17.39
C LEU C 427 -22.04 9.01 16.40
N LEU C 428 -21.01 8.29 16.86
CA LEU C 428 -19.95 7.87 15.95
C LEU C 428 -20.48 6.88 14.91
N VAL C 429 -21.40 6.02 15.30
CA VAL C 429 -22.03 5.12 14.34
C VAL C 429 -22.85 5.91 13.34
N ALA C 430 -23.54 6.95 13.81
CA ALA C 430 -24.32 7.79 12.89
C ALA C 430 -23.42 8.61 11.99
N LEU C 431 -22.21 8.93 12.43
CA LEU C 431 -21.28 9.65 11.55
C LEU C 431 -20.89 8.77 10.36
N GLU C 432 -20.59 7.51 10.61
CA GLU C 432 -20.17 6.61 9.53
C GLU C 432 -21.35 6.24 8.63
N ASN C 433 -22.54 6.07 9.21
CA ASN C 433 -23.70 5.75 8.39
C ASN C 433 -24.02 6.90 7.44
N GLN C 434 -23.88 8.14 7.91
CA GLN C 434 -24.04 9.28 7.02
C GLN C 434 -22.99 9.24 5.92
N HIS C 435 -21.75 8.96 6.28
CA HIS C 435 -20.68 8.90 5.29
C HIS C 435 -20.93 7.76 4.31
N THR C 436 -21.51 6.66 4.79
CA THR C 436 -21.77 5.52 3.92
C THR C 436 -22.87 5.84 2.92
N ILE C 437 -23.94 6.48 3.38
CA ILE C 437 -25.00 6.89 2.46
C ILE C 437 -24.49 7.93 1.47
N ASP C 438 -23.61 8.81 1.92
CA ASP C 438 -23.08 9.85 1.04
C ASP C 438 -22.23 9.25 -0.07
N LEU C 439 -21.28 8.37 0.28
CA LEU C 439 -20.37 7.85 -0.73
C LEU C 439 -21.04 6.88 -1.68
N THR C 440 -22.09 6.18 -1.22
CA THR C 440 -22.78 5.25 -2.12
C THR C 440 -23.62 6.01 -3.14
N ASP C 441 -24.36 7.04 -2.69
CA ASP C 441 -25.10 7.86 -3.64
C ASP C 441 -24.17 8.62 -4.55
N SER C 442 -22.96 8.95 -4.09
CA SER C 442 -22.00 9.68 -4.90
C SER C 442 -21.56 8.86 -6.10
N GLU C 443 -21.22 7.58 -5.87
CA GLU C 443 -20.74 6.74 -6.96
C GLU C 443 -21.83 6.47 -8.00
N MET C 444 -23.10 6.53 -7.58
CA MET C 444 -24.18 6.33 -8.55
C MET C 444 -24.35 7.54 -9.45
N ASN C 445 -24.27 8.74 -8.87
CA ASN C 445 -24.37 9.96 -9.69
C ASN C 445 -23.13 10.15 -10.56
N LYS C 446 -21.96 9.76 -10.06
CA LYS C 446 -20.76 9.84 -10.88
C LYS C 446 -20.83 8.89 -12.07
N LEU C 447 -21.54 7.76 -11.94
CA LEU C 447 -21.70 6.86 -13.06
C LEU C 447 -22.63 7.44 -14.12
N PHE C 448 -23.69 8.12 -13.69
CA PHE C 448 -24.58 8.76 -14.64
C PHE C 448 -23.90 9.91 -15.35
N GLU C 449 -22.95 10.58 -14.70
CA GLU C 449 -22.19 11.62 -15.37
C GLU C 449 -21.22 11.04 -16.38
N LYS C 450 -20.56 9.92 -16.03
CA LYS C 450 -19.58 9.32 -16.93
C LYS C 450 -20.24 8.81 -18.20
N THR C 451 -21.45 8.25 -18.09
CA THR C 451 -22.15 7.76 -19.27
C THR C 451 -22.75 8.90 -20.10
N ARG C 452 -23.24 9.96 -19.47
CA ARG C 452 -23.77 11.05 -20.26
C ARG C 452 -22.69 11.70 -21.08
N ARG C 453 -21.54 11.91 -20.46
CA ARG C 453 -20.43 12.55 -21.12
C ARG C 453 -20.03 11.72 -22.30
N GLN C 454 -20.06 10.40 -22.11
CA GLN C 454 -19.69 9.43 -23.13
C GLN C 454 -20.61 9.42 -24.34
N LEU C 455 -21.90 9.55 -24.11
CA LEU C 455 -22.86 9.54 -25.21
C LEU C 455 -22.92 10.89 -25.94
N ARG C 456 -22.77 11.99 -25.20
CA ARG C 456 -22.76 13.35 -25.76
C ARG C 456 -24.11 13.57 -26.47
N GLU C 457 -24.12 14.08 -27.70
CA GLU C 457 -25.34 14.40 -28.43
C GLU C 457 -25.99 13.18 -29.07
N ASN C 458 -25.36 12.01 -29.01
CA ASN C 458 -25.95 10.81 -29.61
C ASN C 458 -27.12 10.26 -28.82
N ALA C 459 -27.33 10.70 -27.58
CA ALA C 459 -28.45 10.28 -26.75
C ALA C 459 -28.90 11.46 -25.91
N GLU C 460 -29.97 11.25 -25.14
CA GLU C 460 -30.47 12.31 -24.28
C GLU C 460 -31.12 11.70 -23.04
N ASP C 461 -31.05 12.44 -21.94
CA ASP C 461 -31.59 11.98 -20.66
C ASP C 461 -33.11 11.87 -20.76
N MET C 462 -33.63 10.65 -20.58
CA MET C 462 -35.07 10.44 -20.60
C MET C 462 -35.76 10.87 -19.31
N GLY C 463 -34.99 11.20 -18.27
CA GLY C 463 -35.55 11.68 -17.03
C GLY C 463 -35.77 10.64 -15.96
N ASN C 464 -35.69 9.36 -16.30
CA ASN C 464 -35.91 8.28 -15.36
C ASN C 464 -34.65 7.47 -15.13
N GLY C 465 -33.49 8.13 -15.20
CA GLY C 465 -32.25 7.40 -14.99
C GLY C 465 -31.80 6.62 -16.19
N CYS C 466 -32.41 6.81 -17.36
CA CYS C 466 -32.04 6.11 -18.57
C CYS C 466 -31.62 7.09 -19.65
N PHE C 467 -31.06 6.55 -20.72
CA PHE C 467 -30.76 7.31 -21.92
C PHE C 467 -31.45 6.65 -23.11
N LYS C 468 -31.63 7.43 -24.17
CA LYS C 468 -32.19 6.91 -25.41
C LYS C 468 -31.16 7.15 -26.51
N ILE C 469 -30.47 6.09 -26.90
CA ILE C 469 -29.44 6.17 -27.94
C ILE C 469 -30.14 6.13 -29.29
N TYR C 470 -30.10 7.25 -30.02
CA TYR C 470 -30.90 7.41 -31.24
C TYR C 470 -30.33 6.69 -32.45
N HIS C 471 -29.25 5.93 -32.29
CA HIS C 471 -28.77 5.05 -33.35
C HIS C 471 -28.89 3.60 -32.89
N LYS C 472 -28.79 2.67 -33.83
CA LYS C 472 -28.89 1.26 -33.48
C LYS C 472 -27.59 0.81 -32.82
N CYS C 473 -27.69 0.28 -31.60
CA CYS C 473 -26.54 -0.05 -30.77
C CYS C 473 -26.71 -1.50 -30.31
N ASP C 474 -26.02 -2.42 -30.98
CA ASP C 474 -26.14 -3.82 -30.65
C ASP C 474 -25.44 -4.11 -29.32
N ASN C 475 -25.46 -5.39 -28.92
CA ASN C 475 -24.85 -5.78 -27.65
C ASN C 475 -23.36 -5.45 -27.64
N ALA C 476 -22.69 -5.59 -28.79
CA ALA C 476 -21.27 -5.23 -28.84
C ALA C 476 -21.09 -3.74 -28.68
N CYS C 477 -21.99 -2.94 -29.26
CA CYS C 477 -21.94 -1.50 -29.06
C CYS C 477 -22.27 -1.11 -27.62
N ILE C 478 -23.16 -1.87 -26.98
CA ILE C 478 -23.51 -1.57 -25.59
C ILE C 478 -22.33 -1.89 -24.67
N GLU C 479 -21.65 -3.01 -24.90
CA GLU C 479 -20.45 -3.31 -24.13
C GLU C 479 -19.37 -2.26 -24.36
N SER C 480 -19.37 -1.62 -25.53
CA SER C 480 -18.42 -0.54 -25.77
C SER C 480 -18.73 0.68 -24.92
N ILE C 481 -19.99 0.86 -24.55
CA ILE C 481 -20.35 1.95 -23.64
C ILE C 481 -20.02 1.57 -22.20
N ARG C 482 -20.29 0.32 -21.81
CA ARG C 482 -19.92 -0.13 -20.47
C ARG C 482 -18.41 -0.07 -20.29
N ASN C 483 -17.66 -0.61 -21.25
CA ASN C 483 -16.23 -0.36 -21.28
C ASN C 483 -15.98 1.12 -21.57
N GLY C 484 -14.76 1.56 -21.25
CA GLY C 484 -14.45 2.98 -21.34
C GLY C 484 -14.18 3.42 -22.76
N THR C 485 -14.46 2.54 -23.72
CA THR C 485 -14.12 2.76 -25.12
C THR C 485 -15.39 2.81 -25.97
N TYR C 486 -15.92 4.03 -26.14
CA TYR C 486 -17.06 4.27 -27.03
C TYR C 486 -16.81 5.57 -27.79
N ASP C 487 -16.63 5.47 -29.11
CA ASP C 487 -16.43 6.65 -29.95
C ASP C 487 -17.78 7.14 -30.45
N HIS C 488 -18.15 8.35 -30.07
CA HIS C 488 -19.44 8.89 -30.49
C HIS C 488 -19.41 9.45 -31.90
N ASP C 489 -18.23 9.80 -32.42
CA ASP C 489 -18.15 10.45 -33.71
C ASP C 489 -18.61 9.52 -34.84
N VAL C 490 -18.39 8.22 -34.69
CA VAL C 490 -18.76 7.30 -35.76
C VAL C 490 -20.28 7.14 -35.83
N TYR C 491 -20.94 7.11 -34.68
CA TYR C 491 -22.40 7.05 -34.64
C TYR C 491 -23.04 8.43 -34.70
N ARG C 492 -22.24 9.50 -34.65
CA ARG C 492 -22.80 10.84 -34.55
C ARG C 492 -23.70 11.17 -35.74
N ASP C 493 -23.21 10.92 -36.95
CA ASP C 493 -23.98 11.25 -38.15
C ASP C 493 -25.29 10.48 -38.18
N GLU C 494 -25.25 9.20 -37.81
CA GLU C 494 -26.47 8.40 -37.81
C GLU C 494 -27.45 8.88 -36.75
N ALA C 495 -26.96 9.15 -35.54
CA ALA C 495 -27.84 9.55 -34.45
C ALA C 495 -28.46 10.92 -34.70
N LEU C 496 -27.68 11.84 -35.25
CA LEU C 496 -28.22 13.16 -35.57
C LEU C 496 -29.21 13.10 -36.73
N ASN C 497 -29.06 12.14 -37.64
CA ASN C 497 -30.04 12.03 -38.71
C ASN C 497 -31.40 11.73 -38.11
N ASN C 498 -31.42 10.77 -37.19
CA ASN C 498 -32.64 10.42 -36.50
C ASN C 498 -33.15 11.53 -35.61
N ARG C 499 -32.22 12.23 -35.00
CA ARG C 499 -32.55 13.44 -34.30
C ARG C 499 -32.83 14.40 -35.43
N PHE C 500 -33.47 15.53 -35.16
CA PHE C 500 -33.83 16.44 -36.23
C PHE C 500 -34.77 15.79 -37.24
N GLN C 501 -35.75 15.04 -36.75
CA GLN C 501 -36.70 14.31 -37.58
C GLN C 501 -37.91 13.85 -36.79
N GLN D 1 22.82 21.55 -19.61
CA GLN D 1 24.22 21.71 -19.23
C GLN D 1 25.11 20.73 -20.01
N VAL D 2 24.48 19.76 -20.65
CA VAL D 2 25.21 18.77 -21.43
C VAL D 2 24.57 18.61 -22.77
N GLN D 3 25.40 18.65 -23.80
CA GLN D 3 24.94 18.55 -25.18
C GLN D 3 25.59 17.35 -25.86
N LEU D 4 24.78 16.56 -26.57
CA LEU D 4 25.25 15.39 -27.30
C LEU D 4 25.07 15.64 -28.78
N GLN D 5 26.17 15.74 -29.52
CA GLN D 5 26.15 16.08 -30.94
C GLN D 5 26.42 14.80 -31.74
N GLN D 6 25.36 14.26 -32.32
CA GLN D 6 25.47 13.09 -33.18
C GLN D 6 26.03 13.43 -34.55
N SER D 7 26.63 12.42 -35.17
CA SER D 7 27.40 12.59 -36.40
C SER D 7 26.62 13.09 -37.60
N GLY D 8 25.39 12.62 -37.77
CA GLY D 8 24.56 13.05 -38.87
C GLY D 8 24.28 11.99 -39.91
N PRO D 9 23.13 12.14 -40.55
CA PRO D 9 22.43 11.07 -41.27
C PRO D 9 23.21 10.60 -42.49
N GLY D 10 22.86 9.40 -42.95
CA GLY D 10 23.56 8.83 -44.07
C GLY D 10 22.92 7.55 -44.55
N LEU D 11 23.64 6.86 -45.43
CA LEU D 11 23.18 5.63 -46.05
C LEU D 11 24.27 4.57 -45.96
N VAL D 12 23.88 3.33 -45.69
CA VAL D 12 24.81 2.23 -45.49
C VAL D 12 24.37 1.05 -46.35
N LYS D 13 25.33 0.37 -46.98
CA LYS D 13 24.98 -0.71 -47.89
C LYS D 13 24.58 -1.97 -47.13
N PRO D 14 23.69 -2.78 -47.70
CA PRO D 14 23.00 -3.81 -46.91
C PRO D 14 23.91 -4.80 -46.19
N SER D 15 25.04 -5.19 -46.75
CA SER D 15 25.89 -6.18 -46.10
C SER D 15 27.11 -5.58 -45.43
N GLN D 16 27.18 -4.26 -45.34
CA GLN D 16 28.35 -3.58 -44.86
C GLN D 16 28.21 -3.26 -43.36
N THR D 17 29.01 -2.30 -42.88
CA THR D 17 29.10 -1.99 -41.45
C THR D 17 28.66 -0.56 -41.22
N LEU D 18 27.77 -0.37 -40.25
CA LEU D 18 27.31 0.94 -39.83
C LEU D 18 28.28 1.56 -38.85
N SER D 19 28.31 2.90 -38.82
CA SER D 19 29.20 3.60 -37.90
C SER D 19 28.65 4.98 -37.62
N LEU D 20 28.35 5.26 -36.36
CA LEU D 20 27.91 6.57 -35.92
C LEU D 20 28.78 7.02 -34.76
N THR D 21 28.76 8.32 -34.48
CA THR D 21 29.54 8.89 -33.39
C THR D 21 28.68 9.89 -32.62
N CYS D 22 29.09 10.16 -31.38
CA CYS D 22 28.40 11.11 -30.53
C CYS D 22 29.45 11.94 -29.81
N VAL D 23 29.55 13.22 -30.17
CA VAL D 23 30.54 14.12 -29.60
C VAL D 23 29.94 14.80 -28.37
N ILE D 24 30.57 14.61 -27.22
CA ILE D 24 30.05 15.08 -25.95
C ILE D 24 30.64 16.46 -25.65
N SER D 25 29.79 17.39 -25.26
CA SER D 25 30.20 18.73 -24.88
C SER D 25 29.58 19.08 -23.53
N GLY D 26 30.40 19.60 -22.62
CA GLY D 26 29.93 19.92 -21.30
C GLY D 26 30.15 18.83 -20.27
N ASP D 27 30.61 17.66 -20.68
CA ASP D 27 30.86 16.57 -19.75
C ASP D 27 31.95 15.68 -20.33
N THR D 28 32.59 14.91 -19.45
CA THR D 28 33.67 14.03 -19.86
C THR D 28 33.13 12.62 -20.14
N VAL D 29 33.61 12.02 -21.23
CA VAL D 29 33.17 10.68 -21.58
C VAL D 29 33.62 9.66 -20.54
N SER D 30 34.66 10.03 -19.83
CA SER D 30 35.29 9.14 -18.88
C SER D 30 34.80 9.42 -17.49
N SER D 31 33.74 10.20 -17.38
CA SER D 31 33.25 10.53 -16.07
C SER D 31 32.83 9.27 -15.41
N ASN D 32 33.16 9.10 -14.15
CA ASN D 32 32.47 8.15 -13.33
C ASN D 32 31.21 8.89 -13.09
N ARG D 33 30.13 8.19 -12.81
CA ARG D 33 28.85 8.83 -12.55
C ARG D 33 28.04 9.19 -13.77
N ALA D 34 28.55 8.85 -14.94
CA ALA D 34 27.75 8.78 -16.14
C ALA D 34 27.92 7.50 -16.93
N ALA D 35 26.90 7.17 -17.70
CA ALA D 35 26.99 6.07 -18.65
C ALA D 35 26.39 6.54 -19.97
N TRP D 36 26.92 6.00 -21.07
CA TRP D 36 26.60 6.49 -22.40
C TRP D 36 25.97 5.37 -23.22
N ASN D 37 24.73 5.56 -23.63
CA ASN D 37 23.91 4.53 -24.25
C ASN D 37 23.67 4.81 -25.73
N TRP D 38 23.21 3.78 -26.43
CA TRP D 38 22.79 3.87 -27.83
C TRP D 38 21.42 3.23 -27.96
N ILE D 39 20.44 4.01 -28.41
CA ILE D 39 19.06 3.56 -28.57
C ILE D 39 18.62 3.88 -29.99
N ARG D 40 17.92 2.93 -30.61
CA ARG D 40 17.36 3.14 -31.93
C ARG D 40 15.85 3.06 -31.87
N GLN D 41 15.21 3.67 -32.88
CA GLN D 41 13.75 3.77 -32.91
C GLN D 41 13.28 3.61 -34.36
N SER D 42 12.32 2.70 -34.57
CA SER D 42 11.80 2.42 -35.90
C SER D 42 10.34 2.05 -35.77
N PRO D 43 9.55 2.24 -36.83
CA PRO D 43 8.10 1.93 -36.73
C PRO D 43 7.79 0.48 -36.47
N SER D 44 8.66 -0.45 -36.89
CA SER D 44 8.41 -1.88 -36.71
C SER D 44 8.85 -2.40 -35.36
N ARG D 45 9.95 -1.90 -34.79
CA ARG D 45 10.50 -2.42 -33.54
C ARG D 45 10.31 -1.48 -32.35
N GLY D 46 9.77 -0.29 -32.57
CA GLY D 46 9.58 0.63 -31.45
C GLY D 46 10.90 1.20 -30.98
N LEU D 47 11.01 1.39 -29.67
CA LEU D 47 12.24 1.87 -29.05
C LEU D 47 13.04 0.68 -28.53
N GLU D 48 14.28 0.54 -29.01
CA GLU D 48 15.13 -0.57 -28.63
C GLU D 48 16.45 -0.03 -28.11
N TRP D 49 16.80 -0.42 -26.88
CA TRP D 49 18.10 -0.10 -26.31
C TRP D 49 19.14 -1.05 -26.88
N LEU D 50 20.25 -0.51 -27.38
CA LEU D 50 21.26 -1.31 -28.05
C LEU D 50 22.46 -1.65 -27.19
N GLY D 51 23.00 -0.69 -26.44
CA GLY D 51 24.16 -0.95 -25.62
C GLY D 51 24.57 0.29 -24.85
N ARG D 52 25.62 0.14 -24.04
CA ARG D 52 26.10 1.23 -23.23
C ARG D 52 27.55 1.01 -22.86
N THR D 53 28.19 2.09 -22.39
CA THR D 53 29.58 2.05 -21.97
C THR D 53 29.78 3.06 -20.84
N TYR D 54 30.53 2.66 -19.82
CA TYR D 54 30.79 3.54 -18.70
C TYR D 54 32.18 3.25 -18.14
N TYR D 55 32.71 4.21 -17.40
CA TYR D 55 34.07 4.12 -16.86
C TYR D 55 34.02 4.16 -15.34
N ARG D 56 34.54 3.11 -14.70
CA ARG D 56 34.68 3.01 -13.25
C ARG D 56 36.05 2.40 -12.96
N SER D 57 37.10 3.19 -13.18
CA SER D 57 38.49 2.74 -13.16
C SER D 57 38.77 1.67 -14.20
N LYS D 58 37.81 1.41 -15.09
CA LYS D 58 37.90 0.40 -16.13
C LYS D 58 36.69 0.56 -17.02
N TRP D 59 36.85 0.34 -18.31
CA TRP D 59 35.77 0.55 -19.26
C TRP D 59 34.90 -0.70 -19.34
N TYR D 60 33.63 -0.56 -18.98
CA TYR D 60 32.66 -1.65 -19.05
C TYR D 60 31.69 -1.38 -20.20
N THR D 61 31.31 -2.43 -20.91
CA THR D 61 30.39 -2.33 -22.01
C THR D 61 29.28 -3.36 -21.86
N ASP D 62 28.04 -2.93 -22.11
CA ASP D 62 26.87 -3.80 -22.07
C ASP D 62 26.20 -3.75 -23.43
N TYR D 63 25.71 -4.91 -23.89
CA TYR D 63 25.01 -4.99 -25.17
C TYR D 63 23.71 -5.77 -24.99
N ALA D 64 22.68 -5.39 -25.75
CA ALA D 64 21.44 -6.14 -25.76
C ALA D 64 21.63 -7.47 -26.48
N VAL D 65 20.83 -8.47 -26.10
CA VAL D 65 21.05 -9.81 -26.61
C VAL D 65 20.66 -9.89 -28.09
N SER D 66 19.77 -9.01 -28.52
CA SER D 66 19.28 -9.08 -29.89
C SER D 66 20.38 -8.72 -30.88
N VAL D 67 21.07 -7.60 -30.64
CA VAL D 67 22.17 -7.17 -31.51
C VAL D 67 23.53 -7.53 -30.94
N LYS D 68 23.58 -8.45 -29.97
CA LYS D 68 24.84 -8.78 -29.30
C LYS D 68 25.90 -9.24 -30.29
N SER D 69 25.51 -10.04 -31.29
CA SER D 69 26.48 -10.62 -32.20
C SER D 69 27.10 -9.62 -33.16
N ARG D 70 26.48 -8.44 -33.34
CA ARG D 70 26.85 -7.54 -34.42
C ARG D 70 27.31 -6.17 -33.96
N ILE D 71 27.38 -5.89 -32.66
CA ILE D 71 27.54 -4.53 -32.16
C ILE D 71 28.89 -4.38 -31.46
N THR D 72 29.43 -3.17 -31.55
CA THR D 72 30.68 -2.81 -30.87
C THR D 72 30.64 -1.33 -30.56
N ILE D 73 30.76 -0.99 -29.28
CA ILE D 73 30.74 0.39 -28.81
C ILE D 73 32.11 0.72 -28.26
N THR D 74 32.73 1.80 -28.79
CA THR D 74 34.07 2.20 -28.40
C THR D 74 34.06 3.66 -27.99
N PRO D 75 34.56 4.00 -26.81
CA PRO D 75 34.71 5.40 -26.43
C PRO D 75 36.05 5.96 -26.92
N ASP D 76 36.19 7.28 -26.78
CA ASP D 76 37.40 7.96 -27.23
C ASP D 76 37.66 9.11 -26.27
N THR D 77 38.59 8.90 -25.32
CA THR D 77 38.84 9.91 -24.31
C THR D 77 39.49 11.15 -24.90
N SER D 78 40.29 11.00 -25.94
CA SER D 78 41.02 12.13 -26.51
C SER D 78 40.05 13.11 -27.19
N LYS D 79 39.33 12.63 -28.20
CA LYS D 79 38.33 13.47 -28.85
C LYS D 79 37.10 13.69 -27.99
N ASN D 80 37.00 13.00 -26.85
CA ASN D 80 35.88 13.13 -25.90
C ASN D 80 34.55 12.82 -26.59
N GLN D 81 34.44 11.56 -27.00
CA GLN D 81 33.28 11.09 -27.75
C GLN D 81 33.21 9.56 -27.63
N PHE D 82 32.16 8.98 -28.20
CA PHE D 82 32.03 7.54 -28.26
C PHE D 82 31.21 7.17 -29.49
N SER D 83 31.61 6.09 -30.15
CA SER D 83 31.04 5.71 -31.43
C SER D 83 30.32 4.38 -31.33
N LEU D 84 29.42 4.13 -32.29
CA LEU D 84 28.70 2.87 -32.41
C LEU D 84 29.02 2.24 -33.76
N GLN D 85 29.44 0.98 -33.74
CA GLN D 85 29.74 0.23 -34.95
C GLN D 85 28.90 -1.04 -34.96
N MET D 86 28.12 -1.22 -36.01
CA MET D 86 27.21 -2.36 -36.12
C MET D 86 27.39 -2.98 -37.49
N LYS D 87 27.99 -4.16 -37.54
CA LYS D 87 28.33 -4.80 -38.80
C LYS D 87 27.22 -5.75 -39.25
N SER D 88 27.36 -6.24 -40.48
CA SER D 88 26.43 -7.17 -41.10
C SER D 88 24.99 -6.66 -41.00
N VAL D 89 24.79 -5.45 -41.53
CA VAL D 89 23.52 -4.74 -41.42
C VAL D 89 22.45 -5.48 -42.22
N THR D 90 21.21 -5.01 -42.11
CA THR D 90 20.07 -5.56 -42.83
C THR D 90 18.99 -4.49 -42.84
N PRO D 91 18.05 -4.55 -43.79
CA PRO D 91 16.96 -3.56 -43.81
C PRO D 91 16.21 -3.42 -42.50
N GLU D 92 16.35 -4.40 -41.60
CA GLU D 92 15.75 -4.29 -40.28
C GLU D 92 16.47 -3.28 -39.40
N ASP D 93 17.67 -2.84 -39.78
CA ASP D 93 18.40 -1.84 -39.03
C ASP D 93 18.15 -0.43 -39.55
N THR D 94 17.14 -0.23 -40.38
CA THR D 94 16.70 1.11 -40.77
C THR D 94 15.98 1.74 -39.59
N ALA D 95 16.62 2.71 -38.94
CA ALA D 95 16.00 3.34 -37.78
C ALA D 95 16.69 4.67 -37.50
N VAL D 96 16.15 5.39 -36.54
CA VAL D 96 16.73 6.62 -36.03
C VAL D 96 17.50 6.27 -34.77
N TYR D 97 18.78 6.64 -34.74
CA TYR D 97 19.67 6.23 -33.65
C TYR D 97 19.91 7.38 -32.70
N TYR D 98 19.72 7.12 -31.41
CA TYR D 98 19.77 8.16 -30.39
C TYR D 98 20.97 7.97 -29.49
N CYS D 99 21.81 8.99 -29.41
CA CYS D 99 22.81 9.06 -28.36
C CYS D 99 22.13 9.49 -27.05
N ALA D 100 22.49 8.85 -25.95
CA ALA D 100 21.83 9.15 -24.69
C ALA D 100 22.79 8.98 -23.52
N ARG D 101 22.56 9.74 -22.47
CA ARG D 101 23.37 9.69 -21.26
C ARG D 101 22.53 9.26 -20.06
N GLY D 102 23.11 8.40 -19.24
CA GLY D 102 22.41 7.88 -18.07
C GLY D 102 23.12 8.29 -16.78
N SER D 103 22.34 8.68 -15.78
CA SER D 103 22.85 9.15 -14.51
C SER D 103 22.09 8.50 -13.36
N ALA D 104 22.80 8.13 -12.30
CA ALA D 104 22.16 7.57 -11.12
C ALA D 104 21.41 8.65 -10.37
N MET D 105 20.16 8.36 -9.99
CA MET D 105 19.28 9.37 -9.44
C MET D 105 18.58 8.96 -8.15
N ILE D 106 18.78 7.73 -7.69
CA ILE D 106 18.13 7.23 -6.48
C ILE D 106 19.22 6.59 -5.62
N PHE D 107 19.75 7.35 -4.66
CA PHE D 107 20.71 6.86 -3.68
C PHE D 107 21.99 6.36 -4.32
N GLY D 108 22.39 6.95 -5.44
CA GLY D 108 23.61 6.53 -6.10
C GLY D 108 23.48 5.34 -7.00
N ILE D 109 22.25 4.99 -7.36
CA ILE D 109 21.96 3.88 -8.23
C ILE D 109 20.72 4.15 -9.06
N VAL D 110 20.26 3.14 -9.79
CA VAL D 110 19.15 3.32 -10.69
C VAL D 110 19.40 4.34 -11.77
N ILE D 111 20.32 4.00 -12.66
CA ILE D 111 20.63 4.81 -13.81
C ILE D 111 19.43 4.95 -14.71
N ILE D 112 19.16 6.20 -15.05
CA ILE D 112 18.03 6.61 -15.86
C ILE D 112 18.53 7.50 -16.98
N LEU D 113 18.16 7.17 -18.23
CA LEU D 113 18.56 7.95 -19.39
C LEU D 113 17.87 9.29 -19.35
N GLU D 114 18.62 10.36 -19.06
CA GLU D 114 18.02 11.68 -18.85
C GLU D 114 18.42 12.72 -19.88
N SER D 115 19.54 12.55 -20.58
CA SER D 115 19.96 13.49 -21.61
C SER D 115 20.17 12.75 -22.92
N TRP D 116 19.52 13.21 -23.98
CA TRP D 116 19.49 12.51 -25.26
C TRP D 116 20.10 13.36 -26.36
N GLY D 117 20.40 12.69 -27.48
CA GLY D 117 20.90 13.37 -28.66
C GLY D 117 19.79 13.71 -29.63
N GLN D 118 20.15 14.48 -30.66
CA GLN D 118 19.14 14.97 -31.60
C GLN D 118 18.51 13.83 -32.38
N GLY D 119 19.24 12.74 -32.58
CA GLY D 119 18.75 11.63 -33.39
C GLY D 119 19.25 11.69 -34.82
N THR D 120 19.74 10.55 -35.31
CA THR D 120 20.27 10.46 -36.66
C THR D 120 19.62 9.29 -37.37
N LEU D 121 18.97 9.57 -38.51
CA LEU D 121 18.33 8.52 -39.29
C LEU D 121 19.35 7.84 -40.19
N VAL D 122 19.37 6.51 -40.16
CA VAL D 122 20.27 5.72 -41.00
C VAL D 122 19.42 4.82 -41.87
N THR D 123 19.52 5.01 -43.19
CA THR D 123 18.87 4.14 -44.15
C THR D 123 19.89 3.12 -44.65
N VAL D 124 19.45 1.88 -44.85
CA VAL D 124 20.26 0.88 -45.52
C VAL D 124 19.49 0.36 -46.73
N SER D 125 20.05 0.59 -47.91
CA SER D 125 19.39 0.24 -49.16
C SER D 125 20.44 0.11 -50.24
N SER D 126 20.12 -0.69 -51.26
CA SER D 126 21.04 -0.88 -52.37
C SER D 126 21.14 0.36 -53.25
N ALA D 127 20.18 1.27 -53.17
CA ALA D 127 20.14 2.44 -54.03
C ALA D 127 21.28 3.39 -53.70
N SER D 128 21.44 4.40 -54.55
CA SER D 128 22.49 5.40 -54.42
C SER D 128 21.89 6.76 -54.10
N THR D 129 22.66 7.58 -53.40
CA THR D 129 22.16 8.85 -52.91
C THR D 129 21.99 9.85 -54.05
N LYS D 130 20.87 10.58 -54.02
CA LYS D 130 20.58 11.62 -54.98
C LYS D 130 20.06 12.86 -54.26
N GLY D 131 20.46 14.02 -54.77
CA GLY D 131 20.03 15.28 -54.21
C GLY D 131 18.65 15.67 -54.68
N PRO D 132 18.07 16.67 -54.01
CA PRO D 132 16.71 17.09 -54.33
C PRO D 132 16.65 18.15 -55.43
N SER D 133 15.53 18.16 -56.12
CA SER D 133 15.22 19.21 -57.09
C SER D 133 14.17 20.12 -56.47
N VAL D 134 14.53 21.39 -56.28
CA VAL D 134 13.70 22.34 -55.55
C VAL D 134 12.92 23.21 -56.53
N PHE D 135 11.63 23.39 -56.26
CA PHE D 135 10.74 24.18 -57.10
C PHE D 135 9.90 25.10 -56.22
N PRO D 136 9.60 26.30 -56.70
CA PRO D 136 8.81 27.25 -55.91
C PRO D 136 7.31 27.05 -56.07
N LEU D 137 6.59 27.48 -55.05
CA LEU D 137 5.16 27.42 -55.02
C LEU D 137 4.76 28.87 -54.95
N ALA D 138 4.42 29.46 -56.08
CA ALA D 138 4.05 30.87 -56.13
C ALA D 138 2.69 31.17 -55.57
N PRO D 139 2.50 32.39 -55.12
CA PRO D 139 1.23 32.83 -54.55
C PRO D 139 0.39 33.55 -55.59
N SER D 140 -0.87 33.17 -55.71
CA SER D 140 -1.75 33.76 -56.70
C SER D 140 -2.17 35.17 -56.37
N SER D 141 -2.60 35.90 -57.41
CA SER D 141 -3.06 37.26 -57.27
C SER D 141 -4.53 37.28 -56.89
N GLY D 147 -7.34 37.82 -47.62
CA GLY D 147 -6.66 38.66 -46.65
C GLY D 147 -5.23 38.23 -46.39
N THR D 148 -4.97 36.94 -46.50
CA THR D 148 -3.65 36.38 -46.23
C THR D 148 -3.33 35.34 -47.30
N ALA D 149 -2.17 35.49 -47.94
CA ALA D 149 -1.75 34.60 -49.01
C ALA D 149 -0.84 33.51 -48.46
N ALA D 150 -0.49 32.56 -49.34
CA ALA D 150 0.33 31.42 -48.96
C ALA D 150 1.25 31.04 -50.10
N LEU D 151 2.53 30.84 -49.78
CA LEU D 151 3.54 30.38 -50.72
C LEU D 151 4.30 29.21 -50.10
N GLY D 152 5.26 28.68 -50.84
CA GLY D 152 6.05 27.57 -50.32
C GLY D 152 6.95 26.98 -51.40
N CYS D 153 7.51 25.82 -51.09
CA CYS D 153 8.59 25.23 -51.84
C CYS D 153 8.14 23.82 -52.12
N LEU D 154 8.60 23.25 -53.23
CA LEU D 154 8.46 21.82 -53.42
C LEU D 154 9.82 21.25 -53.69
N VAL D 155 10.27 20.31 -52.88
CA VAL D 155 11.51 19.61 -53.14
C VAL D 155 11.18 18.14 -53.35
N LYS D 156 11.47 17.62 -54.54
CA LYS D 156 11.10 16.27 -54.89
C LYS D 156 12.28 15.56 -55.53
N ASP D 157 12.15 14.24 -55.66
CA ASP D 157 13.17 13.38 -56.24
C ASP D 157 14.49 13.50 -55.49
N TYR D 158 14.54 12.89 -54.31
CA TYR D 158 15.78 12.82 -53.53
C TYR D 158 15.79 11.51 -52.76
N PHE D 159 16.96 11.15 -52.27
CA PHE D 159 17.13 9.93 -51.48
C PHE D 159 18.49 9.91 -50.79
N PRO D 160 18.52 9.49 -49.53
CA PRO D 160 17.34 9.13 -48.73
C PRO D 160 16.91 10.28 -47.83
N GLU D 161 16.07 9.97 -46.84
CA GLU D 161 15.73 10.93 -45.81
C GLU D 161 16.95 11.18 -44.95
N PRO D 162 17.02 12.33 -44.26
CA PRO D 162 16.06 13.41 -44.20
C PRO D 162 16.48 14.66 -44.97
N VAL D 163 15.54 15.58 -45.12
CA VAL D 163 15.78 16.90 -45.69
C VAL D 163 15.32 17.94 -44.67
N THR D 164 16.14 18.97 -44.47
CA THR D 164 15.84 20.03 -43.52
C THR D 164 15.61 21.33 -44.29
N VAL D 165 14.43 21.92 -44.12
CA VAL D 165 14.02 23.11 -44.85
C VAL D 165 13.89 24.27 -43.88
N SER D 166 14.55 25.38 -44.19
CA SER D 166 14.43 26.62 -43.45
C SER D 166 13.85 27.70 -44.36
N TRP D 167 13.53 28.84 -43.76
CA TRP D 167 12.99 29.98 -44.50
C TRP D 167 13.71 31.23 -44.08
N ASN D 168 14.27 31.97 -45.05
CA ASN D 168 15.03 33.18 -44.78
C ASN D 168 16.13 32.92 -43.76
N SER D 169 16.81 31.79 -43.92
CA SER D 169 17.93 31.40 -43.05
C SER D 169 17.50 31.34 -41.59
N GLY D 170 16.27 30.86 -41.35
CA GLY D 170 15.77 30.72 -40.01
C GLY D 170 15.10 31.94 -39.43
N ALA D 171 15.02 33.03 -40.19
CA ALA D 171 14.37 34.23 -39.70
C ALA D 171 12.85 34.11 -39.73
N LEU D 172 12.30 33.35 -40.68
CA LEU D 172 10.87 33.16 -40.80
C LEU D 172 10.50 31.83 -40.16
N THR D 173 9.66 31.86 -39.12
CA THR D 173 9.23 30.66 -38.43
C THR D 173 7.72 30.59 -38.22
N SER D 174 7.00 31.70 -38.30
CA SER D 174 5.57 31.71 -38.03
C SER D 174 4.80 31.35 -39.29
N GLY D 175 3.86 30.42 -39.16
CA GLY D 175 3.07 29.96 -40.28
C GLY D 175 3.74 28.91 -41.13
N VAL D 176 4.97 28.53 -40.81
CA VAL D 176 5.68 27.55 -41.62
C VAL D 176 5.12 26.16 -41.36
N HIS D 177 4.95 25.39 -42.43
CA HIS D 177 4.45 24.02 -42.34
C HIS D 177 5.27 23.14 -43.28
N THR D 178 6.26 22.45 -42.74
CA THR D 178 7.08 21.52 -43.50
C THR D 178 6.49 20.12 -43.32
N PHE D 179 5.79 19.65 -44.35
CA PHE D 179 5.09 18.38 -44.26
C PHE D 179 6.07 17.21 -44.25
N PRO D 180 5.65 16.05 -43.74
CA PRO D 180 6.47 14.85 -43.89
C PRO D 180 6.55 14.42 -45.34
N ALA D 181 7.61 13.68 -45.65
CA ALA D 181 7.87 13.25 -47.01
C ALA D 181 6.93 12.13 -47.42
N VAL D 182 6.80 11.94 -48.73
CA VAL D 182 6.09 10.80 -49.31
C VAL D 182 7.02 10.09 -50.27
N LEU D 183 7.02 8.75 -50.20
CA LEU D 183 7.87 7.94 -51.05
C LEU D 183 7.12 7.64 -52.34
N GLN D 184 7.53 8.30 -53.42
CA GLN D 184 6.93 8.07 -54.71
C GLN D 184 7.27 6.67 -55.21
N SER D 185 6.47 6.19 -56.16
CA SER D 185 6.68 4.85 -56.68
C SER D 185 8.02 4.74 -57.41
N SER D 186 8.62 5.86 -57.77
CA SER D 186 9.93 5.82 -58.40
C SER D 186 11.04 5.45 -57.43
N GLY D 187 10.79 5.57 -56.13
CA GLY D 187 11.80 5.25 -55.13
C GLY D 187 12.38 6.46 -54.42
N LEU D 188 12.21 7.66 -54.96
CA LEU D 188 12.67 8.88 -54.30
C LEU D 188 11.56 9.47 -53.44
N TYR D 189 11.93 10.42 -52.60
CA TYR D 189 11.01 11.06 -51.69
C TYR D 189 10.59 12.43 -52.23
N SER D 190 9.40 12.87 -51.84
CA SER D 190 8.88 14.18 -52.23
C SER D 190 8.39 14.89 -50.98
N LEU D 191 8.73 16.17 -50.87
CA LEU D 191 8.41 16.95 -49.68
C LEU D 191 7.99 18.35 -50.11
N SER D 192 7.06 18.93 -49.35
CA SER D 192 6.57 20.28 -49.60
C SER D 192 6.53 21.06 -48.30
N SER D 193 6.94 22.33 -48.37
CA SER D 193 6.93 23.22 -47.22
C SER D 193 6.20 24.50 -47.62
N VAL D 194 5.29 24.97 -46.77
CA VAL D 194 4.48 26.14 -47.08
C VAL D 194 4.54 27.12 -45.91
N VAL D 195 4.32 28.40 -46.23
CA VAL D 195 4.27 29.48 -45.25
C VAL D 195 2.98 30.26 -45.46
N THR D 196 2.37 30.66 -44.36
CA THR D 196 1.19 31.53 -44.39
C THR D 196 1.65 32.95 -44.11
N VAL D 197 1.36 33.87 -45.02
CA VAL D 197 1.98 35.18 -45.03
C VAL D 197 0.97 36.25 -45.45
N PRO D 198 0.93 37.42 -44.80
CA PRO D 198 0.01 38.47 -45.22
C PRO D 198 0.26 38.92 -46.65
N SER D 199 -0.83 39.30 -47.33
CA SER D 199 -0.74 39.58 -48.76
C SER D 199 0.02 40.87 -49.05
N SER D 200 0.08 41.79 -48.09
CA SER D 200 0.70 43.07 -48.36
C SER D 200 2.21 42.94 -48.58
N SER D 201 2.81 41.89 -48.05
CA SER D 201 4.27 41.78 -48.01
C SER D 201 4.86 41.17 -49.27
N LEU D 202 4.03 40.83 -50.26
CA LEU D 202 4.52 40.00 -51.36
C LEU D 202 5.44 40.81 -52.28
N GLY D 203 5.07 42.05 -52.58
CA GLY D 203 5.88 42.88 -53.44
C GLY D 203 7.04 43.55 -52.76
N THR D 204 7.22 43.33 -51.46
CA THR D 204 8.28 43.98 -50.71
C THR D 204 9.23 42.98 -50.07
N GLN D 205 8.74 42.14 -49.15
CA GLN D 205 9.59 41.18 -48.47
C GLN D 205 9.90 40.01 -49.38
N THR D 206 11.15 39.56 -49.34
CA THR D 206 11.61 38.43 -50.15
C THR D 206 11.69 37.19 -49.28
N TYR D 207 11.09 36.10 -49.76
CA TYR D 207 11.03 34.84 -49.02
C TYR D 207 11.89 33.81 -49.74
N ILE D 208 12.91 33.32 -49.06
CA ILE D 208 13.92 32.45 -49.66
C ILE D 208 13.81 31.06 -49.03
N CYS D 209 13.86 30.04 -49.88
CA CYS D 209 13.74 28.68 -49.41
C CYS D 209 15.12 28.11 -49.22
N ASN D 210 15.41 27.73 -47.98
CA ASN D 210 16.70 27.13 -47.62
C ASN D 210 16.49 25.65 -47.35
N VAL D 211 16.97 24.79 -48.25
CA VAL D 211 16.84 23.34 -48.12
C VAL D 211 18.23 22.74 -48.05
N ASN D 212 18.41 21.75 -47.16
CA ASN D 212 19.65 21.03 -47.02
C ASN D 212 19.39 19.53 -47.05
N HIS D 213 20.27 18.80 -47.74
CA HIS D 213 20.20 17.34 -47.81
C HIS D 213 21.61 16.82 -47.53
N LYS D 214 21.85 16.42 -46.28
CA LYS D 214 23.17 15.99 -45.84
C LYS D 214 23.66 14.71 -46.52
N PRO D 215 22.81 13.70 -46.75
CA PRO D 215 23.29 12.53 -47.51
C PRO D 215 23.90 12.88 -48.86
N SER D 216 23.21 13.71 -49.65
CA SER D 216 23.78 14.19 -50.91
C SER D 216 24.75 15.35 -50.71
N ASN D 217 24.82 15.91 -49.50
CA ASN D 217 25.72 17.02 -49.19
C ASN D 217 25.48 18.21 -50.11
N THR D 218 24.21 18.46 -50.42
CA THR D 218 23.82 19.59 -51.25
C THR D 218 22.94 20.54 -50.44
N LYS D 219 23.19 21.83 -50.58
CA LYS D 219 22.42 22.86 -49.89
C LYS D 219 22.11 23.96 -50.90
N VAL D 220 20.86 23.98 -51.38
CA VAL D 220 20.41 24.90 -52.42
C VAL D 220 19.40 25.86 -51.81
N ASP D 221 19.36 27.08 -52.37
CA ASP D 221 18.41 28.11 -51.93
C ASP D 221 17.59 28.56 -53.13
N LYS D 222 16.28 28.67 -52.93
CA LYS D 222 15.36 29.09 -53.97
C LYS D 222 14.59 30.32 -53.51
N LYS D 223 14.40 31.28 -54.42
CA LYS D 223 13.68 32.50 -54.12
C LYS D 223 12.31 32.46 -54.78
N VAL D 224 11.28 32.71 -54.00
CA VAL D 224 9.91 32.57 -54.46
C VAL D 224 9.29 33.92 -54.75
N GLU D 225 8.83 34.06 -55.97
CA GLU D 225 8.30 35.31 -56.47
C GLU D 225 6.96 34.97 -57.05
N PRO D 226 6.14 36.00 -57.15
CA PRO D 226 4.73 35.91 -57.53
C PRO D 226 4.59 35.68 -59.02
N LYS D 227 3.39 35.41 -59.48
CA LYS D 227 3.19 34.77 -60.76
C LYS D 227 3.86 35.59 -61.85
N SER D 228 3.74 36.91 -61.78
CA SER D 228 4.55 37.81 -62.58
C SER D 228 4.40 37.53 -64.07
N CYS D 229 3.18 37.20 -64.45
CA CYS D 229 2.81 37.01 -65.85
C CYS D 229 4.01 36.57 -66.69
N GLU E 1 12.98 -9.30 -22.76
CA GLU E 1 12.95 -10.15 -21.58
C GLU E 1 11.69 -9.88 -20.75
N ILE E 2 11.52 -8.63 -20.33
CA ILE E 2 10.27 -8.15 -19.74
C ILE E 2 9.63 -7.20 -20.74
N VAL E 3 8.40 -7.49 -21.13
CA VAL E 3 7.67 -6.71 -22.12
C VAL E 3 6.70 -5.78 -21.42
N LEU E 4 6.63 -4.54 -21.90
CA LEU E 4 5.71 -3.55 -21.35
C LEU E 4 4.60 -3.27 -22.36
N THR E 5 3.36 -3.30 -21.89
CA THR E 5 2.18 -3.11 -22.73
C THR E 5 1.42 -1.88 -22.23
N GLN E 6 1.28 -0.89 -23.10
CA GLN E 6 0.59 0.35 -22.77
C GLN E 6 -0.83 0.34 -23.34
N SER E 7 -1.77 0.82 -22.53
CA SER E 7 -3.15 0.97 -22.98
C SER E 7 -3.71 2.26 -22.39
N PRO E 8 -4.48 3.02 -23.18
CA PRO E 8 -4.85 2.72 -24.56
C PRO E 8 -3.74 3.03 -25.55
N GLY E 9 -3.90 2.58 -26.79
CA GLY E 9 -2.92 2.90 -27.80
C GLY E 9 -3.00 4.34 -28.26
N THR E 10 -4.21 4.86 -28.42
CA THR E 10 -4.44 6.25 -28.76
C THR E 10 -5.47 6.84 -27.82
N LEU E 11 -5.32 8.13 -27.52
CA LEU E 11 -6.20 8.81 -26.58
C LEU E 11 -6.46 10.21 -27.10
N SER E 12 -7.71 10.63 -27.06
CA SER E 12 -8.13 11.94 -27.58
C SER E 12 -8.93 12.66 -26.49
N LEU E 13 -8.30 13.63 -25.82
CA LEU E 13 -8.92 14.33 -24.71
C LEU E 13 -8.89 15.83 -24.95
N SER E 14 -9.67 16.56 -24.13
CA SER E 14 -9.88 17.99 -24.23
C SER E 14 -9.05 18.74 -23.20
N PRO E 15 -8.81 20.04 -23.40
CA PRO E 15 -8.03 20.81 -22.42
C PRO E 15 -8.72 20.79 -21.06
N GLY E 16 -7.90 20.89 -20.01
CA GLY E 16 -8.39 20.85 -18.66
C GLY E 16 -8.81 19.50 -18.16
N GLU E 17 -8.94 18.54 -19.07
CA GLU E 17 -9.31 17.17 -18.74
C GLU E 17 -8.12 16.48 -18.13
N ARG E 18 -8.35 15.32 -17.53
CA ARG E 18 -7.28 14.53 -16.93
C ARG E 18 -7.13 13.19 -17.65
N ALA E 19 -5.92 12.89 -18.07
CA ALA E 19 -5.67 11.71 -18.86
C ALA E 19 -4.93 10.69 -18.06
N THR E 20 -5.28 9.43 -18.23
CA THR E 20 -4.64 8.32 -17.54
C THR E 20 -4.05 7.30 -18.49
N LEU E 21 -2.78 6.96 -18.28
CA LEU E 21 -2.09 6.03 -19.16
C LEU E 21 -1.57 4.86 -18.33
N SER E 22 -1.91 3.65 -18.74
CA SER E 22 -1.50 2.46 -17.98
C SER E 22 -0.37 1.74 -18.69
N CYS E 23 0.42 1.02 -17.90
CA CYS E 23 1.61 0.32 -18.39
C CYS E 23 1.68 -1.03 -17.68
N ARG E 24 1.26 -2.09 -18.35
CA ARG E 24 1.20 -3.43 -17.78
C ARG E 24 2.47 -4.20 -18.14
N ALA E 25 2.98 -4.98 -17.19
CA ALA E 25 4.26 -5.64 -17.37
C ALA E 25 4.11 -7.16 -17.35
N SER E 26 4.98 -7.83 -18.12
CA SER E 26 4.97 -9.28 -18.16
C SER E 26 5.25 -9.87 -16.78
N GLN E 27 6.37 -9.47 -16.19
CA GLN E 27 6.74 -9.89 -14.85
C GLN E 27 6.72 -8.68 -13.92
N SER E 28 6.80 -8.98 -12.62
CA SER E 28 6.85 -7.91 -11.63
C SER E 28 8.06 -7.03 -11.88
N VAL E 29 7.84 -5.71 -11.83
CA VAL E 29 8.88 -4.74 -12.12
C VAL E 29 9.24 -4.00 -10.83
N ALA E 30 10.54 -3.87 -10.58
CA ALA E 30 11.00 -3.08 -9.46
C ALA E 30 10.47 -1.65 -9.58
N SER E 31 9.89 -1.15 -8.49
CA SER E 31 9.15 0.11 -8.55
C SER E 31 10.03 1.26 -9.00
N SER E 32 11.29 1.28 -8.56
CA SER E 32 12.15 2.42 -8.83
C SER E 32 12.78 2.38 -10.21
N TYR E 33 12.65 1.28 -10.93
CA TYR E 33 13.25 1.15 -12.24
C TYR E 33 12.27 1.38 -13.38
N LEU E 34 11.07 1.86 -13.07
CA LEU E 34 10.11 2.24 -14.10
C LEU E 34 10.05 3.75 -14.23
N ALA E 35 10.15 4.24 -15.47
CA ALA E 35 10.10 5.67 -15.75
C ALA E 35 9.08 5.93 -16.85
N TRP E 36 8.75 7.20 -17.05
CA TRP E 36 7.86 7.62 -18.12
C TRP E 36 8.54 8.69 -18.96
N TYR E 37 8.31 8.65 -20.27
CA TYR E 37 8.94 9.57 -21.19
C TYR E 37 7.89 10.26 -22.07
N GLN E 38 8.27 11.41 -22.61
CA GLN E 38 7.41 12.17 -23.52
C GLN E 38 8.20 12.50 -24.77
N GLN E 39 7.68 12.11 -25.92
CA GLN E 39 8.36 12.33 -27.20
C GLN E 39 7.47 13.19 -28.10
N LYS E 40 7.91 14.42 -28.34
CA LYS E 40 7.22 15.28 -29.29
C LYS E 40 7.73 15.00 -30.70
N PRO E 41 6.95 15.37 -31.72
CA PRO E 41 7.37 15.07 -33.11
C PRO E 41 8.73 15.66 -33.43
N GLY E 42 9.59 14.83 -34.04
CA GLY E 42 10.91 15.27 -34.44
C GLY E 42 11.90 15.40 -33.31
N GLN E 43 11.50 15.16 -32.06
CA GLN E 43 12.38 15.31 -30.91
C GLN E 43 12.72 13.95 -30.32
N ALA E 44 13.58 13.99 -29.32
CA ALA E 44 13.95 12.82 -28.55
C ALA E 44 13.05 12.69 -27.33
N PRO E 45 12.92 11.49 -26.76
CA PRO E 45 12.09 11.33 -25.57
C PRO E 45 12.62 12.15 -24.40
N ARG E 46 11.72 12.88 -23.75
CA ARG E 46 12.04 13.67 -22.58
C ARG E 46 11.58 12.93 -21.33
N LEU E 47 12.47 12.79 -20.36
CA LEU E 47 12.10 12.12 -19.12
C LEU E 47 11.06 12.94 -18.37
N LEU E 48 9.96 12.29 -18.00
CA LEU E 48 8.90 12.91 -17.24
C LEU E 48 8.90 12.46 -15.78
N ILE E 49 8.73 11.16 -15.56
CA ILE E 49 8.68 10.57 -14.23
C ILE E 49 9.65 9.41 -14.19
N TYR E 50 10.38 9.28 -13.07
CA TYR E 50 11.28 8.17 -12.87
C TYR E 50 11.02 7.54 -11.51
N GLY E 51 11.31 6.27 -11.38
CA GLY E 51 11.02 5.59 -10.14
C GLY E 51 9.55 5.51 -9.83
N ALA E 52 8.75 5.45 -10.86
CA ALA E 52 7.33 5.27 -10.69
C ALA E 52 6.63 6.51 -10.22
N SER E 53 7.08 7.03 -9.09
CA SER E 53 6.40 8.16 -8.48
C SER E 53 7.10 9.49 -8.54
N SER E 54 8.41 9.49 -8.74
CA SER E 54 9.19 10.71 -8.60
C SER E 54 9.07 11.59 -9.83
N ARG E 55 8.92 12.89 -9.60
CA ARG E 55 8.83 13.88 -10.66
C ARG E 55 10.21 14.36 -11.03
N ALA E 56 10.46 14.47 -12.34
CA ALA E 56 11.72 15.00 -12.82
C ALA E 56 11.81 16.50 -12.58
N THR E 57 12.97 17.06 -12.88
CA THR E 57 13.18 18.49 -12.73
C THR E 57 12.61 19.22 -13.93
N GLY E 58 11.80 20.24 -13.66
CA GLY E 58 11.20 21.03 -14.71
C GLY E 58 9.90 20.51 -15.27
N VAL E 59 9.27 19.52 -14.63
CA VAL E 59 7.98 19.02 -15.09
C VAL E 59 6.93 19.34 -14.05
N PRO E 60 5.74 19.80 -14.45
CA PRO E 60 4.80 20.35 -13.47
C PRO E 60 4.12 19.27 -12.64
N ASP E 61 3.35 19.74 -11.65
CA ASP E 61 2.59 18.85 -10.78
C ASP E 61 1.44 18.15 -11.48
N ARG E 62 1.11 18.56 -12.70
CA ARG E 62 0.06 17.86 -13.45
C ARG E 62 0.47 16.42 -13.73
N PHE E 63 1.72 16.21 -14.12
CA PHE E 63 2.23 14.88 -14.40
C PHE E 63 2.54 14.19 -13.07
N SER E 64 1.84 13.10 -12.78
CA SER E 64 2.05 12.34 -11.56
C SER E 64 2.04 10.85 -11.88
N GLY E 65 2.95 10.11 -11.26
CA GLY E 65 3.10 8.69 -11.50
C GLY E 65 2.70 7.87 -10.29
N SER E 66 2.27 6.64 -10.56
CA SER E 66 1.83 5.72 -9.51
C SER E 66 1.99 4.30 -10.02
N GLY E 67 1.59 3.36 -9.19
CA GLY E 67 1.64 1.96 -9.53
C GLY E 67 2.80 1.24 -8.91
N SER E 68 2.65 -0.07 -8.78
CA SER E 68 3.65 -0.94 -8.22
C SER E 68 3.52 -2.32 -8.80
N GLY E 69 4.58 -3.11 -8.71
CA GLY E 69 4.51 -4.45 -9.25
C GLY E 69 4.28 -4.52 -10.73
N THR E 70 3.20 -5.13 -11.15
CA THR E 70 2.90 -5.26 -12.55
C THR E 70 2.15 -4.14 -13.26
N ASP E 71 1.38 -3.35 -12.54
CA ASP E 71 0.62 -2.30 -13.19
C ASP E 71 1.02 -0.92 -12.75
N PHE E 72 1.27 -0.06 -13.72
CA PHE E 72 1.67 1.30 -13.45
C PHE E 72 0.79 2.26 -14.19
N ILE E 73 0.72 3.48 -13.70
CA ILE E 73 -0.14 4.48 -14.31
C ILE E 73 0.56 5.83 -14.31
N LEU E 74 0.37 6.59 -15.39
CA LEU E 74 0.76 7.99 -15.46
C LEU E 74 -0.49 8.83 -15.70
N THR E 75 -0.64 9.91 -14.94
CA THR E 75 -1.82 10.76 -15.03
C THR E 75 -1.39 12.19 -15.31
N ILE E 76 -1.92 12.77 -16.36
CA ILE E 76 -1.76 14.20 -16.65
C ILE E 76 -3.04 14.90 -16.19
N SER E 77 -2.91 15.79 -15.22
CA SER E 77 -4.08 16.27 -14.50
C SER E 77 -4.83 17.35 -15.26
N ARG E 78 -4.13 18.41 -15.68
CA ARG E 78 -4.76 19.54 -16.35
C ARG E 78 -4.13 19.65 -17.74
N LEU E 79 -4.80 19.08 -18.73
CA LEU E 79 -4.25 19.00 -20.07
C LEU E 79 -4.18 20.38 -20.72
N GLU E 80 -3.30 20.49 -21.70
CA GLU E 80 -3.01 21.74 -22.40
C GLU E 80 -2.76 21.41 -23.86
N PRO E 81 -2.77 22.40 -24.72
CA PRO E 81 -2.56 22.16 -26.14
C PRO E 81 -1.18 21.63 -26.39
N GLU E 82 -0.29 21.96 -25.49
CA GLU E 82 1.12 21.70 -25.61
C GLU E 82 1.46 20.31 -25.08
N ASP E 83 0.46 19.60 -24.60
CA ASP E 83 0.66 18.30 -24.03
C ASP E 83 0.59 17.16 -25.03
N PHE E 84 0.32 17.49 -26.28
CA PHE E 84 0.29 16.50 -27.35
C PHE E 84 1.67 15.89 -27.53
N ALA E 85 1.74 14.57 -27.44
CA ALA E 85 2.98 13.83 -27.67
C ALA E 85 2.64 12.35 -27.62
N VAL E 86 3.68 11.52 -27.77
CA VAL E 86 3.60 10.08 -27.57
C VAL E 86 4.34 9.75 -26.29
N TYR E 87 3.67 9.08 -25.36
CA TYR E 87 4.22 8.82 -24.03
C TYR E 87 4.57 7.34 -23.90
N TYR E 88 5.80 7.06 -23.47
CA TYR E 88 6.29 5.71 -23.30
C TYR E 88 6.59 5.45 -21.83
N CYS E 89 6.60 4.17 -21.46
CA CYS E 89 7.07 3.73 -20.14
C CYS E 89 8.27 2.83 -20.34
N GLN E 90 9.35 3.11 -19.64
CA GLN E 90 10.57 2.32 -19.72
C GLN E 90 10.77 1.52 -18.44
N GLN E 91 11.51 0.42 -18.54
CA GLN E 91 11.84 -0.38 -17.39
C GLN E 91 13.25 -0.93 -17.55
N TYR E 92 13.89 -1.21 -16.43
CA TYR E 92 15.18 -1.87 -16.41
C TYR E 92 15.03 -3.14 -15.57
N ASP E 93 15.53 -4.25 -16.10
CA ASP E 93 15.36 -5.55 -15.43
C ASP E 93 16.66 -6.08 -14.84
N GLY E 94 17.69 -5.25 -14.71
CA GLY E 94 18.96 -5.69 -14.20
C GLY E 94 20.02 -5.91 -15.27
N SER E 95 19.61 -6.26 -16.47
CA SER E 95 20.52 -6.37 -17.59
C SER E 95 20.12 -5.59 -18.83
N GLN E 96 18.91 -5.07 -18.87
CA GLN E 96 18.41 -4.47 -20.09
C GLN E 96 17.35 -3.42 -19.89
N TYR E 97 17.13 -2.63 -20.93
CA TYR E 97 16.08 -1.64 -20.95
C TYR E 97 15.08 -2.02 -22.01
N THR E 98 13.82 -2.02 -21.68
CA THR E 98 12.74 -2.22 -22.64
C THR E 98 11.76 -1.07 -22.50
N PHE E 99 11.08 -0.77 -23.60
CA PHE E 99 10.12 0.33 -23.63
C PHE E 99 8.74 -0.24 -23.95
N GLY E 100 7.77 0.66 -24.04
CA GLY E 100 6.43 0.29 -24.45
C GLY E 100 6.14 0.80 -25.85
N GLN E 101 5.01 0.36 -26.40
CA GLN E 101 4.65 0.79 -27.74
C GLN E 101 4.28 2.26 -27.80
N GLY E 102 3.88 2.84 -26.68
CA GLY E 102 3.56 4.25 -26.64
C GLY E 102 2.07 4.52 -26.72
N THR E 103 1.66 5.65 -26.16
CA THR E 103 0.28 6.11 -26.22
C THR E 103 0.30 7.49 -26.85
N LYS E 104 -0.38 7.64 -27.99
CA LYS E 104 -0.40 8.91 -28.71
C LYS E 104 -1.59 9.71 -28.20
N LEU E 105 -1.32 10.84 -27.56
CA LEU E 105 -2.35 11.66 -26.93
C LEU E 105 -2.63 12.86 -27.83
N GLU E 106 -3.82 12.86 -28.45
CA GLU E 106 -4.29 14.03 -29.16
C GLU E 106 -5.09 14.91 -28.21
N ILE E 107 -4.91 16.21 -28.33
CA ILE E 107 -5.66 17.18 -27.54
C ILE E 107 -6.83 17.67 -28.39
N LYS E 108 -8.04 17.53 -27.88
CA LYS E 108 -9.21 17.95 -28.64
C LYS E 108 -9.25 19.47 -28.77
N ARG E 109 -10.17 19.94 -29.61
CA ARG E 109 -10.24 21.34 -29.99
C ARG E 109 -11.56 21.58 -30.68
N THR E 110 -12.06 22.81 -30.61
CA THR E 110 -13.25 23.17 -31.36
C THR E 110 -12.99 23.05 -32.85
N VAL E 111 -14.05 22.77 -33.61
CA VAL E 111 -13.92 22.52 -35.04
C VAL E 111 -13.41 23.77 -35.75
N ALA E 112 -12.58 23.56 -36.76
CA ALA E 112 -12.04 24.65 -37.57
C ALA E 112 -11.96 24.20 -39.02
N ALA E 113 -12.50 25.00 -39.92
CA ALA E 113 -12.49 24.67 -41.33
C ALA E 113 -11.11 24.98 -41.94
N PRO E 114 -10.74 24.25 -42.98
CA PRO E 114 -9.41 24.47 -43.59
C PRO E 114 -9.40 25.66 -44.53
N SER E 115 -8.26 26.34 -44.55
CA SER E 115 -7.97 27.37 -45.55
C SER E 115 -7.31 26.70 -46.75
N VAL E 116 -8.01 26.67 -47.87
CA VAL E 116 -7.57 25.91 -49.03
C VAL E 116 -6.77 26.80 -49.97
N PHE E 117 -5.67 26.25 -50.49
CA PHE E 117 -4.84 26.92 -51.48
C PHE E 117 -4.53 25.94 -52.60
N ILE E 118 -4.01 26.46 -53.71
CA ILE E 118 -3.71 25.63 -54.87
C ILE E 118 -2.61 26.29 -55.67
N PHE E 119 -1.65 25.48 -56.12
CA PHE E 119 -0.45 25.99 -56.79
C PHE E 119 -0.24 25.24 -58.10
N PRO E 120 -0.18 25.92 -59.24
CA PRO E 120 0.14 25.25 -60.49
C PRO E 120 1.62 24.93 -60.56
N PRO E 121 2.02 24.03 -61.46
CA PRO E 121 3.45 23.75 -61.62
C PRO E 121 4.21 24.98 -62.10
N SER E 122 5.48 25.05 -61.73
CA SER E 122 6.32 26.16 -62.13
C SER E 122 6.96 25.91 -63.48
N ASP E 123 7.46 26.99 -64.09
CA ASP E 123 8.12 26.86 -65.38
C ASP E 123 9.42 26.07 -65.27
N GLU E 124 10.11 26.16 -64.13
CA GLU E 124 11.34 25.41 -63.94
C GLU E 124 11.08 23.92 -63.93
N GLN E 125 9.97 23.48 -63.34
CA GLN E 125 9.66 22.06 -63.29
C GLN E 125 9.12 21.56 -64.62
N LEU E 126 8.32 22.37 -65.32
CA LEU E 126 7.77 21.95 -66.60
C LEU E 126 8.86 21.68 -67.62
N LYS E 127 9.96 22.44 -67.58
CA LYS E 127 11.08 22.16 -68.47
C LYS E 127 11.69 20.79 -68.21
N SER E 128 11.59 20.30 -66.96
CA SER E 128 12.12 19.00 -66.59
C SER E 128 11.29 17.84 -67.12
N GLY E 129 10.06 18.09 -67.59
CA GLY E 129 9.23 17.04 -68.18
C GLY E 129 8.08 16.59 -67.31
N THR E 130 8.05 16.97 -66.03
CA THR E 130 7.00 16.59 -65.11
C THR E 130 6.19 17.81 -64.70
N ALA E 131 5.06 17.55 -64.04
CA ALA E 131 4.16 18.62 -63.62
C ALA E 131 3.46 18.18 -62.35
N SER E 132 3.88 18.72 -61.21
CA SER E 132 3.27 18.42 -59.92
C SER E 132 2.47 19.64 -59.47
N VAL E 133 1.15 19.48 -59.36
CA VAL E 133 0.24 20.53 -58.91
C VAL E 133 -0.20 20.19 -57.50
N VAL E 134 -0.17 21.19 -56.61
CA VAL E 134 -0.30 20.98 -55.17
C VAL E 134 -1.55 21.66 -54.66
N CYS E 135 -2.26 20.97 -53.77
CA CYS E 135 -3.41 21.54 -53.06
C CYS E 135 -3.13 21.48 -51.57
N LEU E 136 -3.40 22.58 -50.86
CA LEU E 136 -3.05 22.71 -49.45
C LEU E 136 -4.28 23.03 -48.62
N LEU E 137 -4.47 22.29 -47.53
CA LEU E 137 -5.51 22.56 -46.55
C LEU E 137 -4.84 22.94 -45.24
N ASN E 138 -5.15 24.14 -44.75
CA ASN E 138 -4.44 24.73 -43.65
C ASN E 138 -5.26 24.84 -42.38
N ASN E 139 -4.71 24.31 -41.30
CA ASN E 139 -5.22 24.44 -39.95
C ASN E 139 -6.63 23.99 -39.60
N PHE E 140 -7.07 22.86 -40.13
CA PHE E 140 -8.37 22.32 -39.74
C PHE E 140 -8.36 21.48 -38.49
N TYR E 141 -9.52 21.28 -37.91
CA TYR E 141 -9.78 20.22 -36.94
C TYR E 141 -11.17 19.67 -37.18
N PRO E 142 -11.33 18.34 -37.09
CA PRO E 142 -10.32 17.32 -36.77
C PRO E 142 -9.47 16.89 -37.95
N ARG E 143 -8.61 15.90 -37.71
CA ARG E 143 -7.66 15.46 -38.72
C ARG E 143 -8.36 14.89 -39.95
N GLU E 144 -9.53 14.30 -39.78
CA GLU E 144 -10.22 13.61 -40.87
C GLU E 144 -10.66 14.62 -41.93
N ALA E 145 -10.07 14.51 -43.12
CA ALA E 145 -10.40 15.38 -44.25
C ALA E 145 -10.16 14.62 -45.53
N LYS E 146 -10.91 14.97 -46.57
CA LYS E 146 -10.86 14.28 -47.86
C LYS E 146 -10.70 15.29 -48.99
N VAL E 147 -9.75 15.02 -49.87
CA VAL E 147 -9.47 15.85 -51.04
C VAL E 147 -9.83 15.06 -52.29
N GLN E 148 -10.46 15.73 -53.26
CA GLN E 148 -10.81 15.12 -54.53
C GLN E 148 -10.24 15.98 -55.66
N TRP E 149 -9.25 15.45 -56.37
CA TRP E 149 -8.69 16.14 -57.52
C TRP E 149 -9.59 15.94 -58.73
N LYS E 150 -9.96 17.04 -59.38
CA LYS E 150 -10.75 17.03 -60.59
C LYS E 150 -10.00 17.83 -61.65
N VAL E 151 -9.71 17.19 -62.79
CA VAL E 151 -9.18 17.88 -63.96
C VAL E 151 -10.25 17.81 -65.05
N ASP E 152 -10.69 18.98 -65.50
CA ASP E 152 -11.75 19.10 -66.49
C ASP E 152 -12.96 18.27 -66.09
N ASN E 153 -13.32 18.38 -64.81
CA ASN E 153 -14.46 17.66 -64.22
C ASN E 153 -14.34 16.15 -64.36
N ALA E 154 -13.12 15.63 -64.27
CA ALA E 154 -12.88 14.19 -64.29
C ALA E 154 -12.20 13.79 -62.98
N LEU E 155 -12.93 13.10 -62.11
CA LEU E 155 -12.36 12.59 -60.88
C LEU E 155 -11.13 11.73 -61.18
N GLN E 156 -10.05 11.97 -60.46
CA GLN E 156 -8.76 11.36 -60.73
C GLN E 156 -8.38 10.41 -59.60
N SER E 157 -7.89 9.23 -59.98
CA SER E 157 -7.51 8.20 -59.03
C SER E 157 -6.15 7.64 -59.39
N GLY E 158 -5.34 7.38 -58.38
CA GLY E 158 -4.08 6.70 -58.59
C GLY E 158 -2.95 7.54 -59.12
N ASN E 159 -3.00 8.86 -58.94
CA ASN E 159 -1.93 9.72 -59.41
C ASN E 159 -1.74 10.90 -58.47
N SER E 160 -1.82 10.66 -57.16
CA SER E 160 -1.65 11.70 -56.17
C SER E 160 -1.30 11.07 -54.83
N GLN E 161 -0.64 11.87 -53.99
CA GLN E 161 -0.28 11.47 -52.63
C GLN E 161 -0.47 12.65 -51.70
N GLU E 162 -1.08 12.41 -50.54
CA GLU E 162 -1.33 13.45 -49.56
C GLU E 162 -0.46 13.23 -48.33
N SER E 163 -0.18 14.31 -47.62
CA SER E 163 0.71 14.29 -46.46
C SER E 163 0.14 15.18 -45.37
N VAL E 164 -0.18 14.58 -44.22
CA VAL E 164 -0.78 15.30 -43.10
C VAL E 164 0.30 15.60 -42.08
N THR E 165 0.29 16.81 -41.54
CA THR E 165 1.26 17.21 -40.54
C THR E 165 0.80 16.80 -39.15
N GLU E 166 1.74 16.75 -38.21
CA GLU E 166 1.39 16.42 -36.84
C GLU E 166 0.65 17.58 -36.19
N GLN E 167 -0.10 17.26 -35.14
CA GLN E 167 -0.90 18.28 -34.47
C GLN E 167 0.00 19.37 -33.90
N ASP E 168 -0.37 20.62 -34.16
CA ASP E 168 0.41 21.75 -33.68
C ASP E 168 0.34 21.84 -32.17
N SER E 169 1.48 22.02 -31.51
CA SER E 169 1.50 22.13 -30.06
C SER E 169 0.95 23.45 -29.55
N LYS E 170 0.60 24.38 -30.45
CA LYS E 170 -0.04 25.63 -30.06
C LYS E 170 -1.45 25.74 -30.60
N ASP E 171 -1.66 25.62 -31.92
CA ASP E 171 -2.99 25.74 -32.48
C ASP E 171 -3.84 24.50 -32.26
N SER E 172 -3.22 23.38 -31.92
CA SER E 172 -3.90 22.10 -31.77
C SER E 172 -4.62 21.70 -33.05
N THR E 173 -4.07 22.07 -34.19
CA THR E 173 -4.69 21.89 -35.49
C THR E 173 -3.77 21.07 -36.39
N TYR E 174 -4.26 20.76 -37.59
CA TYR E 174 -3.55 19.94 -38.56
C TYR E 174 -3.35 20.70 -39.87
N SER E 175 -2.71 20.04 -40.82
CA SER E 175 -2.53 20.55 -42.17
C SER E 175 -2.33 19.36 -43.11
N LEU E 176 -2.68 19.56 -44.38
CA LEU E 176 -2.61 18.50 -45.37
C LEU E 176 -2.06 19.07 -46.68
N SER E 177 -1.37 18.22 -47.43
CA SER E 177 -0.76 18.63 -48.70
C SER E 177 -0.85 17.46 -49.67
N SER E 178 -1.87 17.48 -50.52
CA SER E 178 -2.04 16.48 -51.57
C SER E 178 -1.44 17.00 -52.86
N THR E 179 -0.48 16.27 -53.41
CA THR E 179 0.18 16.66 -54.66
C THR E 179 -0.20 15.71 -55.78
N LEU E 180 -0.50 16.27 -56.95
CA LEU E 180 -0.89 15.52 -58.12
C LEU E 180 0.25 15.58 -59.14
N THR E 181 0.77 14.41 -59.50
CA THR E 181 1.93 14.32 -60.40
C THR E 181 1.47 13.89 -61.78
N LEU E 182 1.65 14.77 -62.76
CA LEU E 182 1.35 14.51 -64.16
C LEU E 182 2.58 14.79 -65.01
N SER E 183 2.72 14.05 -66.10
CA SER E 183 3.78 14.35 -67.04
C SER E 183 3.45 15.64 -67.79
N LYS E 184 4.47 16.22 -68.40
CA LYS E 184 4.30 17.48 -69.10
C LYS E 184 3.30 17.28 -70.22
N ALA E 185 3.37 16.12 -70.87
CA ALA E 185 2.52 15.85 -72.03
C ALA E 185 1.05 15.92 -71.66
N ASP E 186 0.61 15.03 -70.77
CA ASP E 186 -0.80 15.02 -70.37
C ASP E 186 -1.21 16.30 -69.67
N TYR E 187 -0.26 17.07 -69.14
CA TYR E 187 -0.60 18.30 -68.43
C TYR E 187 -1.11 19.35 -69.41
N GLU E 188 -0.42 19.53 -70.53
CA GLU E 188 -0.82 20.53 -71.51
C GLU E 188 -2.07 20.12 -72.28
N LYS E 189 -2.63 18.94 -72.03
CA LYS E 189 -3.84 18.50 -72.71
C LYS E 189 -5.11 19.03 -72.06
N HIS E 190 -5.01 19.69 -70.92
CA HIS E 190 -6.18 20.15 -70.18
C HIS E 190 -5.99 21.59 -69.74
N LYS E 191 -7.08 22.22 -69.31
CA LYS E 191 -7.07 23.63 -68.95
C LYS E 191 -7.40 23.85 -67.48
N VAL E 192 -8.50 23.28 -67.00
CA VAL E 192 -8.96 23.50 -65.62
C VAL E 192 -8.41 22.40 -64.71
N TYR E 193 -7.93 22.80 -63.54
CA TYR E 193 -7.42 21.87 -62.53
C TYR E 193 -8.02 22.26 -61.18
N ALA E 194 -8.95 21.44 -60.68
CA ALA E 194 -9.69 21.77 -59.48
C ALA E 194 -9.26 20.90 -58.31
N CYS E 195 -9.62 21.35 -57.11
CA CYS E 195 -9.32 20.63 -55.87
C CYS E 195 -10.54 20.74 -54.96
N GLU E 196 -11.38 19.73 -54.96
CA GLU E 196 -12.58 19.76 -54.15
C GLU E 196 -12.31 19.25 -52.75
N VAL E 197 -12.77 19.98 -51.73
CA VAL E 197 -12.48 19.65 -50.34
C VAL E 197 -13.72 19.30 -49.56
N THR E 198 -13.63 18.32 -48.69
CA THR E 198 -14.77 17.94 -47.86
C THR E 198 -14.30 17.81 -46.42
N HIS E 199 -14.97 18.52 -45.51
CA HIS E 199 -14.53 18.58 -44.13
C HIS E 199 -15.74 18.80 -43.23
N GLN E 200 -15.57 18.49 -41.94
CA GLN E 200 -16.65 18.71 -40.98
C GLN E 200 -16.89 20.19 -40.75
N GLY E 201 -15.84 21.00 -40.79
CA GLY E 201 -16.00 22.44 -40.61
C GLY E 201 -16.67 23.13 -41.79
N LEU E 202 -16.70 22.48 -42.95
CA LEU E 202 -17.31 23.06 -44.13
C LEU E 202 -18.76 22.60 -44.25
N SER E 203 -19.67 23.55 -44.37
CA SER E 203 -21.09 23.22 -44.56
C SER E 203 -21.32 22.55 -45.90
N SER E 204 -20.55 22.92 -46.92
CA SER E 204 -20.62 22.36 -48.25
C SER E 204 -19.21 22.21 -48.79
N PRO E 205 -18.96 21.23 -49.66
CA PRO E 205 -17.62 21.08 -50.24
C PRO E 205 -17.16 22.34 -50.95
N VAL E 206 -15.90 22.70 -50.72
CA VAL E 206 -15.28 23.89 -51.31
C VAL E 206 -14.34 23.44 -52.42
N THR E 207 -14.32 24.20 -53.51
CA THR E 207 -13.52 23.84 -54.68
C THR E 207 -12.67 25.04 -55.08
N LYS E 208 -11.36 24.89 -54.99
CA LYS E 208 -10.41 25.87 -55.50
C LYS E 208 -9.77 25.33 -56.78
N SER E 209 -9.58 26.20 -57.76
CA SER E 209 -9.11 25.75 -59.07
C SER E 209 -8.32 26.86 -59.75
N PHE E 210 -7.89 26.58 -60.98
CA PHE E 210 -7.19 27.53 -61.82
C PHE E 210 -7.21 26.98 -63.24
N ASN E 211 -6.98 27.89 -64.19
CA ASN E 211 -6.96 27.57 -65.60
C ASN E 211 -5.53 27.53 -66.04
N ARG E 212 -5.17 26.50 -66.78
CA ARG E 212 -3.78 26.25 -67.00
C ARG E 212 -3.13 27.44 -67.66
N GLY E 213 -3.78 27.99 -68.66
CA GLY E 213 -3.19 29.11 -69.37
C GLY E 213 -3.75 30.42 -68.87
N GLU E 214 -2.96 31.11 -68.08
CA GLU E 214 -3.36 32.37 -67.49
C GLU E 214 -2.15 33.07 -66.93
N CYS E 215 -2.31 34.34 -66.57
CA CYS E 215 -1.20 35.12 -66.03
C CYS E 215 -1.72 36.41 -65.39
N PRO F 4 37.79 -22.87 -23.50
CA PRO F 4 38.31 -21.51 -23.35
C PRO F 4 38.12 -20.96 -21.94
N GLY F 5 39.22 -20.77 -21.23
CA GLY F 5 39.17 -20.27 -19.87
C GLY F 5 38.55 -21.26 -18.90
N ASN F 6 37.38 -20.94 -18.39
CA ASN F 6 36.67 -21.87 -17.52
C ASN F 6 36.37 -23.11 -18.34
N ASP F 7 36.55 -24.29 -17.78
CA ASP F 7 36.35 -25.50 -18.56
C ASP F 7 34.91 -25.58 -18.97
N ASN F 8 34.66 -26.16 -20.12
CA ASN F 8 33.33 -26.16 -20.68
C ASN F 8 32.39 -27.01 -19.85
N SER F 9 32.95 -27.80 -18.96
CA SER F 9 32.19 -28.67 -18.09
C SER F 9 31.71 -27.99 -16.81
N THR F 10 32.22 -26.81 -16.50
CA THR F 10 31.89 -26.14 -15.25
C THR F 10 31.70 -24.64 -15.49
N ALA F 11 30.97 -24.01 -14.58
CA ALA F 11 30.72 -22.58 -14.65
C ALA F 11 30.83 -21.98 -13.25
N THR F 12 30.96 -20.66 -13.19
CA THR F 12 31.11 -19.95 -11.93
C THR F 12 30.06 -18.87 -11.85
N LEU F 13 29.40 -18.77 -10.69
CA LEU F 13 28.42 -17.73 -10.41
C LEU F 13 28.76 -17.08 -9.08
N CYS F 14 29.22 -15.84 -9.11
CA CYS F 14 29.58 -15.12 -7.89
C CYS F 14 28.51 -14.10 -7.54
N LEU F 15 28.43 -13.77 -6.26
CA LEU F 15 27.48 -12.78 -5.76
C LEU F 15 28.25 -11.64 -5.12
N GLY F 16 28.04 -10.42 -5.62
CA GLY F 16 28.73 -9.26 -5.12
C GLY F 16 27.78 -8.11 -4.85
N HIS F 17 28.32 -6.94 -4.57
CA HIS F 17 27.50 -5.78 -4.24
C HIS F 17 28.13 -4.53 -4.82
N HIS F 18 27.35 -3.46 -4.84
CA HIS F 18 27.84 -2.18 -5.33
C HIS F 18 28.99 -1.66 -4.47
N ALA F 19 29.90 -0.93 -5.10
CA ALA F 19 31.02 -0.33 -4.40
C ALA F 19 31.44 0.93 -5.13
N VAL F 20 32.15 1.80 -4.43
CA VAL F 20 32.57 3.09 -4.98
C VAL F 20 33.91 3.41 -4.34
N PRO F 21 34.87 3.97 -5.08
CA PRO F 21 36.19 4.22 -4.49
C PRO F 21 36.18 5.25 -3.38
N ASN F 22 35.58 6.40 -3.65
CA ASN F 22 35.55 7.51 -2.68
C ASN F 22 34.19 7.50 -2.00
N GLY F 23 34.09 6.74 -0.91
CA GLY F 23 32.89 6.72 -0.10
C GLY F 23 32.89 7.83 0.93
N THR F 24 31.85 7.84 1.75
CA THR F 24 31.72 8.83 2.80
C THR F 24 31.57 8.12 4.14
N LEU F 25 32.29 8.58 5.15
CA LEU F 25 32.23 7.96 6.47
C LEU F 25 31.06 8.48 7.28
N VAL F 26 30.33 7.55 7.93
CA VAL F 26 29.26 7.90 8.84
C VAL F 26 29.48 7.17 10.16
N LYS F 27 28.86 7.70 11.21
CA LYS F 27 29.02 7.15 12.55
C LYS F 27 27.82 6.28 12.90
N THR F 28 28.10 5.09 13.39
CA THR F 28 27.10 4.25 14.04
C THR F 28 27.45 4.12 15.51
N ILE F 29 26.54 3.50 16.28
CA ILE F 29 26.79 3.33 17.70
C ILE F 29 27.75 2.18 17.99
N THR F 30 28.03 1.34 16.99
CA THR F 30 29.04 0.30 17.14
C THR F 30 30.42 0.85 16.76
N ASP F 31 30.62 1.11 15.47
CA ASP F 31 31.87 1.68 14.99
C ASP F 31 31.76 3.20 14.95
N ASP F 32 32.87 3.87 15.27
CA ASP F 32 32.87 5.33 15.25
C ASP F 32 32.73 5.87 13.84
N GLN F 33 33.34 5.20 12.85
CA GLN F 33 33.31 5.65 11.47
C GLN F 33 33.24 4.44 10.54
N ILE F 34 32.23 4.41 9.68
CA ILE F 34 32.08 3.37 8.66
C ILE F 34 31.87 4.05 7.31
N GLU F 35 32.69 3.67 6.33
CA GLU F 35 32.53 4.20 4.98
C GLU F 35 31.28 3.61 4.33
N VAL F 36 30.51 4.46 3.66
CA VAL F 36 29.25 4.07 3.05
C VAL F 36 29.21 4.61 1.62
N THR F 37 28.55 3.87 0.74
CA THR F 37 28.53 4.23 -0.67
C THR F 37 27.82 5.56 -0.90
N ASN F 38 26.71 5.79 -0.20
CA ASN F 38 25.95 7.01 -0.39
C ASN F 38 25.42 7.51 0.95
N ALA F 39 25.43 8.83 1.14
CA ALA F 39 24.98 9.43 2.38
C ALA F 39 24.51 10.86 2.10
N THR F 40 24.14 11.57 3.17
CA THR F 40 23.73 12.96 3.06
C THR F 40 24.03 13.68 4.37
N GLU F 41 24.44 14.94 4.28
CA GLU F 41 24.79 15.74 5.44
C GLU F 41 23.55 16.47 5.96
N LEU F 42 23.49 16.63 7.28
CA LEU F 42 22.33 17.23 7.92
C LEU F 42 22.61 18.55 8.63
N VAL F 43 23.88 18.95 8.76
CA VAL F 43 24.21 20.20 9.43
C VAL F 43 24.74 21.19 8.40
N GLN F 44 24.50 22.47 8.65
CA GLN F 44 24.95 23.57 7.79
C GLN F 44 26.09 24.28 8.51
N SER F 45 27.30 23.76 8.34
CA SER F 45 28.46 24.31 9.03
C SER F 45 29.18 25.38 8.23
N SER F 46 28.90 25.49 6.93
CA SER F 46 29.49 26.54 6.12
C SER F 46 28.58 27.76 6.11
N SER F 47 29.15 28.90 5.75
CA SER F 47 28.39 30.14 5.71
C SER F 47 29.12 31.16 4.87
N THR F 48 28.35 31.91 4.07
CA THR F 48 28.89 33.07 3.38
C THR F 48 29.28 34.14 4.38
N GLY F 49 30.27 34.94 4.03
CA GLY F 49 30.72 35.96 4.95
C GLY F 49 29.82 37.17 5.06
N LYS F 50 28.72 37.23 4.31
CA LYS F 50 27.91 38.43 4.22
C LYS F 50 26.50 38.17 4.76
N ILE F 51 25.89 39.24 5.26
CA ILE F 51 24.48 39.24 5.61
C ILE F 51 23.71 39.78 4.42
N CYS F 52 22.76 39.00 3.93
CA CYS F 52 22.02 39.41 2.73
C CYS F 52 20.95 40.44 3.08
N ASN F 53 20.92 41.52 2.32
CA ASN F 53 19.98 42.62 2.55
C ASN F 53 18.53 42.22 2.31
N ASN F 54 18.27 41.01 1.84
CA ASN F 54 16.92 40.56 1.56
C ASN F 54 16.71 39.17 2.18
N PRO F 55 15.46 38.78 2.42
CA PRO F 55 14.21 39.51 2.17
C PRO F 55 13.87 40.49 3.29
N HIS F 56 14.67 40.48 4.35
CA HIS F 56 14.37 41.27 5.55
C HIS F 56 14.98 42.65 5.44
N ARG F 57 14.26 43.64 5.97
CA ARG F 57 14.70 45.04 5.94
C ARG F 57 15.74 45.24 7.04
N ILE F 58 17.01 45.15 6.65
CA ILE F 58 18.12 45.20 7.59
C ILE F 58 18.66 46.63 7.68
N LEU F 59 19.02 47.05 8.88
CA LEU F 59 19.61 48.37 9.08
C LEU F 59 20.97 48.26 9.71
N ASP F 60 21.97 48.81 9.07
CA ASP F 60 23.33 48.68 9.60
C ASP F 60 23.61 49.32 10.94
N GLY F 61 23.04 50.48 11.22
CA GLY F 61 23.31 51.13 12.48
C GLY F 61 24.80 51.25 12.66
N ILE F 62 25.44 51.91 11.71
CA ILE F 62 26.88 51.86 11.58
C ILE F 62 27.66 52.36 12.78
N ASP F 63 27.26 53.48 13.37
CA ASP F 63 28.05 54.02 14.48
C ASP F 63 27.45 53.95 15.89
N CYS F 64 26.19 54.32 16.04
CA CYS F 64 25.56 54.31 17.35
C CYS F 64 24.94 52.95 17.62
N THR F 65 24.82 52.64 18.90
CA THR F 65 24.07 51.47 19.33
C THR F 65 22.57 51.77 19.23
N LEU F 66 21.75 50.77 19.56
CA LEU F 66 20.32 50.95 19.50
C LEU F 66 19.86 51.98 20.53
N ILE F 67 20.52 52.01 21.68
CA ILE F 67 20.14 52.95 22.73
C ILE F 67 20.65 54.36 22.40
N ASP F 68 21.88 54.46 21.92
CA ASP F 68 22.42 55.77 21.53
C ASP F 68 21.56 56.42 20.45
N ALA F 69 21.08 55.63 19.48
CA ALA F 69 20.17 56.17 18.48
C ALA F 69 18.80 56.44 19.07
N LEU F 70 18.38 55.64 20.04
CA LEU F 70 17.12 55.91 20.69
C LEU F 70 17.27 57.19 21.45
N LEU F 71 18.41 57.33 22.10
CA LEU F 71 18.68 58.46 22.95
C LEU F 71 18.71 59.74 22.17
N GLY F 72 19.23 59.70 20.95
CA GLY F 72 19.41 60.93 20.22
C GLY F 72 20.79 61.53 20.23
N ASP F 73 21.80 60.78 20.63
CA ASP F 73 23.15 61.32 20.70
C ASP F 73 23.47 61.89 19.35
N PRO F 74 24.01 63.10 19.31
CA PRO F 74 24.03 63.80 18.02
C PRO F 74 24.81 63.01 16.99
N HIS F 75 25.58 62.04 17.46
CA HIS F 75 26.55 61.31 16.66
C HIS F 75 25.74 60.73 15.55
N CYS F 76 24.56 60.30 15.91
CA CYS F 76 23.61 59.70 14.98
C CYS F 76 22.27 60.43 15.06
N ASP F 77 22.24 61.64 14.48
CA ASP F 77 20.97 62.27 14.20
C ASP F 77 20.14 61.50 13.18
N VAL F 78 20.73 60.55 12.47
CA VAL F 78 20.00 59.70 11.54
C VAL F 78 19.27 58.60 12.31
N PHE F 79 18.65 57.68 11.57
CA PHE F 79 17.79 56.63 12.10
C PHE F 79 16.57 57.19 12.84
N GLN F 80 16.32 58.48 12.78
CA GLN F 80 15.16 59.03 13.49
C GLN F 80 13.87 58.57 12.81
N ASN F 81 12.92 58.08 13.61
CA ASN F 81 11.66 57.54 13.10
C ASN F 81 11.89 56.39 12.11
N GLU F 82 12.98 55.64 12.30
CA GLU F 82 13.41 54.60 11.39
C GLU F 82 12.71 53.27 11.68
N THR F 83 12.67 52.41 10.67
CA THR F 83 12.08 51.08 10.76
C THR F 83 13.15 50.03 10.50
N TRP F 84 13.06 48.90 11.20
CA TRP F 84 13.99 47.80 11.01
C TRP F 84 13.32 46.50 11.41
N ASP F 85 13.74 45.42 10.78
CA ASP F 85 13.42 44.07 11.25
C ASP F 85 14.60 43.37 11.89
N LEU F 86 15.82 43.81 11.60
CA LEU F 86 17.01 43.32 12.30
C LEU F 86 18.03 44.44 12.34
N PHE F 87 18.22 45.02 13.53
CA PHE F 87 19.26 46.02 13.74
C PHE F 87 20.56 45.30 14.05
N VAL F 88 21.66 45.77 13.45
CA VAL F 88 22.96 45.18 13.70
C VAL F 88 23.86 46.22 14.35
N GLU F 89 24.25 45.99 15.60
CA GLU F 89 25.25 46.82 16.23
C GLU F 89 26.63 46.51 15.66
N ARG F 90 27.56 47.44 15.87
CA ARG F 90 28.91 47.29 15.36
C ARG F 90 29.91 47.45 16.49
N SER F 91 31.08 46.83 16.32
CA SER F 91 32.14 47.00 17.32
C SER F 91 32.72 48.41 17.26
N LYS F 92 32.72 49.04 16.09
CA LYS F 92 33.21 50.40 15.96
C LYS F 92 32.29 51.42 16.62
N ALA F 93 31.10 50.98 17.04
CA ALA F 93 30.12 51.89 17.62
C ALA F 93 30.66 52.53 18.90
N PHE F 94 30.54 53.85 19.00
CA PHE F 94 30.95 54.57 20.19
C PHE F 94 29.89 55.60 20.57
N SER F 95 30.09 56.26 21.70
CA SER F 95 29.13 57.20 22.27
C SER F 95 29.82 58.54 22.48
N ASN F 96 29.22 59.61 21.94
CA ASN F 96 29.82 60.94 21.98
C ASN F 96 28.76 61.96 22.42
N CYS F 97 28.34 61.85 23.66
CA CYS F 97 27.39 62.78 24.27
C CYS F 97 27.66 62.82 25.77
N TYR F 98 26.69 63.31 26.52
CA TYR F 98 26.80 63.37 27.98
C TYR F 98 26.95 61.95 28.53
N PRO F 99 28.03 61.64 29.26
CA PRO F 99 28.17 60.28 29.81
C PRO F 99 26.96 59.88 30.63
N TYR F 100 26.59 58.60 30.50
CA TYR F 100 25.36 58.09 31.09
C TYR F 100 25.52 56.62 31.41
N ASP F 101 24.45 56.04 31.96
CA ASP F 101 24.37 54.61 32.24
C ASP F 101 22.92 54.25 32.47
N VAL F 102 22.53 53.07 32.00
CA VAL F 102 21.19 52.54 32.19
C VAL F 102 21.31 51.29 33.05
N PRO F 103 20.67 51.22 34.22
CA PRO F 103 20.79 50.01 35.04
C PRO F 103 20.33 48.74 34.34
N ASP F 104 19.22 48.82 33.60
CA ASP F 104 18.72 47.68 32.84
C ASP F 104 18.92 47.97 31.35
N TYR F 105 20.19 47.96 30.93
CA TYR F 105 20.52 48.20 29.53
C TYR F 105 19.91 47.12 28.65
N ALA F 106 20.23 45.86 28.94
CA ALA F 106 19.77 44.76 28.10
C ALA F 106 18.26 44.65 28.10
N SER F 107 17.62 44.95 29.24
CA SER F 107 16.17 44.90 29.30
C SER F 107 15.56 45.96 28.38
N LEU F 108 16.10 47.18 28.40
CA LEU F 108 15.58 48.21 27.52
C LEU F 108 15.93 47.92 26.06
N ARG F 109 17.18 47.52 25.81
CA ARG F 109 17.61 47.26 24.44
C ARG F 109 16.76 46.17 23.80
N SER F 110 16.53 45.08 24.54
CA SER F 110 15.66 44.03 24.03
C SER F 110 14.23 44.50 23.87
N LEU F 111 13.79 45.42 24.73
CA LEU F 111 12.43 45.94 24.65
C LEU F 111 12.23 46.72 23.35
N VAL F 112 13.11 47.68 23.08
CA VAL F 112 12.94 48.51 21.89
C VAL F 112 13.21 47.70 20.63
N ALA F 113 14.14 46.75 20.69
CA ALA F 113 14.46 45.95 19.52
C ALA F 113 13.27 45.10 19.09
N SER F 114 12.46 44.63 20.04
CA SER F 114 11.31 43.81 19.69
C SER F 114 10.33 44.58 18.81
N SER F 115 10.07 45.84 19.14
CA SER F 115 9.26 46.68 18.28
C SER F 115 10.11 47.20 17.13
N GLY F 116 9.64 46.98 15.91
CA GLY F 116 10.48 47.25 14.76
C GLY F 116 10.49 48.67 14.25
N THR F 117 10.46 49.65 15.16
CA THR F 117 10.43 51.04 14.73
C THR F 117 10.99 51.94 15.83
N LEU F 118 11.57 53.06 15.41
CA LEU F 118 12.00 54.13 16.30
C LEU F 118 11.03 55.30 16.30
N GLU F 119 9.74 55.02 16.10
CA GLU F 119 8.75 56.07 15.99
C GLU F 119 8.64 56.84 17.30
N PHE F 120 8.88 58.15 17.23
CA PHE F 120 8.80 59.02 18.38
C PHE F 120 7.74 60.09 18.15
N ILE F 121 6.87 60.28 19.13
CA ILE F 121 5.81 61.28 19.06
C ILE F 121 6.09 62.31 20.15
N THR F 122 6.46 63.51 19.75
CA THR F 122 6.62 64.60 20.71
C THR F 122 5.25 64.98 21.27
N GLU F 123 5.18 65.17 22.58
CA GLU F 123 3.92 65.42 23.26
C GLU F 123 3.88 66.82 23.84
N GLY F 124 2.66 67.34 23.95
CA GLY F 124 2.43 68.69 24.46
C GLY F 124 2.55 68.79 25.97
N PHE F 125 3.75 68.53 26.48
CA PHE F 125 4.01 68.72 27.90
C PHE F 125 4.03 70.21 28.24
N THR F 126 3.81 70.51 29.51
CA THR F 126 3.94 71.86 30.03
C THR F 126 4.81 71.82 31.29
N TRP F 127 5.86 72.64 31.31
CA TRP F 127 6.82 72.65 32.42
C TRP F 127 6.99 74.09 32.90
N THR F 128 6.31 74.43 33.98
CA THR F 128 6.42 75.76 34.58
C THR F 128 6.59 75.66 36.10
N GLY F 129 7.54 76.43 36.64
CA GLY F 129 8.37 77.32 35.86
C GLY F 129 9.85 77.03 36.00
N VAL F 130 10.43 76.47 34.95
CA VAL F 130 11.84 76.11 34.94
C VAL F 130 12.49 76.46 33.62
N THR F 131 13.80 76.67 33.68
CA THR F 131 14.58 76.97 32.51
C THR F 131 14.52 75.73 31.66
N GLN F 132 14.39 75.90 30.35
CA GLN F 132 14.08 74.79 29.46
C GLN F 132 15.29 74.01 28.98
N ASN F 133 15.09 73.28 27.91
CA ASN F 133 16.08 72.34 27.46
C ASN F 133 17.38 73.03 27.22
N GLY F 134 18.44 72.42 27.70
CA GLY F 134 19.78 72.97 27.65
C GLY F 134 20.81 71.86 27.51
N GLY F 135 22.04 72.22 27.19
CA GLY F 135 23.05 71.20 27.02
C GLY F 135 24.44 71.74 27.31
N SER F 136 25.41 70.84 27.26
CA SER F 136 26.81 71.14 27.48
C SER F 136 27.60 70.91 26.20
N ASN F 137 28.91 71.16 26.27
CA ASN F 137 29.78 71.01 25.11
C ASN F 137 30.18 69.56 24.84
N ALA F 138 29.80 68.62 25.71
CA ALA F 138 30.06 67.21 25.44
C ALA F 138 29.22 66.71 24.27
N CYS F 139 27.96 67.13 24.21
CA CYS F 139 27.09 66.83 23.08
C CYS F 139 27.04 68.01 22.11
N LYS F 140 28.22 68.43 21.67
CA LYS F 140 28.36 69.60 20.79
C LYS F 140 27.83 69.25 19.39
N ARG F 141 26.53 69.37 19.22
CA ARG F 141 25.89 69.04 17.94
C ARG F 141 26.25 70.09 16.91
N GLY F 142 27.16 69.75 16.01
CA GLY F 142 27.62 70.66 14.98
C GLY F 142 28.53 71.73 15.53
N PRO F 143 28.24 73.00 15.21
CA PRO F 143 29.07 74.09 15.72
C PRO F 143 28.78 74.43 17.17
N GLY F 144 27.49 74.52 17.53
CA GLY F 144 27.09 74.92 18.86
C GLY F 144 26.87 73.74 19.78
N SER F 145 26.49 74.06 21.02
CA SER F 145 26.22 73.06 22.04
C SER F 145 24.88 72.37 21.77
N GLY F 146 24.65 71.28 22.48
CA GLY F 146 23.42 70.53 22.30
C GLY F 146 23.25 69.49 23.39
N PHE F 147 22.26 68.61 23.16
CA PHE F 147 21.90 67.58 24.11
C PHE F 147 21.22 66.46 23.34
N PHE F 148 20.76 65.44 24.06
CA PHE F 148 20.04 64.34 23.44
C PHE F 148 18.78 64.84 22.76
N SER F 149 18.40 64.18 21.68
CA SER F 149 17.28 64.60 20.86
C SER F 149 15.96 64.55 21.54
N ARG F 150 15.68 63.45 22.24
CA ARG F 150 14.34 63.18 22.77
C ARG F 150 14.16 63.55 24.24
N LEU F 151 15.21 64.10 24.82
CA LEU F 151 15.28 64.38 26.25
C LEU F 151 15.35 65.90 26.47
N ASN F 152 14.81 66.32 27.60
CA ASN F 152 14.72 67.74 27.96
C ASN F 152 15.43 67.95 29.29
N TRP F 153 16.49 68.75 29.28
CA TRP F 153 17.27 69.02 30.49
C TRP F 153 16.69 70.26 31.17
N LEU F 154 16.06 70.09 32.32
CA LEU F 154 15.49 71.19 33.09
C LEU F 154 16.46 71.77 34.11
N THR F 155 16.45 73.10 34.24
CA THR F 155 17.37 73.83 35.12
C THR F 155 16.61 74.91 35.88
N LYS F 156 17.21 75.46 36.93
CA LYS F 156 16.54 76.50 37.69
C LYS F 156 16.25 77.74 36.85
N SER F 157 15.03 78.22 36.92
CA SER F 157 14.64 79.47 36.26
C SER F 157 14.74 80.61 37.27
N GLY F 158 15.59 81.58 36.98
CA GLY F 158 15.91 82.60 37.97
C GLY F 158 16.58 82.02 39.20
N SER F 159 15.86 82.01 40.33
CA SER F 159 16.41 81.53 41.58
C SER F 159 15.57 80.45 42.25
N THR F 160 14.60 79.87 41.54
CA THR F 160 13.70 78.88 42.12
C THR F 160 13.58 77.67 41.21
N TYR F 161 13.35 76.51 41.83
CA TYR F 161 12.99 75.27 41.14
C TYR F 161 11.92 74.57 41.96
N PRO F 162 10.67 74.59 41.50
CA PRO F 162 9.57 74.01 42.30
C PRO F 162 9.38 72.53 42.03
N VAL F 163 8.37 71.94 42.66
CA VAL F 163 7.94 70.59 42.35
C VAL F 163 6.93 70.67 41.22
N LEU F 164 7.08 69.79 40.23
CA LEU F 164 6.33 69.87 38.97
C LEU F 164 5.34 68.71 38.90
N ASN F 165 4.09 68.98 39.29
CA ASN F 165 3.03 67.97 39.27
C ASN F 165 2.44 67.91 37.86
N VAL F 166 3.14 67.19 36.99
CA VAL F 166 2.78 67.06 35.58
C VAL F 166 2.10 65.72 35.36
N THR F 167 0.94 65.77 34.71
CA THR F 167 0.13 64.57 34.44
C THR F 167 -0.17 64.50 32.95
N MET F 168 -0.13 63.28 32.41
CA MET F 168 -0.43 63.04 31.00
C MET F 168 -1.18 61.72 30.85
N PRO F 169 -2.49 61.76 30.72
CA PRO F 169 -3.24 60.54 30.40
C PRO F 169 -3.21 60.27 28.90
N ASN F 170 -3.63 59.06 28.54
CA ASN F 170 -3.66 58.66 27.14
C ASN F 170 -4.82 57.72 26.89
N ASN F 171 -5.49 57.90 25.76
CA ASN F 171 -6.68 57.15 25.40
C ASN F 171 -6.51 56.49 24.03
N ASP F 172 -5.32 55.94 23.77
CA ASP F 172 -5.03 55.28 22.52
C ASP F 172 -4.96 53.78 22.71
N ASN F 173 -5.02 53.05 21.59
CA ASN F 173 -5.05 51.60 21.63
C ASN F 173 -3.68 50.96 21.86
N PHE F 174 -2.61 51.67 21.54
CA PHE F 174 -1.26 51.10 21.63
C PHE F 174 -0.64 51.43 22.97
N ASP F 175 0.55 50.86 23.20
CA ASP F 175 1.33 51.14 24.40
C ASP F 175 2.41 52.18 24.10
N LYS F 176 2.85 52.87 25.15
CA LYS F 176 3.82 53.93 25.03
C LYS F 176 5.10 53.57 25.76
N LEU F 177 6.18 54.26 25.42
CA LEU F 177 7.46 54.08 26.08
C LEU F 177 8.08 55.45 26.32
N TYR F 178 8.17 55.86 27.58
CA TYR F 178 8.74 57.15 27.94
C TYR F 178 10.14 56.91 28.48
N ILE F 179 11.14 57.53 27.85
CA ILE F 179 12.52 57.47 28.31
C ILE F 179 12.87 58.79 28.98
N TRP F 180 13.42 58.72 30.18
CA TRP F 180 13.78 59.89 30.96
C TRP F 180 15.09 59.63 31.67
N GLY F 181 15.54 60.59 32.48
CA GLY F 181 16.82 60.44 33.15
C GLY F 181 16.90 61.22 34.44
N VAL F 182 17.94 60.91 35.21
CA VAL F 182 18.25 61.60 36.46
C VAL F 182 19.73 61.96 36.44
N HIS F 183 20.03 63.25 36.56
CA HIS F 183 21.41 63.72 36.46
C HIS F 183 22.10 63.62 37.81
N HIS F 184 23.32 63.09 37.82
CA HIS F 184 24.12 62.95 39.03
C HIS F 184 25.31 63.90 38.98
N PRO F 185 25.22 65.09 39.58
CA PRO F 185 26.32 66.06 39.47
C PRO F 185 27.56 65.64 40.22
N SER F 186 28.61 66.45 40.16
CA SER F 186 29.90 66.11 40.75
C SER F 186 30.13 66.74 42.12
N THR F 187 29.49 67.88 42.40
CA THR F 187 29.69 68.58 43.67
C THR F 187 28.36 69.11 44.18
N ASN F 188 28.38 69.56 45.44
CA ASN F 188 27.21 70.25 45.98
C ASN F 188 27.08 71.65 45.39
N GLN F 189 28.21 72.32 45.14
CA GLN F 189 28.19 73.60 44.47
C GLN F 189 27.52 73.50 43.11
N GLU F 190 27.83 72.44 42.36
CA GLU F 190 27.13 72.20 41.10
C GLU F 190 25.65 71.97 41.35
N GLN F 191 25.33 71.02 42.24
CA GLN F 191 23.93 70.64 42.49
C GLN F 191 23.07 71.86 42.81
N THR F 192 23.58 72.77 43.64
CA THR F 192 22.80 73.96 43.98
C THR F 192 22.80 74.99 42.85
N SER F 193 23.83 74.97 42.01
CA SER F 193 23.91 75.96 40.92
C SER F 193 22.77 75.76 39.93
N LEU F 194 22.46 74.51 39.59
CA LEU F 194 21.49 74.23 38.54
C LEU F 194 20.12 73.86 39.07
N TYR F 195 20.04 73.10 40.16
CA TYR F 195 18.73 72.66 40.62
C TYR F 195 18.09 73.38 41.79
N VAL F 196 18.78 74.41 42.31
CA VAL F 196 18.32 75.24 43.46
C VAL F 196 18.35 74.54 44.84
N GLN F 197 17.63 73.43 44.97
CA GLN F 197 17.57 72.62 46.18
C GLN F 197 18.88 71.86 46.37
N ALA F 198 19.19 71.46 47.58
CA ALA F 198 20.46 70.78 47.86
C ALA F 198 20.37 69.29 47.55
N SER F 199 19.21 68.68 47.78
CA SER F 199 19.01 67.26 47.53
C SER F 199 17.83 67.10 46.58
N GLY F 200 18.10 66.60 45.38
CA GLY F 200 17.05 66.39 44.41
C GLY F 200 16.27 65.12 44.64
N ARG F 201 15.29 64.89 43.75
CA ARG F 201 14.48 63.68 43.74
C ARG F 201 13.64 63.60 42.47
N VAL F 202 13.57 62.43 41.84
CA VAL F 202 12.76 62.25 40.64
C VAL F 202 11.88 61.04 40.87
N THR F 203 10.58 61.26 40.97
CA THR F 203 9.63 60.17 41.13
C THR F 203 8.61 60.24 40.01
N VAL F 204 8.37 59.10 39.37
CA VAL F 204 7.45 58.99 38.25
C VAL F 204 6.62 57.73 38.44
N SER F 205 5.33 57.83 38.14
CA SER F 205 4.43 56.71 38.40
C SER F 205 3.33 56.63 37.36
N THR F 206 2.78 55.42 37.30
CA THR F 206 1.49 55.05 36.74
C THR F 206 0.86 54.21 37.82
N ARG F 207 -0.44 53.95 37.73
CA ARG F 207 -1.09 53.14 38.74
C ARG F 207 -0.41 51.77 38.72
N ARG F 208 -0.17 51.28 37.51
CA ARG F 208 0.44 49.98 37.31
C ARG F 208 1.86 49.86 37.88
N SER F 209 2.65 50.91 37.78
CA SER F 209 4.02 50.89 38.32
C SER F 209 4.48 52.23 38.88
N GLN F 210 5.45 52.22 39.78
CA GLN F 210 6.09 53.46 40.22
C GLN F 210 7.57 53.32 40.49
N GLN F 211 8.33 54.40 40.35
CA GLN F 211 9.75 54.35 40.65
C GLN F 211 10.20 55.72 41.15
N THR F 212 11.03 55.71 42.17
CA THR F 212 11.51 56.93 42.81
C THR F 212 13.02 56.85 42.93
N ILE F 213 13.72 57.82 42.34
CA ILE F 213 15.18 57.84 42.30
C ILE F 213 15.68 59.07 43.02
N ILE F 214 16.62 58.86 43.94
CA ILE F 214 17.31 59.94 44.63
C ILE F 214 18.68 60.12 43.98
N PRO F 215 19.06 61.33 43.59
CA PRO F 215 20.35 61.54 42.93
C PRO F 215 21.52 61.17 43.83
N ASN F 216 22.66 60.93 43.20
CA ASN F 216 23.88 60.52 43.89
C ASN F 216 24.99 61.50 43.49
N ILE F 217 25.38 62.36 44.41
CA ILE F 217 26.34 63.43 44.13
C ILE F 217 27.73 62.86 44.39
N GLU F 218 28.41 62.44 43.31
CA GLU F 218 29.73 61.84 43.43
C GLU F 218 30.56 62.24 42.24
N SER F 219 31.89 62.23 42.42
CA SER F 219 32.83 62.64 41.39
C SER F 219 33.46 61.39 40.77
N ARG F 220 32.95 61.00 39.61
CA ARG F 220 33.54 59.91 38.84
C ARG F 220 34.71 60.42 38.01
N PRO F 221 35.66 59.56 37.66
CA PRO F 221 36.75 59.98 36.76
C PRO F 221 36.19 60.49 35.44
N TRP F 222 36.78 61.58 34.96
CA TRP F 222 36.24 62.29 33.80
C TRP F 222 36.27 61.41 32.56
N VAL F 223 35.13 61.36 31.86
CA VAL F 223 35.06 60.83 30.50
C VAL F 223 34.47 61.91 29.62
N ARG F 224 35.20 62.26 28.56
CA ARG F 224 34.83 63.40 27.73
C ARG F 224 34.87 64.71 28.53
N GLY F 225 35.77 64.78 29.51
CA GLY F 225 35.97 65.99 30.27
C GLY F 225 35.09 66.14 31.50
N LEU F 226 33.97 65.43 31.55
CA LEU F 226 32.95 65.66 32.57
C LEU F 226 33.03 64.62 33.68
N SER F 227 32.84 65.07 34.93
CA SER F 227 32.83 64.20 36.09
C SER F 227 31.42 63.78 36.50
N SER F 228 30.41 64.39 35.89
CA SER F 228 29.02 64.17 36.27
C SER F 228 28.26 63.39 35.20
N ARG F 229 27.41 62.46 35.65
CA ARG F 229 26.79 61.45 34.76
C ARG F 229 25.27 61.29 34.94
N ILE F 230 24.62 60.75 33.91
CA ILE F 230 23.17 60.64 33.86
C ILE F 230 22.65 59.20 33.96
N SER F 231 21.56 58.97 34.70
CA SER F 231 20.98 57.63 34.77
C SER F 231 19.65 57.63 34.04
N ILE F 232 19.53 56.80 33.02
CA ILE F 232 18.36 56.77 32.15
C ILE F 232 17.46 55.61 32.55
N TYR F 233 16.17 55.88 32.66
CA TYR F 233 15.16 54.87 32.99
C TYR F 233 14.02 54.97 31.98
N TRP F 234 13.16 53.96 32.00
CA TRP F 234 12.06 53.87 31.05
C TRP F 234 10.77 53.53 31.78
N THR F 235 9.64 53.82 31.12
CA THR F 235 8.33 53.60 31.71
C THR F 235 7.32 53.38 30.59
N ILE F 236 6.44 52.40 30.78
CA ILE F 236 5.45 52.01 29.78
C ILE F 236 4.06 52.32 30.32
N VAL F 237 3.22 52.95 29.49
CA VAL F 237 1.85 53.27 29.84
C VAL F 237 0.92 52.47 28.94
N LYS F 238 -0.01 51.76 29.55
CA LYS F 238 -0.96 50.92 28.83
C LYS F 238 -2.23 51.69 28.54
N PRO F 239 -3.05 51.21 27.59
CA PRO F 239 -4.31 51.90 27.30
C PRO F 239 -5.20 52.01 28.52
N GLY F 240 -5.83 53.18 28.68
CA GLY F 240 -6.62 53.48 29.85
C GLY F 240 -5.84 53.92 31.06
N ASP F 241 -4.51 53.84 31.02
CA ASP F 241 -3.67 54.20 32.15
C ASP F 241 -3.14 55.62 31.99
N VAL F 242 -2.63 56.16 33.09
CA VAL F 242 -2.23 57.57 33.17
C VAL F 242 -0.82 57.66 33.74
N LEU F 243 -0.01 58.54 33.16
CA LEU F 243 1.35 58.79 33.61
C LEU F 243 1.41 60.11 34.37
N VAL F 244 2.12 60.11 35.51
CA VAL F 244 2.35 61.32 36.28
C VAL F 244 3.83 61.39 36.65
N ILE F 245 4.40 62.59 36.53
CA ILE F 245 5.81 62.83 36.83
C ILE F 245 5.92 64.06 37.72
N ASN F 246 6.67 63.93 38.81
CA ASN F 246 6.96 65.08 39.67
C ASN F 246 8.36 64.93 40.22
N SER F 247 9.02 66.07 40.44
CA SER F 247 10.40 66.07 40.89
C SER F 247 10.74 67.43 41.47
N ASN F 248 11.50 67.43 42.57
CA ASN F 248 12.03 68.66 43.14
C ASN F 248 13.42 68.99 42.63
N GLY F 249 13.91 68.25 41.66
CA GLY F 249 15.22 68.51 41.08
C GLY F 249 15.78 67.30 40.37
N ASN F 250 16.81 67.56 39.55
CA ASN F 250 17.58 66.52 38.87
C ASN F 250 16.77 65.75 37.84
N LEU F 251 15.80 66.40 37.19
CA LEU F 251 14.91 65.72 36.25
C LEU F 251 15.41 65.94 34.82
N ILE F 252 15.71 64.84 34.13
CA ILE F 252 15.97 64.87 32.68
C ILE F 252 14.67 64.41 32.04
N ALA F 253 13.79 65.36 31.76
CA ALA F 253 12.43 65.06 31.35
C ALA F 253 12.39 64.53 29.92
N PRO F 254 11.34 63.78 29.57
CA PRO F 254 11.17 63.34 28.19
C PRO F 254 10.47 64.38 27.33
N ARG F 255 10.71 64.29 26.02
CA ARG F 255 10.04 65.14 25.05
C ARG F 255 8.71 64.57 24.59
N GLY F 256 8.53 63.25 24.69
CA GLY F 256 7.31 62.60 24.25
C GLY F 256 7.36 61.11 24.53
N TYR F 257 6.86 60.29 23.61
CA TYR F 257 6.86 58.86 23.80
C TYR F 257 7.23 58.16 22.50
N PHE F 258 7.63 56.90 22.63
CA PHE F 258 7.90 56.04 21.48
C PHE F 258 6.73 55.08 21.29
N LYS F 259 6.21 55.02 20.07
CA LYS F 259 5.08 54.14 19.78
C LYS F 259 5.54 52.69 19.79
N MET F 260 4.87 51.89 20.62
CA MET F 260 5.14 50.48 20.73
C MET F 260 4.31 49.69 19.75
N ARG F 261 4.94 48.75 19.08
CA ARG F 261 4.21 47.80 18.24
C ARG F 261 4.77 46.41 18.47
N THR F 262 3.91 45.47 18.83
CA THR F 262 4.34 44.09 18.96
C THR F 262 4.73 43.55 17.58
N GLY F 263 5.93 42.97 17.50
CA GLY F 263 6.42 42.54 16.20
C GLY F 263 7.44 41.43 16.37
N LYS F 264 8.02 41.04 15.23
CA LYS F 264 9.00 39.97 15.17
C LYS F 264 10.41 40.47 14.92
N SER F 265 10.68 41.75 15.18
CA SER F 265 12.00 42.29 14.99
C SER F 265 12.94 41.84 16.11
N SER F 266 14.22 42.15 15.95
CA SER F 266 15.24 41.73 16.90
C SER F 266 16.49 42.58 16.67
N ILE F 267 17.61 42.14 17.24
CA ILE F 267 18.88 42.86 17.14
C ILE F 267 20.00 41.83 17.24
N MET F 268 21.14 42.16 16.65
CA MET F 268 22.24 41.21 16.57
C MET F 268 23.55 41.97 16.45
N ARG F 269 24.57 41.54 17.19
CA ARG F 269 25.88 42.17 17.14
C ARG F 269 26.79 41.36 16.21
N SER F 270 27.29 42.02 15.17
CA SER F 270 28.15 41.36 14.20
C SER F 270 28.85 42.42 13.35
N ASP F 271 30.06 42.10 12.91
CA ASP F 271 30.82 42.94 12.00
C ASP F 271 30.74 42.46 10.55
N ALA F 272 29.80 41.57 10.25
CA ALA F 272 29.73 40.99 8.91
C ALA F 272 29.23 42.01 7.90
N PRO F 273 29.80 42.04 6.70
CA PRO F 273 29.32 42.98 5.68
C PRO F 273 27.96 42.57 5.14
N ILE F 274 27.36 43.48 4.38
CA ILE F 274 26.04 43.28 3.78
C ILE F 274 26.19 43.26 2.27
N ASP F 275 25.50 42.32 1.62
CA ASP F 275 25.55 42.18 0.17
C ASP F 275 24.13 42.07 -0.36
N THR F 276 23.95 42.47 -1.63
CA THR F 276 22.65 42.37 -2.29
C THR F 276 22.43 40.91 -2.70
N CYS F 277 21.80 40.16 -1.80
CA CYS F 277 21.45 38.78 -2.05
C CYS F 277 20.19 38.45 -1.27
N ILE F 278 19.72 37.22 -1.40
CA ILE F 278 18.49 36.76 -0.75
C ILE F 278 18.84 35.57 0.14
N SER F 279 18.46 35.67 1.41
CA SER F 279 18.67 34.58 2.37
C SER F 279 17.71 34.75 3.53
N GLU F 280 16.94 33.70 3.83
CA GLU F 280 15.92 33.77 4.86
C GLU F 280 16.50 33.72 6.27
N CYS F 281 17.65 33.08 6.46
CA CYS F 281 18.24 32.90 7.78
C CYS F 281 19.52 33.72 7.89
N ILE F 282 19.69 34.42 9.01
CA ILE F 282 20.84 35.29 9.24
C ILE F 282 21.47 34.92 10.58
N THR F 283 22.78 34.72 10.58
CA THR F 283 23.59 34.52 11.77
C THR F 283 24.67 35.59 11.84
N PRO F 284 25.26 35.82 13.02
CA PRO F 284 26.32 36.84 13.10
C PRO F 284 27.49 36.59 12.16
N ASN F 285 27.79 35.33 11.85
CA ASN F 285 28.85 35.04 10.91
C ASN F 285 28.43 35.30 9.46
N GLY F 286 27.14 35.43 9.20
CA GLY F 286 26.62 35.61 7.86
C GLY F 286 25.31 34.86 7.71
N SER F 287 24.90 34.69 6.46
CA SER F 287 23.64 34.03 6.13
C SER F 287 23.88 32.57 5.78
N ILE F 288 22.85 31.77 5.99
CA ILE F 288 22.96 30.34 5.76
C ILE F 288 21.73 29.84 5.05
N PRO F 289 21.92 28.87 4.17
CA PRO F 289 20.77 28.28 3.49
C PRO F 289 19.97 27.53 4.52
N ASN F 290 18.66 27.61 4.46
CA ASN F 290 17.85 26.94 5.46
C ASN F 290 17.47 25.54 5.01
N ASP F 291 18.12 25.07 3.95
CA ASP F 291 17.78 23.77 3.39
C ASP F 291 18.00 22.55 4.28
N LYS F 292 19.06 22.52 5.07
CA LYS F 292 19.37 21.37 5.89
C LYS F 292 18.64 21.46 7.22
N PRO F 293 18.46 20.35 7.93
CA PRO F 293 17.69 20.39 9.18
C PRO F 293 18.44 20.99 10.35
N PHE F 294 19.76 20.96 10.35
CA PHE F 294 20.56 21.42 11.49
C PHE F 294 21.51 22.52 11.06
N GLN F 295 22.19 23.09 12.04
CA GLN F 295 23.08 24.21 11.79
C GLN F 295 24.10 24.28 12.92
N ASN F 296 25.33 24.67 12.58
CA ASN F 296 26.44 24.68 13.53
C ASN F 296 27.14 26.03 13.60
N VAL F 297 26.85 26.96 12.68
CA VAL F 297 27.64 28.18 12.56
C VAL F 297 27.55 29.02 13.83
N ASN F 298 26.34 29.31 14.29
CA ASN F 298 26.18 30.18 15.44
C ASN F 298 24.88 29.85 16.17
N LYS F 299 24.92 30.04 17.49
CA LYS F 299 23.76 29.69 18.31
C LYS F 299 22.62 30.68 18.10
N ILE F 300 22.93 31.96 17.91
CA ILE F 300 21.91 32.99 17.77
C ILE F 300 21.68 33.23 16.27
N THR F 301 20.43 33.11 15.84
CA THR F 301 20.05 33.29 14.45
C THR F 301 18.82 34.18 14.38
N TYR F 302 18.41 34.51 13.16
CA TYR F 302 17.17 35.26 12.93
C TYR F 302 16.52 34.74 11.66
N GLY F 303 15.24 34.41 11.74
CA GLY F 303 14.52 33.93 10.57
C GLY F 303 14.26 32.45 10.62
N ALA F 304 13.63 31.96 9.54
CA ALA F 304 13.35 30.53 9.40
C ALA F 304 14.66 29.79 9.21
N CYS F 305 15.21 29.27 10.31
CA CYS F 305 16.53 28.67 10.35
C CYS F 305 16.47 27.21 10.76
N PRO F 306 17.51 26.44 10.47
CA PRO F 306 17.61 25.09 11.06
C PRO F 306 17.95 25.18 12.54
N LYS F 307 17.69 24.07 13.23
CA LYS F 307 17.96 23.99 14.67
C LYS F 307 19.45 23.87 14.92
N TYR F 308 19.94 24.55 15.96
CA TYR F 308 21.36 24.55 16.23
C TYR F 308 21.81 23.23 16.82
N VAL F 309 23.05 22.85 16.49
CA VAL F 309 23.66 21.61 16.93
C VAL F 309 25.14 21.86 17.21
N LYS F 310 25.64 21.28 18.30
CA LYS F 310 27.01 21.55 18.72
C LYS F 310 28.03 20.98 17.74
N GLN F 311 27.83 19.74 17.28
CA GLN F 311 28.81 19.12 16.40
C GLN F 311 28.72 19.71 14.99
N ASN F 312 29.78 19.49 14.21
CA ASN F 312 29.90 20.08 12.89
C ASN F 312 29.58 19.11 11.76
N THR F 313 29.10 17.91 12.08
CA THR F 313 28.83 16.91 11.05
C THR F 313 27.84 15.90 11.58
N LEU F 314 26.78 15.64 10.80
CA LEU F 314 25.83 14.57 11.09
C LEU F 314 25.35 14.00 9.75
N LYS F 315 26.05 12.96 9.29
CA LYS F 315 25.76 12.37 7.99
C LYS F 315 24.84 11.16 8.15
N LEU F 316 23.74 11.16 7.41
CA LEU F 316 22.76 10.08 7.45
C LEU F 316 23.05 9.11 6.31
N ALA F 317 23.26 7.84 6.65
CA ALA F 317 23.64 6.87 5.64
C ALA F 317 22.44 6.46 4.79
N THR F 318 22.59 6.58 3.48
CA THR F 318 21.59 6.14 2.52
C THR F 318 22.22 5.21 1.49
N GLY F 319 23.07 4.30 1.95
CA GLY F 319 23.75 3.38 1.06
C GLY F 319 24.06 2.08 1.77
N MET F 320 25.25 1.55 1.53
CA MET F 320 25.67 0.29 2.14
C MET F 320 27.16 0.37 2.45
N ARG F 321 27.67 -0.69 3.08
CA ARG F 321 29.09 -0.76 3.39
C ARG F 321 29.91 -0.64 2.11
N ASN F 322 30.83 0.29 2.09
CA ASN F 322 31.61 0.48 0.88
C ASN F 322 32.93 -0.17 1.02
N VAL F 323 33.19 -1.21 0.24
CA VAL F 323 34.53 -1.77 0.23
C VAL F 323 35.02 -1.67 -1.21
N PRO F 324 36.21 -1.11 -1.38
CA PRO F 324 36.92 -0.90 -2.66
C PRO F 324 37.63 -2.14 -3.24
N GLU F 325 38.07 -2.06 -4.50
CA GLU F 325 38.55 -3.22 -5.23
C GLU F 325 39.98 -3.02 -5.72
N LYS F 326 40.72 -4.10 -5.98
CA LYS F 326 41.99 -4.01 -6.69
C LYS F 326 42.42 -5.31 -7.39
N GLN F 327 43.37 -5.22 -8.34
CA GLN F 327 43.85 -6.43 -9.01
C GLN F 327 42.70 -7.21 -9.65
N ARG F 329 46.47 -15.41 -6.76
CA ARG F 329 45.14 -14.82 -6.92
C ARG F 329 45.13 -13.59 -7.81
N GLY F 330 44.00 -13.40 -8.46
CA GLY F 330 43.86 -12.54 -9.61
C GLY F 330 44.17 -13.34 -10.86
N LEU F 331 44.63 -14.58 -10.69
CA LEU F 331 44.98 -15.43 -11.80
C LEU F 331 43.72 -15.65 -12.60
N PHE F 332 43.89 -16.02 -13.86
CA PHE F 332 42.72 -16.25 -14.71
C PHE F 332 41.75 -15.07 -14.71
N GLY F 333 42.11 -13.95 -14.08
CA GLY F 333 41.18 -12.85 -13.93
C GLY F 333 39.91 -13.37 -13.26
N ALA F 334 40.08 -14.02 -12.12
CA ALA F 334 39.02 -14.82 -11.54
C ALA F 334 37.83 -13.96 -11.13
N ILE F 335 36.64 -14.45 -11.47
CA ILE F 335 35.42 -13.84 -10.94
C ILE F 335 35.36 -14.06 -9.44
N ALA F 336 35.04 -12.99 -8.70
CA ALA F 336 35.07 -13.01 -7.24
C ALA F 336 33.77 -12.46 -6.67
N GLY F 337 33.56 -12.65 -5.37
CA GLY F 337 32.32 -12.25 -4.74
C GLY F 337 32.50 -11.24 -3.62
N PHE F 338 31.47 -11.08 -2.80
CA PHE F 338 31.43 -10.09 -1.74
C PHE F 338 32.33 -10.42 -0.56
N ILE F 339 33.18 -11.44 -0.61
CA ILE F 339 34.02 -11.77 0.54
C ILE F 339 35.26 -10.89 0.57
N GLU F 340 35.87 -10.64 -0.58
CA GLU F 340 37.11 -9.88 -0.61
C GLU F 340 36.94 -8.43 -1.04
N ASN F 341 35.87 -8.09 -1.76
CA ASN F 341 35.69 -6.72 -2.24
C ASN F 341 34.28 -6.57 -2.80
N GLY F 342 33.93 -5.33 -3.13
CA GLY F 342 32.72 -5.01 -3.84
C GLY F 342 33.03 -4.66 -5.28
N TRP F 343 31.97 -4.53 -6.07
CA TRP F 343 32.08 -4.29 -7.51
C TRP F 343 31.86 -2.81 -7.81
N GLU F 344 32.91 -2.13 -8.26
CA GLU F 344 32.73 -0.75 -8.70
C GLU F 344 32.02 -0.71 -10.04
N GLY F 345 32.13 -1.79 -10.82
CA GLY F 345 31.54 -1.83 -12.14
C GLY F 345 30.05 -2.01 -12.16
N MET F 346 29.48 -2.56 -11.09
CA MET F 346 28.03 -2.71 -11.02
C MET F 346 27.41 -1.43 -10.50
N ILE F 347 26.61 -0.78 -11.34
CA ILE F 347 26.12 0.57 -11.05
C ILE F 347 24.61 0.66 -10.99
N ASP F 348 23.88 -0.36 -11.40
CA ASP F 348 22.42 -0.25 -11.48
C ASP F 348 21.75 -0.53 -10.13
N GLY F 349 22.22 -1.55 -9.41
CA GLY F 349 21.61 -1.92 -8.15
C GLY F 349 22.67 -2.21 -7.11
N TRP F 350 22.22 -2.34 -5.86
CA TRP F 350 23.20 -2.59 -4.82
CA TRP F 350 23.14 -2.62 -4.75
C TRP F 350 23.70 -4.02 -4.83
N TYR F 351 22.89 -4.97 -5.31
CA TYR F 351 23.26 -6.37 -5.34
C TYR F 351 23.06 -6.94 -6.73
N GLY F 352 23.90 -7.90 -7.09
CA GLY F 352 23.79 -8.49 -8.42
C GLY F 352 24.67 -9.70 -8.58
N PHE F 353 24.72 -10.20 -9.81
CA PHE F 353 25.46 -11.41 -10.16
C PHE F 353 26.59 -11.09 -11.14
N ARG F 354 27.64 -11.90 -11.07
CA ARG F 354 28.64 -12.02 -12.11
C ARG F 354 28.90 -13.50 -12.35
N HIS F 355 29.22 -13.85 -13.59
CA HIS F 355 29.36 -15.25 -13.96
C HIS F 355 30.49 -15.41 -14.96
N GLN F 356 30.89 -16.67 -15.14
CA GLN F 356 32.00 -17.02 -16.04
C GLN F 356 31.73 -18.44 -16.53
N ASN F 357 31.49 -18.59 -17.82
CA ASN F 357 31.08 -19.88 -18.35
C ASN F 357 31.67 -20.02 -19.76
N SER F 358 31.04 -20.89 -20.57
CA SER F 358 31.53 -21.15 -21.91
C SER F 358 31.39 -19.93 -22.81
N GLU F 359 30.25 -19.24 -22.73
CA GLU F 359 30.02 -18.09 -23.59
C GLU F 359 30.82 -16.87 -23.17
N GLY F 360 31.30 -16.81 -21.92
CA GLY F 360 32.11 -15.70 -21.47
C GLY F 360 31.54 -15.07 -20.22
N THR F 361 32.32 -14.15 -19.66
CA THR F 361 31.94 -13.46 -18.44
C THR F 361 30.73 -12.56 -18.69
N GLY F 362 30.01 -12.27 -17.61
CA GLY F 362 28.80 -11.48 -17.70
C GLY F 362 28.46 -10.84 -16.37
N GLN F 363 27.54 -9.90 -16.37
CA GLN F 363 27.07 -9.29 -15.13
C GLN F 363 25.59 -8.98 -15.17
N ALA F 364 24.93 -9.02 -14.03
CA ALA F 364 23.58 -8.55 -13.93
C ALA F 364 23.25 -8.14 -12.52
N ALA F 365 22.30 -7.26 -12.35
CA ALA F 365 21.91 -6.84 -11.00
C ALA F 365 20.61 -7.53 -10.59
N ASP F 366 20.45 -7.70 -9.28
CA ASP F 366 19.25 -8.30 -8.71
C ASP F 366 18.41 -7.18 -8.12
N LEU F 367 17.24 -6.93 -8.71
CA LEU F 367 16.43 -5.79 -8.35
C LEU F 367 15.50 -6.06 -7.19
N LYS F 368 15.04 -7.31 -7.02
CA LYS F 368 14.14 -7.60 -5.90
C LYS F 368 14.80 -7.30 -4.57
N SER F 369 16.09 -7.59 -4.46
CA SER F 369 16.79 -7.34 -3.20
C SER F 369 17.19 -5.87 -3.09
N THR F 370 17.52 -5.25 -4.21
CA THR F 370 17.80 -3.82 -4.21
C THR F 370 16.55 -3.00 -3.88
N GLN F 371 15.38 -3.44 -4.36
CA GLN F 371 14.13 -2.78 -3.97
C GLN F 371 13.87 -2.93 -2.48
N ALA F 372 14.06 -4.13 -1.95
CA ALA F 372 13.85 -4.34 -0.52
C ALA F 372 14.76 -3.47 0.31
N ALA F 373 15.89 -3.05 -0.26
CA ALA F 373 16.80 -2.14 0.44
C ALA F 373 16.30 -0.70 0.38
N ILE F 374 16.02 -0.20 -0.84
CA ILE F 374 15.66 1.20 -0.96
C ILE F 374 14.21 1.47 -0.58
N ASP F 375 13.36 0.43 -0.51
CA ASP F 375 12.01 0.64 -0.01
C ASP F 375 12.01 0.94 1.48
N GLN F 376 13.08 0.57 2.19
CA GLN F 376 13.22 0.86 3.61
C GLN F 376 14.07 2.09 3.89
N ILE F 377 15.07 2.35 3.05
CA ILE F 377 15.84 3.59 3.15
C ILE F 377 15.07 4.78 2.62
N ASN F 378 13.96 4.53 1.91
CA ASN F 378 13.20 5.61 1.28
C ASN F 378 12.78 6.67 2.29
N GLY F 379 12.09 6.28 3.35
CA GLY F 379 11.55 7.26 4.26
C GLY F 379 12.36 7.47 5.52
N LYS F 380 13.68 7.28 5.44
CA LYS F 380 14.53 7.43 6.63
C LYS F 380 14.79 8.90 6.95
N LEU F 381 15.21 9.68 5.95
CA LEU F 381 15.49 11.10 6.17
C LEU F 381 14.29 11.81 6.81
N ASN F 382 13.09 11.58 6.27
CA ASN F 382 11.91 12.18 6.86
C ASN F 382 11.60 11.62 8.24
N ARG F 383 11.88 10.33 8.44
CA ARG F 383 11.66 9.73 9.76
C ARG F 383 12.60 10.32 10.79
N VAL F 384 13.83 10.65 10.39
CA VAL F 384 14.78 11.29 11.28
C VAL F 384 14.28 12.70 11.65
N ILE F 385 13.85 13.46 10.64
CA ILE F 385 13.38 14.82 10.89
C ILE F 385 12.16 14.81 11.81
N GLU F 386 11.24 13.87 11.59
CA GLU F 386 10.07 13.77 12.46
C GLU F 386 10.50 13.48 13.90
N LYS F 387 11.36 12.47 14.07
CA LYS F 387 11.79 12.10 15.42
C LYS F 387 12.68 13.16 16.03
N THR F 388 13.51 13.82 15.22
CA THR F 388 14.38 14.86 15.75
C THR F 388 13.62 16.15 16.07
N ASN F 389 12.47 16.38 15.42
CA ASN F 389 11.68 17.55 15.74
C ASN F 389 10.83 17.33 16.98
N GLU F 390 10.38 16.10 17.22
CA GLU F 390 9.64 15.82 18.44
C GLU F 390 10.54 15.93 19.67
N LYS F 391 11.76 15.39 19.58
CA LYS F 391 12.69 15.49 20.71
C LYS F 391 13.12 16.93 20.96
N PHE F 392 13.18 17.75 19.92
CA PHE F 392 13.57 19.14 20.10
C PHE F 392 12.51 19.89 20.92
N HIS F 393 11.27 19.86 20.45
CA HIS F 393 10.20 20.56 21.17
C HIS F 393 9.90 19.92 22.51
N GLN F 394 10.22 18.64 22.68
CA GLN F 394 10.10 18.01 23.99
C GLN F 394 11.12 18.60 24.96
N ILE F 395 12.37 18.70 24.53
CA ILE F 395 13.42 19.24 25.38
C ILE F 395 13.18 20.72 25.68
N GLU F 396 12.70 21.46 24.68
CA GLU F 396 12.41 22.88 24.91
C GLU F 396 11.27 23.06 25.93
N LYS F 397 10.23 22.22 25.84
CA LYS F 397 9.14 22.33 26.80
C LYS F 397 9.59 21.91 28.19
N GLU F 398 10.46 20.90 28.28
CA GLU F 398 10.95 20.48 29.59
C GLU F 398 11.89 21.51 30.21
N PHE F 399 12.64 22.23 29.38
CA PHE F 399 13.57 23.24 29.87
C PHE F 399 12.93 24.61 30.03
N SER F 400 11.66 24.69 29.68
CA SER F 400 10.87 25.85 29.94
C SER F 400 10.77 26.01 31.45
N GLU F 401 10.95 24.91 32.17
CA GLU F 401 10.86 24.91 33.61
C GLU F 401 12.17 25.42 34.18
N VAL F 402 12.42 26.70 33.96
CA VAL F 402 13.47 27.36 34.69
C VAL F 402 12.94 27.40 36.09
N GLU F 403 13.74 26.93 37.03
CA GLU F 403 13.42 27.03 38.42
C GLU F 403 14.55 27.89 38.87
N GLY F 404 14.26 29.03 39.47
CA GLY F 404 15.33 29.86 39.96
C GLY F 404 15.14 31.31 39.62
N ARG F 405 16.18 32.10 39.80
CA ARG F 405 16.07 33.55 39.63
C ARG F 405 16.17 33.75 38.15
N ILE F 406 15.02 33.56 37.50
CA ILE F 406 14.96 33.34 36.06
C ILE F 406 15.95 34.22 35.31
N GLN F 407 16.16 35.46 35.79
CA GLN F 407 17.16 36.31 35.16
C GLN F 407 18.57 35.88 35.55
N ASP F 408 18.77 35.57 36.81
CA ASP F 408 20.10 35.31 37.35
C ASP F 408 20.46 33.84 37.41
N LEU F 409 19.60 32.99 36.86
CA LEU F 409 19.83 31.55 36.81
C LEU F 409 20.53 31.16 35.53
N GLU F 410 20.91 32.15 34.74
CA GLU F 410 21.53 31.93 33.46
C GLU F 410 23.03 31.81 33.42
N LYS F 411 23.49 31.33 32.27
CA LYS F 411 24.84 30.87 32.00
C LYS F 411 24.93 29.36 32.23
N TYR F 412 23.89 28.78 32.79
CA TYR F 412 23.84 27.33 32.85
C TYR F 412 22.77 26.63 32.01
N VAL F 413 21.55 27.15 31.99
CA VAL F 413 20.47 26.43 31.32
C VAL F 413 20.61 26.24 29.82
N GLU F 414 20.94 27.28 29.09
CA GLU F 414 20.92 27.20 27.63
C GLU F 414 21.94 26.20 27.11
N ASP F 415 23.19 26.29 27.57
CA ASP F 415 24.20 25.36 27.08
C ASP F 415 23.91 23.92 27.53
N THR F 416 23.23 23.75 28.66
CA THR F 416 22.89 22.40 29.10
C THR F 416 21.92 21.74 28.14
N LYS F 417 20.89 22.47 27.72
CA LYS F 417 19.95 21.89 26.77
C LYS F 417 20.58 21.73 25.40
N ILE F 418 21.61 22.53 25.09
CA ILE F 418 22.32 22.38 23.81
C ILE F 418 23.08 21.06 23.79
N ASP F 419 23.77 20.74 24.89
CA ASP F 419 24.50 19.48 24.96
C ASP F 419 23.56 18.28 24.99
N LEU F 420 22.44 18.40 25.70
CA LEU F 420 21.48 17.29 25.76
C LEU F 420 20.81 17.08 24.42
N TRP F 421 20.36 18.17 23.78
CA TRP F 421 19.73 18.05 22.48
C TRP F 421 20.69 17.53 21.43
N SER F 422 21.95 17.99 21.46
CA SER F 422 22.94 17.47 20.53
C SER F 422 23.22 15.99 20.77
N TYR F 423 23.03 15.52 22.00
CA TYR F 423 23.26 14.11 22.29
C TYR F 423 22.15 13.24 21.72
N ASN F 424 20.90 13.69 21.80
CA ASN F 424 19.82 12.95 21.18
C ASN F 424 19.89 12.90 19.69
N ALA F 425 20.17 14.04 19.07
CA ALA F 425 20.17 14.08 17.62
C ALA F 425 21.25 13.16 17.05
N GLU F 426 22.48 13.27 17.55
CA GLU F 426 23.55 12.41 17.08
C GLU F 426 23.27 10.96 17.39
N LEU F 427 22.52 10.69 18.47
CA LEU F 427 22.17 9.31 18.77
C LEU F 427 21.14 8.77 17.78
N LEU F 428 20.13 9.57 17.44
CA LEU F 428 19.12 9.10 16.49
C LEU F 428 19.72 8.89 15.11
N VAL F 429 20.65 9.75 14.72
CA VAL F 429 21.33 9.58 13.44
C VAL F 429 22.13 8.28 13.45
N ALA F 430 22.80 7.99 14.55
CA ALA F 430 23.59 6.77 14.63
C ALA F 430 22.70 5.53 14.71
N LEU F 431 21.52 5.64 15.30
CA LEU F 431 20.61 4.49 15.35
C LEU F 431 20.13 4.11 13.96
N GLU F 432 19.84 5.09 13.11
CA GLU F 432 19.41 4.79 11.76
C GLU F 432 20.58 4.31 10.90
N ASN F 433 21.74 4.95 11.07
CA ASN F 433 22.91 4.51 10.31
C ASN F 433 23.26 3.06 10.62
N GLN F 434 23.08 2.64 11.88
CA GLN F 434 23.32 1.25 12.22
C GLN F 434 22.25 0.36 11.60
N HIS F 435 21.00 0.82 11.60
CA HIS F 435 19.95 0.05 10.96
C HIS F 435 20.19 -0.03 9.45
N THR F 436 20.74 1.03 8.88
CA THR F 436 21.04 1.02 7.45
C THR F 436 22.10 -0.01 7.13
N ILE F 437 23.15 -0.10 7.93
CA ILE F 437 24.17 -1.10 7.70
C ILE F 437 23.65 -2.50 8.02
N ASP F 438 22.70 -2.61 8.94
CA ASP F 438 22.17 -3.92 9.28
C ASP F 438 21.36 -4.50 8.12
N LEU F 439 20.31 -3.79 7.69
CA LEU F 439 19.44 -4.33 6.65
C LEU F 439 20.17 -4.44 5.33
N THR F 440 21.12 -3.54 5.06
CA THR F 440 21.79 -3.56 3.78
C THR F 440 22.75 -4.74 3.67
N ASP F 441 23.23 -5.25 4.80
CA ASP F 441 24.00 -6.49 4.79
C ASP F 441 23.10 -7.70 4.80
N SER F 442 21.91 -7.56 5.40
CA SER F 442 20.99 -8.68 5.48
C SER F 442 20.55 -9.14 4.10
N GLU F 443 20.20 -8.19 3.23
CA GLU F 443 19.74 -8.54 1.89
C GLU F 443 20.84 -9.23 1.10
N MET F 444 22.11 -8.91 1.38
CA MET F 444 23.21 -9.57 0.70
C MET F 444 23.28 -11.04 1.10
N ASN F 445 23.20 -11.31 2.40
CA ASN F 445 23.27 -12.69 2.87
C ASN F 445 22.00 -13.46 2.54
N LYS F 446 20.86 -12.78 2.47
CA LYS F 446 19.63 -13.46 2.07
C LYS F 446 19.68 -13.89 0.61
N LEU F 447 20.39 -13.15 -0.23
CA LEU F 447 20.47 -13.52 -1.64
C LEU F 447 21.41 -14.70 -1.84
N PHE F 448 22.50 -14.75 -1.07
CA PHE F 448 23.39 -15.89 -1.16
C PHE F 448 22.73 -17.16 -0.65
N GLU F 449 21.81 -17.04 0.30
CA GLU F 449 21.00 -18.18 0.70
C GLU F 449 20.08 -18.65 -0.40
N LYS F 450 19.43 -17.71 -1.06
CA LYS F 450 18.40 -18.02 -2.01
C LYS F 450 18.98 -18.80 -3.14
N THR F 451 20.18 -18.45 -3.55
CA THR F 451 20.85 -19.20 -4.60
C THR F 451 21.44 -20.50 -4.08
N ARG F 452 21.76 -20.57 -2.80
CA ARG F 452 22.24 -21.81 -2.22
C ARG F 452 21.16 -22.86 -2.27
N ARG F 453 19.94 -22.46 -1.95
CA ARG F 453 18.82 -23.39 -1.98
C ARG F 453 18.41 -23.74 -3.41
N GLN F 454 18.76 -22.91 -4.39
CA GLN F 454 18.42 -23.24 -5.78
C GLN F 454 19.38 -24.27 -6.33
N LEU F 455 20.68 -24.07 -6.13
CA LEU F 455 21.66 -24.93 -6.77
C LEU F 455 21.74 -26.30 -6.10
N ARG F 456 21.52 -26.35 -4.78
CA ARG F 456 21.50 -27.61 -4.01
C ARG F 456 22.82 -28.33 -4.24
N GLU F 457 22.82 -29.61 -4.59
CA GLU F 457 24.05 -30.39 -4.73
C GLU F 457 24.72 -30.20 -6.09
N ASN F 458 24.12 -29.41 -6.99
CA ASN F 458 24.71 -29.20 -8.30
C ASN F 458 25.92 -28.27 -8.26
N ALA F 459 26.09 -27.52 -7.17
CA ALA F 459 27.23 -26.63 -7.00
C ALA F 459 27.63 -26.61 -5.53
N GLU F 460 28.73 -25.92 -5.26
CA GLU F 460 29.29 -25.81 -3.93
C GLU F 460 29.81 -24.42 -3.62
N ASP F 461 29.70 -23.99 -2.37
CA ASP F 461 30.26 -22.70 -1.97
C ASP F 461 31.78 -22.71 -2.13
N MET F 462 32.30 -21.76 -2.90
CA MET F 462 33.73 -21.69 -3.11
C MET F 462 34.45 -20.98 -1.98
N GLY F 463 33.73 -20.27 -1.13
CA GLY F 463 34.33 -19.58 0.00
C GLY F 463 34.64 -18.12 -0.23
N ASN F 464 34.50 -17.64 -1.46
CA ASN F 464 34.72 -16.23 -1.73
C ASN F 464 33.48 -15.51 -2.18
N GLY F 465 32.34 -16.01 -1.77
CA GLY F 465 31.07 -15.45 -2.19
C GLY F 465 30.63 -15.95 -3.55
N CYS F 466 31.07 -17.14 -3.94
CA CYS F 466 30.81 -17.67 -5.28
C CYS F 466 30.29 -19.09 -5.20
N PHE F 467 29.88 -19.59 -6.35
CA PHE F 467 29.53 -20.99 -6.53
C PHE F 467 30.22 -21.51 -7.77
N LYS F 468 30.52 -22.80 -7.78
CA LYS F 468 31.04 -23.47 -8.96
C LYS F 468 30.00 -24.49 -9.38
N ILE F 469 29.26 -24.18 -10.43
CA ILE F 469 28.24 -25.08 -10.96
C ILE F 469 28.93 -26.20 -11.72
N TYR F 470 28.73 -27.44 -11.28
CA TYR F 470 29.48 -28.57 -11.81
C TYR F 470 28.87 -29.18 -13.06
N HIS F 471 27.90 -28.50 -13.69
CA HIS F 471 27.43 -28.84 -15.02
C HIS F 471 27.64 -27.63 -15.92
N LYS F 472 27.49 -27.83 -17.23
CA LYS F 472 27.65 -26.72 -18.15
C LYS F 472 26.38 -25.87 -18.14
N CYS F 473 26.55 -24.58 -17.93
CA CYS F 473 25.43 -23.65 -17.71
C CYS F 473 25.64 -22.45 -18.61
N ASP F 474 24.93 -22.42 -19.73
CA ASP F 474 25.06 -21.33 -20.69
C ASP F 474 24.35 -20.08 -20.16
N ASN F 475 24.43 -19.00 -20.94
CA ASN F 475 23.80 -17.76 -20.52
C ASN F 475 22.30 -17.92 -20.32
N ALA F 476 21.67 -18.85 -21.03
CA ALA F 476 20.27 -19.13 -20.78
C ALA F 476 20.08 -19.84 -19.45
N CYS F 477 20.98 -20.76 -19.13
CA CYS F 477 20.91 -21.46 -17.85
C CYS F 477 21.21 -20.53 -16.68
N ILE F 478 22.16 -19.61 -16.87
CA ILE F 478 22.47 -18.65 -15.82
C ILE F 478 21.29 -17.70 -15.60
N GLU F 479 20.69 -17.23 -16.69
CA GLU F 479 19.47 -16.43 -16.57
C GLU F 479 18.38 -17.19 -15.81
N SER F 480 18.36 -18.51 -15.91
CA SER F 480 17.36 -19.28 -15.18
C SER F 480 17.61 -19.26 -13.68
N ILE F 481 18.87 -19.11 -13.27
CA ILE F 481 19.16 -18.99 -11.85
C ILE F 481 18.82 -17.59 -11.36
N ARG F 482 19.18 -16.56 -12.13
CA ARG F 482 18.78 -15.20 -11.77
C ARG F 482 17.27 -15.04 -11.79
N ASN F 483 16.61 -15.68 -12.77
CA ASN F 483 15.15 -15.75 -12.83
C ASN F 483 14.53 -16.03 -11.47
N GLY F 484 14.99 -17.11 -10.84
CA GLY F 484 14.28 -17.72 -9.73
C GLY F 484 13.64 -19.03 -10.09
N THR F 485 13.64 -19.40 -11.37
CA THR F 485 13.12 -20.68 -11.84
C THR F 485 14.29 -21.48 -12.41
N TYR F 486 14.84 -22.37 -11.60
CA TYR F 486 15.94 -23.24 -11.99
C TYR F 486 15.68 -24.62 -11.38
N ASP F 487 15.43 -25.60 -12.24
CA ASP F 487 15.23 -26.98 -11.80
C ASP F 487 16.58 -27.66 -11.70
N HIS F 488 16.95 -28.10 -10.50
CA HIS F 488 18.24 -28.74 -10.31
C HIS F 488 18.22 -30.21 -10.70
N ASP F 489 17.03 -30.83 -10.77
CA ASP F 489 16.96 -32.27 -11.03
C ASP F 489 17.38 -32.62 -12.45
N VAL F 490 17.19 -31.71 -13.41
CA VAL F 490 17.55 -32.03 -14.79
C VAL F 490 19.07 -32.06 -14.94
N TYR F 491 19.76 -31.09 -14.33
CA TYR F 491 21.21 -31.08 -14.37
C TYR F 491 21.84 -31.93 -13.30
N ARG F 492 21.05 -32.48 -12.37
CA ARG F 492 21.61 -33.16 -11.20
C ARG F 492 22.51 -34.31 -11.58
N ASP F 493 22.06 -35.12 -12.52
CA ASP F 493 22.85 -36.26 -12.85
C ASP F 493 24.18 -35.82 -13.38
N GLU F 494 24.16 -34.83 -14.26
CA GLU F 494 25.40 -34.42 -14.88
C GLU F 494 26.37 -33.86 -13.86
N ALA F 495 25.87 -33.01 -12.99
CA ALA F 495 26.70 -32.30 -12.06
C ALA F 495 27.35 -33.25 -11.11
N LEU F 496 26.57 -34.23 -10.67
CA LEU F 496 27.10 -35.18 -9.71
C LEU F 496 28.23 -36.02 -10.30
N ASN F 497 28.24 -36.23 -11.61
CA ASN F 497 29.38 -36.93 -12.17
C ASN F 497 30.71 -36.22 -12.06
N ASN F 498 30.77 -34.96 -12.44
CA ASN F 498 32.01 -34.21 -12.34
C ASN F 498 32.39 -33.99 -10.91
N ARG F 499 31.37 -33.75 -10.10
CA ARG F 499 31.61 -33.37 -8.73
C ARG F 499 32.32 -34.48 -7.98
N PHE F 500 31.91 -35.71 -8.20
CA PHE F 500 32.48 -36.82 -7.46
C PHE F 500 33.43 -37.76 -8.23
N GLN F 501 33.71 -37.45 -9.49
CA GLN F 501 34.62 -38.26 -10.30
C GLN F 501 34.71 -37.70 -11.72
#